data_6RWL
#
_entry.id   6RWL
#
_cell.length_a   1.00
_cell.length_b   1.00
_cell.length_c   1.00
_cell.angle_alpha   90.00
_cell.angle_beta   90.00
_cell.angle_gamma   90.00
#
_symmetry.space_group_name_H-M   'P 1'
#
loop_
_entity.id
_entity.type
_entity.pdbx_description
1 polymer 'Pol protein'
2 polymer 'Pol protein'
3 polymer 'Pol protein'
4 polymer "DNA (5'-D(P*GP*CP*TP*AP*AP*GP*AP*AP*AP*AP*AP*TP*CP*TP*CP*TP*AP*CP*CP*A)-3')"
5 polymer "DNA (5'-D(*AP*AP*CP*TP*GP*GP*TP*AP*GP*AP*GP*AP*TP*TP*TP*TP*TP*CP*TP*TP*AP*GP*C)-3')"
6 non-polymer 'ZINC ION'
#
loop_
_entity_poly.entity_id
_entity_poly.type
_entity_poly.pdbx_seq_one_letter_code
_entity_poly.pdbx_strand_id
1 'polypeptide(L)'
;GFLDGIEKAQEEHEKYHNNWRAMAEDFQIPQVVAKEIVAQCPKCQVKGEAMHGQVDASPKTWQMDCTHLEGKVIIVAVHV
ASGYIEAEVLPAETGKETAHFLLKLAARWPVKHLHTDNGDNFTSSAVQAVCWWAQIEHTFGVPYNPQSQGVVESMNHQLK
TIITQIRDQAEKIETAVQMAVLIHNFKRKGGIGGYSAGERIIDIIASDLQTTKLQNQISKIQNFRVYFREGRDQQWKGPA
TLIWKGEGAVVIQDGQDLKVVPRRKCKIIKDYGRKDVDSETSMEGRQEKD
;
A,B,C,M,I,J,K,E
2 'polypeptide(L)'
;FLDGIEKAQEEHEKYHNNWRAMAEDFQIPQVVAKEIVAQCPKCQVKGEAMHGQVDASPKTWQMDCTHLEGKVIIVAVHVA
SGYIEAEVLPAETGKETAHFLLKLAARWPVKHLHTDNGDNFTSSAVQAVCWWAQIEHTFGVPYNPQSQGVVESMNHQLKT
IITQIRDQAEKIETAVQMAVLIHNFKRKGGIGGYSAGERIIDIIASDLQTTKLQNQISKIQNFRVYFREGRDQQWKGPAT
LIWKGEGAVVIQDGQDLKVVPRRKCKIIKDYGRKDVDSETSMEGRQEKD
;
D,L
3 'polypeptide(L)'
;GFLDGIEKAQEEHEKYHNNWRAMAEDFQIPQVVAKEIVAQCPKCQVKGEAMHGQVDASPKTWQMDCTHLEGKVIIVAVHV
ASGYIEAEVLPAETGKETAHFLLKLAARWPVKHLHTDNGANFTSSAVQAVCWWAQIEHTFGVPYNPQSQGVVESMNHQLK
TIITQIRDQAEKIETAVQMAVLIHNFKRKGGIGGYSAGERIIDIIASDLQTTKLQNQISKIQNFRVYFREGRDQQWKGPA
TLIWKGEGAVVIQDGQDLKVVPRRKCKIIKDYGRKDVDSETSMEGRQEKD
;
F,N
4 'polydeoxyribonucleotide'
;(DG)(DT)(DT)(DC)(DT)(DA)(DG)(DA)(DA)(DG)(DG)(DC)(DT)(DA)(DA)(DG)(DA)(DA)(DA)(DA)
(DA)(DT)(DC)(DT)(DC)(DT)(DA)(DC)(DC)(DA)
;
T,W
5 'polydeoxyribonucleotide'
;(DA)(DA)(DC)(DT)(DG)(DG)(DT)(DA)(DG)(DA)(DG)(DA)(DT)(DT)(DT)(DT)(DT)(DC)(DT)(DT)
(DA)(DG)(DC)(DC)(DT)(DT)(DC)(DT)(DA)(DG)(DA)(DA)(DC)
;
S,Q
#
loop_
_chem_comp.id
_chem_comp.type
_chem_comp.name
_chem_comp.formula
DA DNA linking 2'-DEOXYADENOSINE-5'-MONOPHOSPHATE 'C10 H14 N5 O6 P'
DC DNA linking 2'-DEOXYCYTIDINE-5'-MONOPHOSPHATE 'C9 H14 N3 O7 P'
DG DNA linking 2'-DEOXYGUANOSINE-5'-MONOPHOSPHATE 'C10 H14 N5 O7 P'
DT DNA linking THYMIDINE-5'-MONOPHOSPHATE 'C10 H15 N2 O8 P'
ZN non-polymer 'ZINC ION' 'Zn 2'
#
# COMPACT_ATOMS: atom_id res chain seq x y z
N GLY A 1 -11.38 -31.99 -30.07
CA GLY A 1 -11.25 -31.58 -28.68
C GLY A 1 -9.91 -30.95 -28.38
N PHE A 2 -9.39 -31.18 -27.18
CA PHE A 2 -8.11 -30.61 -26.78
C PHE A 2 -7.24 -31.61 -26.00
N LEU A 3 -7.49 -32.91 -26.17
CA LEU A 3 -6.72 -33.90 -25.42
C LEU A 3 -5.30 -34.03 -25.98
N ASP A 4 -5.17 -33.99 -27.31
CA ASP A 4 -3.84 -33.89 -27.91
C ASP A 4 -3.17 -32.57 -27.58
N GLY A 5 -3.97 -31.51 -27.38
CA GLY A 5 -3.44 -30.26 -26.86
C GLY A 5 -2.88 -30.40 -25.46
N ILE A 6 -3.52 -31.23 -24.62
CA ILE A 6 -3.03 -31.46 -23.27
C ILE A 6 -1.71 -32.23 -23.28
N GLU A 7 -1.61 -33.24 -24.14
CA GLU A 7 -0.37 -34.01 -24.24
C GLU A 7 0.77 -33.17 -24.82
N LYS A 8 0.48 -32.37 -25.85
CA LYS A 8 1.51 -31.51 -26.43
C LYS A 8 1.91 -30.38 -25.47
N ALA A 9 0.97 -29.89 -24.66
CA ALA A 9 1.33 -28.89 -23.66
C ALA A 9 2.19 -29.48 -22.55
N GLN A 10 1.98 -30.76 -22.21
CA GLN A 10 2.83 -31.41 -21.22
C GLN A 10 4.24 -31.57 -21.73
N GLU A 11 4.40 -31.96 -23.00
CA GLU A 11 5.75 -32.07 -23.57
C GLU A 11 6.40 -30.70 -23.75
N GLU A 12 5.61 -29.70 -24.10
CA GLU A 12 6.16 -28.35 -24.31
C GLU A 12 6.56 -27.71 -22.99
N HIS A 13 5.83 -27.99 -21.91
CA HIS A 13 6.27 -27.51 -20.60
C HIS A 13 7.46 -28.32 -20.10
N GLU A 14 7.56 -29.60 -20.51
CA GLU A 14 8.71 -30.40 -20.14
C GLU A 14 9.99 -29.88 -20.79
N LYS A 15 9.87 -29.23 -21.95
CA LYS A 15 11.03 -28.69 -22.64
C LYS A 15 11.31 -27.22 -22.33
N TYR A 16 10.27 -26.37 -22.37
CA TYR A 16 10.46 -24.93 -22.37
C TYR A 16 10.11 -24.25 -21.04
N HIS A 17 9.32 -24.90 -20.18
CA HIS A 17 8.85 -24.37 -18.90
C HIS A 17 8.07 -23.06 -19.06
N ASN A 18 6.93 -23.16 -19.73
CA ASN A 18 6.05 -22.00 -19.90
C ASN A 18 5.26 -21.75 -18.62
N ASN A 19 4.63 -20.58 -18.57
CA ASN A 19 3.61 -20.33 -17.56
C ASN A 19 2.26 -20.78 -18.10
N TRP A 20 1.21 -20.65 -17.28
CA TRP A 20 -0.06 -21.28 -17.64
C TRP A 20 -0.81 -20.51 -18.71
N ARG A 21 -0.62 -19.19 -18.81
CA ARG A 21 -1.36 -18.41 -19.79
C ARG A 21 -0.88 -18.67 -21.21
N ALA A 22 0.42 -18.93 -21.38
CA ALA A 22 0.97 -19.22 -22.70
C ALA A 22 0.44 -20.54 -23.25
N MET A 23 0.36 -21.57 -22.40
CA MET A 23 -0.18 -22.86 -22.84
C MET A 23 -1.69 -22.77 -23.06
N ALA A 24 -2.40 -22.06 -22.17
CA ALA A 24 -3.85 -21.93 -22.31
C ALA A 24 -4.25 -21.07 -23.51
N GLU A 25 -3.35 -20.24 -24.03
CA GLU A 25 -3.68 -19.48 -25.23
C GLU A 25 -3.14 -20.13 -26.50
N ASP A 26 -2.05 -20.89 -26.43
CA ASP A 26 -1.53 -21.52 -27.64
C ASP A 26 -2.27 -22.81 -27.98
N PHE A 27 -2.57 -23.65 -26.98
CA PHE A 27 -3.14 -24.96 -27.24
C PHE A 27 -4.64 -25.03 -27.00
N GLN A 28 -5.27 -23.91 -26.58
CA GLN A 28 -6.71 -23.76 -26.42
C GLN A 28 -7.30 -24.75 -25.42
N ILE A 29 -6.53 -25.05 -24.37
CA ILE A 29 -7.00 -25.89 -23.27
C ILE A 29 -7.57 -24.96 -22.21
N PRO A 30 -8.49 -25.40 -21.35
CA PRO A 30 -8.99 -24.53 -20.29
C PRO A 30 -7.91 -24.27 -19.24
N GLN A 31 -8.13 -23.20 -18.48
CA GLN A 31 -7.09 -22.65 -17.60
C GLN A 31 -6.80 -23.52 -16.39
N VAL A 32 -7.77 -24.34 -15.95
CA VAL A 32 -7.53 -25.18 -14.79
C VAL A 32 -6.54 -26.30 -15.13
N VAL A 33 -6.60 -26.81 -16.37
CA VAL A 33 -5.68 -27.85 -16.79
C VAL A 33 -4.26 -27.29 -16.93
N ALA A 34 -4.15 -26.08 -17.46
CA ALA A 34 -2.84 -25.45 -17.60
C ALA A 34 -2.25 -25.08 -16.24
N LYS A 35 -3.09 -24.63 -15.31
CA LYS A 35 -2.62 -24.36 -13.95
C LYS A 35 -2.18 -25.64 -13.24
N GLU A 36 -2.84 -26.76 -13.49
CA GLU A 36 -2.41 -28.02 -12.89
C GLU A 36 -1.11 -28.52 -13.50
N ILE A 37 -0.93 -28.29 -14.81
CA ILE A 37 0.31 -28.67 -15.48
C ILE A 37 1.48 -27.87 -14.93
N VAL A 38 1.28 -26.58 -14.67
CA VAL A 38 2.31 -25.77 -14.03
C VAL A 38 2.53 -26.21 -12.59
N ALA A 39 1.45 -26.58 -11.87
CA ALA A 39 1.56 -26.95 -10.47
C ALA A 39 2.24 -28.30 -10.25
N GLN A 40 2.31 -29.15 -11.26
CA GLN A 40 2.95 -30.46 -11.11
C GLN A 40 4.40 -30.47 -11.60
N CYS A 41 5.11 -29.35 -11.47
CA CYS A 41 6.50 -29.29 -11.90
C CYS A 41 7.40 -28.92 -10.71
N PRO A 42 8.46 -29.69 -10.44
CA PRO A 42 9.36 -29.33 -9.33
C PRO A 42 10.40 -28.28 -9.68
N LYS A 43 10.75 -28.12 -10.96
CA LYS A 43 11.70 -27.08 -11.34
C LYS A 43 11.08 -25.69 -11.20
N CYS A 44 9.77 -25.59 -11.30
CA CYS A 44 8.99 -24.41 -10.97
C CYS A 44 8.78 -24.32 -9.47
N GLN A 45 7.76 -23.55 -9.05
CA GLN A 45 7.36 -23.33 -7.66
C GLN A 45 8.47 -22.66 -6.86
N VAL A 46 8.80 -21.44 -7.28
CA VAL A 46 9.74 -20.62 -6.53
C VAL A 46 9.13 -19.24 -6.27
N LYS A 47 8.40 -19.13 -5.16
CA LYS A 47 7.66 -17.93 -4.77
C LYS A 47 7.07 -18.11 -3.37
N GLY A 48 6.94 -17.01 -2.62
CA GLY A 48 6.26 -17.05 -1.34
C GLY A 48 4.74 -17.05 -1.49
N GLU A 49 4.08 -16.45 -0.50
CA GLU A 49 2.63 -16.29 -0.56
C GLU A 49 2.17 -14.86 -0.27
N ALA A 50 3.12 -13.96 0.03
CA ALA A 50 2.89 -12.51 0.21
C ALA A 50 1.91 -12.22 1.35
N MET A 51 2.34 -12.53 2.57
CA MET A 51 1.61 -12.16 3.77
C MET A 51 2.61 -11.92 4.89
N HIS A 52 2.15 -11.23 5.94
CA HIS A 52 2.98 -10.90 7.08
C HIS A 52 2.31 -11.36 8.37
N GLY A 53 3.13 -11.69 9.37
CA GLY A 53 2.64 -12.11 10.65
C GLY A 53 2.44 -10.94 11.61
N GLN A 54 2.11 -11.27 12.85
CA GLN A 54 1.88 -10.28 13.90
C GLN A 54 2.46 -10.81 15.20
N VAL A 55 3.44 -10.10 15.74
CA VAL A 55 4.17 -10.58 16.90
C VAL A 55 3.35 -10.39 18.17
N ASP A 56 3.81 -11.02 19.25
CA ASP A 56 3.09 -11.00 20.53
C ASP A 56 3.18 -9.62 21.16
N ALA A 57 2.09 -9.18 21.79
CA ALA A 57 2.01 -7.88 22.43
C ALA A 57 1.34 -7.98 23.79
N SER A 58 1.73 -9.01 24.55
CA SER A 58 1.25 -9.16 25.91
C SER A 58 1.88 -8.08 26.80
N PRO A 59 1.19 -7.67 27.89
CA PRO A 59 1.70 -6.55 28.69
C PRO A 59 2.89 -6.86 29.59
N LYS A 60 3.42 -8.08 29.51
CA LYS A 60 4.62 -8.46 30.25
C LYS A 60 5.59 -9.25 29.38
N THR A 61 5.81 -8.81 28.15
CA THR A 61 6.70 -9.48 27.20
C THR A 61 7.85 -8.57 26.81
N TRP A 62 9.07 -9.08 26.91
CA TRP A 62 10.26 -8.32 26.57
C TRP A 62 11.01 -9.03 25.45
N GLN A 63 11.70 -8.25 24.62
CA GLN A 63 12.54 -8.79 23.55
C GLN A 63 13.96 -8.29 23.73
N MET A 64 14.93 -9.14 23.40
CA MET A 64 16.33 -8.80 23.66
C MET A 64 17.19 -9.06 22.42
N ASP A 65 18.21 -8.23 22.23
CA ASP A 65 19.15 -8.41 21.13
C ASP A 65 20.48 -7.74 21.49
N CYS A 66 21.50 -8.03 20.68
CA CYS A 66 22.83 -7.45 20.81
C CYS A 66 23.28 -6.89 19.48
N THR A 67 23.97 -5.75 19.51
CA THR A 67 24.45 -5.08 18.32
C THR A 67 25.86 -4.54 18.54
N HIS A 68 26.47 -4.07 17.47
CA HIS A 68 27.83 -3.55 17.48
C HIS A 68 27.84 -2.07 17.12
N LEU A 69 28.73 -1.33 17.77
CA LEU A 69 28.92 0.09 17.46
C LEU A 69 30.30 0.50 17.95
N GLU A 70 31.14 1.02 17.04
CA GLU A 70 32.50 1.49 17.32
C GLU A 70 33.37 0.41 17.97
N GLY A 71 33.17 -0.84 17.56
CA GLY A 71 33.90 -1.95 18.13
C GLY A 71 33.43 -2.38 19.50
N LYS A 72 32.38 -1.79 20.03
CA LYS A 72 31.79 -2.17 21.31
C LYS A 72 30.57 -3.05 21.07
N VAL A 73 30.11 -3.70 22.14
CA VAL A 73 28.96 -4.60 22.08
C VAL A 73 27.86 -4.00 22.95
N ILE A 74 26.82 -3.48 22.32
CA ILE A 74 25.66 -2.94 23.01
C ILE A 74 24.63 -4.06 23.12
N ILE A 75 23.87 -4.08 24.21
CA ILE A 75 22.79 -5.03 24.39
C ILE A 75 21.52 -4.24 24.72
N VAL A 76 20.44 -4.52 23.97
CA VAL A 76 19.21 -3.75 24.04
C VAL A 76 18.08 -4.68 24.44
N ALA A 77 17.30 -4.26 25.43
CA ALA A 77 16.09 -4.95 25.84
C ALA A 77 14.91 -3.99 25.75
N VAL A 78 13.82 -4.44 25.16
CA VAL A 78 12.68 -3.56 24.86
C VAL A 78 11.40 -4.19 25.38
N HIS A 79 10.66 -3.42 26.18
CA HIS A 79 9.28 -3.74 26.52
C HIS A 79 8.40 -3.40 25.33
N VAL A 80 7.63 -4.38 24.87
CA VAL A 80 7.02 -4.35 23.54
C VAL A 80 5.77 -3.47 23.52
N ALA A 81 4.89 -3.63 24.50
CA ALA A 81 3.56 -3.00 24.45
C ALA A 81 3.61 -1.49 24.65
N SER A 82 4.73 -0.94 25.08
CA SER A 82 4.90 0.50 25.23
C SER A 82 6.09 1.06 24.48
N GLY A 83 7.13 0.27 24.25
CA GLY A 83 8.33 0.77 23.62
C GLY A 83 9.39 1.24 24.59
N TYR A 84 9.59 0.52 25.69
CA TYR A 84 10.49 0.98 26.74
C TYR A 84 11.86 0.33 26.58
N ILE A 85 12.90 1.15 26.51
CA ILE A 85 14.23 0.70 26.14
C ILE A 85 15.15 0.73 27.36
N GLU A 86 15.79 -0.39 27.64
CA GLU A 86 16.96 -0.44 28.51
C GLU A 86 18.14 -0.95 27.70
N ALA A 87 19.32 -0.39 27.94
CA ALA A 87 20.48 -0.72 27.14
C ALA A 87 21.74 -0.67 27.98
N GLU A 88 22.68 -1.55 27.68
CA GLU A 88 23.95 -1.59 28.40
C GLU A 88 25.07 -1.89 27.41
N VAL A 89 26.31 -1.75 27.89
CA VAL A 89 27.51 -2.01 27.12
C VAL A 89 28.26 -3.15 27.78
N LEU A 90 28.52 -4.21 27.02
CA LEU A 90 29.20 -5.37 27.57
C LEU A 90 30.67 -5.38 27.18
N PRO A 91 31.54 -5.92 28.04
CA PRO A 91 32.95 -6.08 27.63
C PRO A 91 33.16 -7.21 26.63
N ALA A 92 32.31 -8.24 26.67
CA ALA A 92 32.41 -9.35 25.73
C ALA A 92 31.01 -9.87 25.46
N GLU A 93 30.91 -10.79 24.50
CA GLU A 93 29.63 -11.37 24.09
C GLU A 93 29.43 -12.77 24.65
N THR A 94 29.86 -13.01 25.88
CA THR A 94 29.73 -14.31 26.51
C THR A 94 28.33 -14.46 27.12
N GLY A 95 28.14 -15.51 27.91
CA GLY A 95 26.84 -15.80 28.48
C GLY A 95 26.64 -15.27 29.88
N LYS A 96 27.74 -15.04 30.60
CA LYS A 96 27.64 -14.57 31.98
C LYS A 96 27.18 -13.12 32.04
N GLU A 97 27.64 -12.28 31.10
CA GLU A 97 27.19 -10.89 31.06
C GLU A 97 25.72 -10.80 30.66
N THR A 98 25.28 -11.64 29.74
CA THR A 98 23.87 -11.65 29.33
C THR A 98 22.99 -12.16 30.46
N ALA A 99 23.48 -13.15 31.22
CA ALA A 99 22.72 -13.65 32.36
C ALA A 99 22.63 -12.61 33.47
N HIS A 100 23.72 -11.86 33.69
CA HIS A 100 23.70 -10.81 34.71
C HIS A 100 22.80 -9.65 34.31
N PHE A 101 22.80 -9.29 33.03
CA PHE A 101 21.92 -8.23 32.55
C PHE A 101 20.46 -8.65 32.62
N LEU A 102 20.18 -9.92 32.30
CA LEU A 102 18.81 -10.42 32.41
C LEU A 102 18.36 -10.50 33.86
N LEU A 103 19.28 -10.79 34.79
CA LEU A 103 18.92 -10.82 36.20
C LEU A 103 18.63 -9.42 36.74
N LYS A 104 19.40 -8.42 36.29
CA LYS A 104 19.13 -7.04 36.69
C LYS A 104 17.80 -6.55 36.12
N LEU A 105 17.51 -6.88 34.86
CA LEU A 105 16.23 -6.49 34.26
C LEU A 105 15.06 -7.19 34.93
N ALA A 106 15.24 -8.45 35.33
CA ALA A 106 14.17 -9.15 36.02
C ALA A 106 14.00 -8.65 37.45
N ALA A 107 15.05 -8.09 38.04
CA ALA A 107 14.95 -7.50 39.37
C ALA A 107 14.32 -6.12 39.35
N ARG A 108 14.42 -5.40 38.24
CA ARG A 108 13.82 -4.07 38.15
C ARG A 108 12.34 -4.10 37.79
N TRP A 109 11.99 -4.76 36.70
CA TRP A 109 10.65 -4.76 36.14
C TRP A 109 10.09 -6.17 36.11
N PRO A 110 8.75 -6.33 36.22
CA PRO A 110 8.15 -7.67 36.17
C PRO A 110 8.22 -8.25 34.76
N VAL A 111 8.92 -9.37 34.63
CA VAL A 111 9.12 -10.05 33.35
C VAL A 111 8.53 -11.45 33.46
N LYS A 112 7.62 -11.78 32.53
CA LYS A 112 7.04 -13.11 32.47
C LYS A 112 7.18 -13.79 31.12
N HIS A 113 7.77 -13.13 30.13
CA HIS A 113 7.95 -13.70 28.81
C HIS A 113 9.12 -12.99 28.13
N LEU A 114 10.09 -13.76 27.65
CA LEU A 114 11.27 -13.23 27.00
C LEU A 114 11.38 -13.83 25.60
N HIS A 115 11.69 -12.99 24.62
CA HIS A 115 11.81 -13.41 23.23
C HIS A 115 13.19 -13.03 22.72
N THR A 116 13.88 -14.01 22.13
CA THR A 116 15.24 -13.82 21.63
C THR A 116 15.41 -14.57 20.32
N ASP A 117 16.58 -14.40 19.71
CA ASP A 117 16.96 -15.16 18.53
C ASP A 117 17.74 -16.40 18.96
N ASN A 118 18.38 -17.07 18.00
CA ASN A 118 19.12 -18.32 18.25
C ASN A 118 20.62 -18.08 18.34
N GLY A 119 21.04 -17.01 19.00
CA GLY A 119 22.46 -16.75 19.16
C GLY A 119 23.13 -17.73 20.10
N ASP A 120 24.47 -17.65 20.14
CA ASP A 120 25.22 -18.60 20.95
C ASP A 120 25.24 -18.21 22.42
N ASN A 121 24.94 -16.94 22.73
CA ASN A 121 24.94 -16.49 24.12
C ASN A 121 23.57 -16.53 24.76
N PHE A 122 22.50 -16.40 23.97
CA PHE A 122 21.16 -16.48 24.52
C PHE A 122 20.74 -17.90 24.84
N THR A 123 21.36 -18.89 24.20
CA THR A 123 21.11 -20.30 24.50
C THR A 123 22.29 -20.86 25.30
N SER A 124 22.22 -20.69 26.61
CA SER A 124 23.31 -21.11 27.47
C SER A 124 22.77 -21.54 28.83
N SER A 125 23.63 -22.23 29.59
CA SER A 125 23.23 -22.77 30.88
C SER A 125 23.02 -21.68 31.92
N ALA A 126 23.79 -20.59 31.85
CA ALA A 126 23.62 -19.49 32.80
C ALA A 126 22.31 -18.76 32.57
N VAL A 127 21.96 -18.51 31.30
CA VAL A 127 20.68 -17.89 30.98
C VAL A 127 19.52 -18.82 31.32
N GLN A 128 19.73 -20.13 31.15
CA GLN A 128 18.68 -21.09 31.53
C GLN A 128 18.49 -21.14 33.04
N ALA A 129 19.58 -21.01 33.81
CA ALA A 129 19.48 -21.01 35.26
C ALA A 129 18.82 -19.74 35.77
N VAL A 130 19.12 -18.60 35.15
CA VAL A 130 18.48 -17.34 35.54
C VAL A 130 17.00 -17.36 35.20
N CYS A 131 16.64 -17.91 34.02
CA CYS A 131 15.23 -18.03 33.65
C CYS A 131 14.49 -19.01 34.56
N TRP A 132 15.15 -20.08 35.01
CA TRP A 132 14.50 -21.01 35.93
C TRP A 132 14.30 -20.39 37.31
N TRP A 133 15.28 -19.61 37.78
CA TRP A 133 15.15 -19.03 39.12
C TRP A 133 14.17 -17.88 39.15
N ALA A 134 14.05 -17.15 38.05
CA ALA A 134 13.15 -16.00 38.00
C ALA A 134 11.81 -16.31 37.35
N GLN A 135 11.61 -17.55 36.90
CA GLN A 135 10.34 -18.05 36.33
C GLN A 135 9.92 -17.25 35.10
N ILE A 136 10.79 -17.26 34.09
CA ILE A 136 10.59 -16.53 32.85
C ILE A 136 10.47 -17.53 31.72
N GLU A 137 9.44 -17.38 30.89
CA GLU A 137 9.26 -18.21 29.71
C GLU A 137 10.14 -17.69 28.59
N HIS A 138 11.18 -18.44 28.25
CA HIS A 138 12.15 -18.05 27.24
C HIS A 138 11.79 -18.70 25.91
N THR A 139 11.56 -17.88 24.89
CA THR A 139 11.21 -18.38 23.56
C THR A 139 12.18 -17.83 22.52
N PHE A 140 12.41 -18.64 21.49
CA PHE A 140 13.35 -18.32 20.43
C PHE A 140 12.62 -18.13 19.11
N GLY A 141 13.24 -17.38 18.21
CA GLY A 141 12.68 -17.20 16.89
C GLY A 141 13.21 -18.23 15.89
N VAL A 142 12.65 -18.15 14.68
CA VAL A 142 13.12 -19.01 13.57
C VAL A 142 14.53 -18.57 13.18
N PRO A 143 15.46 -19.50 12.92
CA PRO A 143 16.81 -19.09 12.50
C PRO A 143 16.82 -18.45 11.13
N TYR A 144 17.68 -17.43 10.99
CA TYR A 144 17.85 -16.63 9.78
C TYR A 144 16.54 -15.96 9.35
N ASN A 145 15.79 -15.45 10.32
CA ASN A 145 14.57 -14.70 10.06
C ASN A 145 14.53 -13.52 11.03
N PRO A 146 15.15 -12.39 10.66
CA PRO A 146 15.23 -11.25 11.59
C PRO A 146 13.91 -10.49 11.75
N GLN A 147 12.91 -10.77 10.93
CA GLN A 147 11.63 -10.08 11.06
C GLN A 147 10.80 -10.58 12.24
N SER A 148 11.22 -11.66 12.91
CA SER A 148 10.47 -12.16 14.06
C SER A 148 10.58 -11.20 15.24
N GLN A 149 11.79 -10.77 15.58
CA GLN A 149 11.99 -9.75 16.61
C GLN A 149 12.22 -8.39 15.96
N GLY A 150 11.18 -7.89 15.29
CA GLY A 150 11.33 -6.66 14.53
C GLY A 150 11.41 -5.41 15.40
N VAL A 151 10.84 -5.48 16.61
CA VAL A 151 10.76 -4.31 17.48
C VAL A 151 12.15 -3.91 17.96
N VAL A 152 12.98 -4.89 18.34
CA VAL A 152 14.30 -4.55 18.88
C VAL A 152 15.27 -4.11 17.77
N GLU A 153 15.06 -4.55 16.53
CA GLU A 153 15.88 -4.04 15.44
C GLU A 153 15.49 -2.62 15.07
N SER A 154 14.19 -2.30 15.11
CA SER A 154 13.75 -0.92 14.90
C SER A 154 14.28 -0.01 16.01
N MET A 155 14.30 -0.51 17.25
CA MET A 155 14.84 0.28 18.34
C MET A 155 16.36 0.41 18.26
N ASN A 156 17.04 -0.56 17.64
CA ASN A 156 18.45 -0.41 17.34
C ASN A 156 18.69 0.75 16.37
N HIS A 157 17.82 0.88 15.37
CA HIS A 157 17.95 1.97 14.41
C HIS A 157 17.70 3.33 15.07
N GLN A 158 16.67 3.41 15.92
CA GLN A 158 16.38 4.67 16.61
C GLN A 158 17.51 5.05 17.58
N LEU A 159 18.05 4.06 18.31
CA LEU A 159 19.12 4.35 19.27
C LEU A 159 20.41 4.78 18.56
N LYS A 160 20.69 4.19 17.39
CA LYS A 160 21.88 4.59 16.65
C LYS A 160 21.74 6.00 16.08
N THR A 161 20.54 6.39 15.66
CA THR A 161 20.35 7.75 15.17
C THR A 161 20.49 8.78 16.29
N ILE A 162 19.99 8.46 17.49
CA ILE A 162 20.13 9.38 18.61
C ILE A 162 21.58 9.48 19.06
N ILE A 163 22.30 8.35 19.04
CA ILE A 163 23.72 8.33 19.40
C ILE A 163 24.54 9.18 18.43
N THR A 164 24.21 9.11 17.14
CA THR A 164 24.88 9.99 16.18
C THR A 164 24.42 11.44 16.31
N GLN A 165 23.28 11.70 16.96
CA GLN A 165 22.85 13.09 17.13
C GLN A 165 23.56 13.77 18.30
N ILE A 166 23.81 13.04 19.39
CA ILE A 166 24.36 13.70 20.58
C ILE A 166 25.76 13.18 20.91
N ARG A 167 26.54 12.83 19.89
CA ARG A 167 27.86 12.24 20.13
C ARG A 167 28.86 13.27 20.64
N ASP A 168 28.72 14.53 20.25
CA ASP A 168 29.73 15.54 20.54
C ASP A 168 29.62 16.13 21.94
N GLN A 169 28.75 15.60 22.80
CA GLN A 169 28.60 16.10 24.16
C GLN A 169 29.19 15.16 25.20
N ALA A 170 29.77 14.04 24.79
CA ALA A 170 30.36 13.08 25.71
C ALA A 170 31.74 12.67 25.22
N GLU A 171 32.51 12.10 26.13
CA GLU A 171 33.85 11.62 25.80
C GLU A 171 33.83 10.15 25.40
N LYS A 172 33.37 9.28 26.29
CA LYS A 172 33.30 7.85 26.03
C LYS A 172 32.01 7.51 25.27
N ILE A 173 31.84 6.22 24.96
CA ILE A 173 30.65 5.81 24.23
C ILE A 173 29.57 5.31 25.18
N GLU A 174 29.94 4.92 26.40
CA GLU A 174 28.96 4.41 27.36
C GLU A 174 28.06 5.53 27.88
N THR A 175 28.66 6.71 28.12
CA THR A 175 27.88 7.88 28.54
C THR A 175 26.92 8.31 27.44
N ALA A 176 27.36 8.23 26.18
CA ALA A 176 26.47 8.55 25.06
C ALA A 176 25.34 7.54 24.91
N VAL A 177 25.60 6.28 25.26
CA VAL A 177 24.55 5.26 25.22
C VAL A 177 23.49 5.54 26.28
N GLN A 178 23.91 5.86 27.51
CA GLN A 178 22.96 6.15 28.57
C GLN A 178 22.20 7.45 28.32
N MET A 179 22.86 8.45 27.75
CA MET A 179 22.16 9.69 27.41
C MET A 179 21.17 9.47 26.28
N ALA A 180 21.50 8.58 25.32
CA ALA A 180 20.54 8.27 24.26
C ALA A 180 19.34 7.50 24.80
N VAL A 181 19.54 6.68 25.83
CA VAL A 181 18.42 5.99 26.48
C VAL A 181 17.51 6.99 27.16
N LEU A 182 18.09 7.99 27.85
CA LEU A 182 17.29 9.02 28.52
C LEU A 182 16.53 9.89 27.52
N ILE A 183 17.18 10.24 26.41
CA ILE A 183 16.55 11.09 25.39
C ILE A 183 15.40 10.34 24.71
N HIS A 184 15.58 9.05 24.44
CA HIS A 184 14.51 8.27 23.83
C HIS A 184 13.36 8.04 24.80
N ASN A 185 13.66 7.83 26.08
CA ASN A 185 12.61 7.50 27.05
C ASN A 185 11.74 8.71 27.39
N PHE A 186 12.32 9.85 27.74
CA PHE A 186 11.53 10.92 28.31
C PHE A 186 11.44 12.19 27.48
N LYS A 187 12.16 12.30 26.35
CA LYS A 187 12.16 13.53 25.58
C LYS A 187 11.55 13.37 24.20
N ARG A 188 10.87 12.26 23.92
CA ARG A 188 10.23 12.04 22.63
C ARG A 188 8.80 11.59 22.86
N LYS A 189 7.84 12.41 22.42
CA LYS A 189 6.43 12.10 22.57
C LYS A 189 5.82 11.79 21.21
N GLY A 190 4.61 11.23 21.24
CA GLY A 190 3.94 10.82 20.03
C GLY A 190 3.80 9.31 19.94
N GLY A 191 2.64 8.82 19.54
CA GLY A 191 2.41 7.40 19.48
C GLY A 191 0.95 7.00 19.65
N ILE A 192 0.68 6.12 20.61
CA ILE A 192 -0.69 5.62 20.79
C ILE A 192 -1.57 6.70 21.41
N GLY A 193 -1.23 7.14 22.61
CA GLY A 193 -2.00 8.16 23.30
C GLY A 193 -1.34 9.52 23.39
N GLY A 194 -0.31 9.79 22.59
CA GLY A 194 0.43 11.02 22.75
C GLY A 194 1.43 10.99 23.89
N TYR A 195 1.70 9.82 24.45
CA TYR A 195 2.63 9.67 25.55
C TYR A 195 4.06 9.50 25.05
N SER A 196 4.99 9.53 26.00
CA SER A 196 6.34 9.03 25.77
C SER A 196 6.37 7.56 26.13
N ALA A 197 7.57 7.01 26.29
CA ALA A 197 7.68 5.59 26.63
C ALA A 197 7.41 5.34 28.11
N GLY A 198 7.92 6.20 29.00
CA GLY A 198 7.78 5.96 30.43
C GLY A 198 6.36 6.13 30.91
N GLU A 199 5.65 7.15 30.41
CA GLU A 199 4.25 7.34 30.76
C GLU A 199 3.38 6.20 30.24
N ARG A 200 3.74 5.64 29.08
CA ARG A 200 2.95 4.56 28.52
C ARG A 200 3.16 3.25 29.27
N ILE A 201 4.38 2.94 29.71
CA ILE A 201 4.59 1.71 30.46
C ILE A 201 3.99 1.82 31.86
N ILE A 202 4.02 3.03 32.46
CA ILE A 202 3.38 3.25 33.75
C ILE A 202 1.87 3.07 33.65
N ASP A 203 1.28 3.62 32.58
CA ASP A 203 -0.16 3.51 32.37
C ASP A 203 -0.59 2.08 32.10
N ILE A 204 0.24 1.31 31.38
CA ILE A 204 -0.11 -0.07 31.03
C ILE A 204 -0.12 -0.96 32.27
N ILE A 205 0.93 -0.87 33.09
CA ILE A 205 1.01 -1.76 34.26
C ILE A 205 0.00 -1.35 35.33
N ALA A 206 -0.23 -0.04 35.50
CA ALA A 206 -1.23 0.41 36.48
C ALA A 206 -2.64 0.02 36.07
N SER A 207 -2.95 0.10 34.77
CA SER A 207 -4.28 -0.29 34.30
C SER A 207 -4.48 -1.79 34.42
N ASP A 208 -3.43 -2.60 34.21
CA ASP A 208 -3.52 -4.05 34.37
C ASP A 208 -3.84 -4.43 35.81
N LEU A 209 -3.12 -3.83 36.77
CA LEU A 209 -3.35 -4.12 38.19
C LEU A 209 -4.74 -3.67 38.63
N GLN A 210 -5.16 -2.48 38.22
CA GLN A 210 -6.45 -1.96 38.64
C GLN A 210 -7.61 -2.74 38.06
N THR A 211 -7.49 -3.20 36.80
CA THR A 211 -8.60 -3.95 36.23
C THR A 211 -8.67 -5.37 36.77
N THR A 212 -7.55 -5.95 37.20
CA THR A 212 -7.60 -7.26 37.84
C THR A 212 -8.28 -7.18 39.20
N LYS A 213 -7.96 -6.16 39.99
CA LYS A 213 -8.61 -6.00 41.30
C LYS A 213 -10.09 -5.68 41.16
N LEU A 214 -10.44 -4.85 40.16
CA LEU A 214 -11.84 -4.48 39.97
C LEU A 214 -12.68 -5.67 39.51
N GLN A 215 -12.17 -6.48 38.58
CA GLN A 215 -12.97 -7.61 38.13
C GLN A 215 -13.02 -8.74 39.15
N ASN A 216 -12.01 -8.85 40.03
CA ASN A 216 -12.11 -9.81 41.13
C ASN A 216 -13.21 -9.40 42.11
N GLN A 217 -13.25 -8.11 42.49
CA GLN A 217 -14.25 -7.65 43.44
C GLN A 217 -15.65 -7.65 42.83
N ILE A 218 -15.76 -7.54 41.51
CA ILE A 218 -17.06 -7.67 40.86
C ILE A 218 -17.49 -9.13 40.83
N SER A 219 -16.61 -10.02 40.37
CA SER A 219 -17.02 -11.40 40.11
C SER A 219 -17.13 -12.25 41.36
N LYS A 220 -16.71 -11.76 42.53
CA LYS A 220 -16.83 -12.59 43.72
C LYS A 220 -18.22 -12.59 44.33
N ILE A 221 -19.14 -11.74 43.85
CA ILE A 221 -20.46 -11.62 44.45
C ILE A 221 -21.57 -11.78 43.40
N GLN A 222 -21.32 -12.56 42.36
CA GLN A 222 -22.24 -12.66 41.25
C GLN A 222 -23.27 -13.77 41.43
N ASN A 223 -24.23 -13.81 40.52
CA ASN A 223 -25.35 -14.74 40.51
C ASN A 223 -25.87 -14.83 39.08
N PHE A 224 -27.10 -15.32 38.92
CA PHE A 224 -27.82 -15.40 37.63
C PHE A 224 -27.09 -16.29 36.63
N ARG A 225 -27.10 -17.60 36.93
CA ARG A 225 -26.54 -18.58 36.01
C ARG A 225 -27.36 -18.63 34.71
N VAL A 226 -26.70 -19.03 33.63
CA VAL A 226 -27.29 -18.97 32.30
C VAL A 226 -27.11 -20.33 31.62
N TYR A 227 -28.20 -20.91 31.14
CA TYR A 227 -28.17 -22.11 30.31
C TYR A 227 -28.47 -21.69 28.88
N PHE A 228 -27.57 -22.05 27.97
CA PHE A 228 -27.63 -21.58 26.59
C PHE A 228 -27.62 -22.77 25.64
N ARG A 229 -28.02 -22.50 24.40
CA ARG A 229 -28.13 -23.50 23.36
C ARG A 229 -27.34 -23.04 22.14
N GLU A 230 -26.28 -23.76 21.79
CA GLU A 230 -25.46 -23.42 20.63
C GLU A 230 -25.01 -24.72 19.97
N GLY A 231 -24.25 -24.58 18.89
CA GLY A 231 -23.74 -25.71 18.15
C GLY A 231 -24.52 -25.95 16.86
N ARG A 232 -23.99 -26.88 16.07
CA ARG A 232 -24.67 -27.27 14.83
C ARG A 232 -25.92 -28.08 15.13
N ASP A 233 -25.92 -28.80 16.26
CA ASP A 233 -27.10 -29.47 16.76
C ASP A 233 -27.62 -28.72 17.97
N GLN A 234 -28.95 -28.72 18.15
CA GLN A 234 -29.60 -27.95 19.21
C GLN A 234 -29.51 -28.72 20.51
N GLN A 235 -28.31 -28.73 21.09
CA GLN A 235 -28.04 -29.36 22.37
C GLN A 235 -28.09 -28.32 23.48
N TRP A 236 -27.89 -28.76 24.72
CA TRP A 236 -27.91 -27.85 25.87
C TRP A 236 -26.66 -28.09 26.70
N LYS A 237 -25.98 -27.02 27.06
CA LYS A 237 -24.75 -27.08 27.85
C LYS A 237 -25.04 -26.67 29.29
N GLY A 238 -24.09 -26.95 30.16
CA GLY A 238 -24.30 -26.88 31.59
C GLY A 238 -24.28 -25.48 32.17
N PRO A 239 -23.85 -25.37 33.44
CA PRO A 239 -23.88 -24.08 34.14
C PRO A 239 -22.78 -23.15 33.64
N ALA A 240 -23.19 -21.98 33.16
CA ALA A 240 -22.27 -20.95 32.71
C ALA A 240 -22.54 -19.66 33.48
N THR A 241 -21.52 -18.81 33.59
CA THR A 241 -21.62 -17.58 34.36
C THR A 241 -21.97 -16.41 33.46
N LEU A 242 -22.94 -15.61 33.88
CA LEU A 242 -23.34 -14.42 33.15
C LEU A 242 -22.41 -13.26 33.52
N ILE A 243 -21.84 -12.60 32.52
CA ILE A 243 -20.90 -11.51 32.72
C ILE A 243 -21.56 -10.16 32.50
N TRP A 244 -22.19 -9.96 31.35
CA TRP A 244 -22.83 -8.69 31.04
C TRP A 244 -24.08 -8.94 30.22
N LYS A 245 -25.16 -8.25 30.59
CA LYS A 245 -26.45 -8.38 29.92
C LYS A 245 -26.63 -7.17 29.01
N GLY A 246 -26.47 -7.38 27.70
CA GLY A 246 -26.53 -6.32 26.72
C GLY A 246 -27.78 -6.40 25.84
N GLU A 247 -28.12 -5.27 25.26
CA GLU A 247 -29.28 -5.16 24.38
C GLU A 247 -28.92 -5.76 23.03
N GLY A 248 -29.13 -7.07 22.90
CA GLY A 248 -28.86 -7.75 21.65
C GLY A 248 -28.12 -9.06 21.84
N ALA A 249 -27.25 -9.12 22.84
CA ALA A 249 -26.48 -10.33 23.13
C ALA A 249 -26.06 -10.31 24.59
N VAL A 250 -25.60 -11.46 25.06
CA VAL A 250 -25.07 -11.60 26.41
C VAL A 250 -23.68 -12.23 26.32
N VAL A 251 -22.88 -11.98 27.36
CA VAL A 251 -21.54 -12.51 27.47
C VAL A 251 -21.56 -13.60 28.54
N ILE A 252 -21.14 -14.80 28.16
CA ILE A 252 -21.13 -15.93 29.08
C ILE A 252 -19.70 -16.45 29.22
N GLN A 253 -19.42 -17.01 30.38
CA GLN A 253 -18.15 -17.67 30.66
C GLN A 253 -18.42 -19.12 30.97
N ASP A 254 -17.77 -20.02 30.23
CA ASP A 254 -17.99 -21.46 30.34
C ASP A 254 -16.64 -22.15 30.20
N GLY A 255 -16.25 -22.88 31.23
CA GLY A 255 -14.99 -23.62 31.24
C GLY A 255 -13.76 -22.74 31.13
N GLN A 256 -13.82 -21.55 31.74
CA GLN A 256 -12.83 -20.47 31.57
C GLN A 256 -12.65 -20.09 30.10
N ASP A 257 -13.77 -19.98 29.38
CA ASP A 257 -13.77 -19.48 28.01
C ASP A 257 -14.92 -18.50 27.85
N LEU A 258 -14.65 -17.36 27.22
CA LEU A 258 -15.64 -16.32 27.06
C LEU A 258 -16.31 -16.44 25.69
N LYS A 259 -17.64 -16.29 25.67
CA LYS A 259 -18.40 -16.39 24.43
C LYS A 259 -19.50 -15.34 24.42
N VAL A 260 -19.93 -14.98 23.22
CA VAL A 260 -21.00 -14.02 23.00
C VAL A 260 -22.17 -14.78 22.39
N VAL A 261 -23.29 -14.84 23.11
CA VAL A 261 -24.46 -15.60 22.67
C VAL A 261 -25.62 -14.62 22.52
N PRO A 262 -26.38 -14.65 21.42
CA PRO A 262 -27.56 -13.79 21.30
C PRO A 262 -28.66 -14.21 22.26
N ARG A 263 -29.61 -13.29 22.47
CA ARG A 263 -30.60 -13.46 23.53
C ARG A 263 -31.71 -14.43 23.15
N ARG A 264 -31.74 -14.93 21.92
CA ARG A 264 -32.78 -15.89 21.55
C ARG A 264 -32.46 -17.29 22.05
N LYS A 265 -31.18 -17.62 22.23
CA LYS A 265 -30.75 -18.98 22.54
C LYS A 265 -30.21 -19.12 23.96
N CYS A 266 -30.78 -18.41 24.92
CA CYS A 266 -30.29 -18.48 26.30
C CYS A 266 -31.44 -18.24 27.26
N LYS A 267 -31.32 -18.83 28.45
CA LYS A 267 -32.29 -18.62 29.51
C LYS A 267 -31.55 -18.49 30.84
N ILE A 268 -31.95 -17.50 31.63
CA ILE A 268 -31.28 -17.16 32.88
C ILE A 268 -32.06 -17.75 34.05
N ILE A 269 -31.34 -18.45 34.93
CA ILE A 269 -31.89 -19.00 36.16
C ILE A 269 -31.21 -18.30 37.33
N LYS A 270 -32.00 -17.72 38.22
CA LYS A 270 -31.48 -16.97 39.35
C LYS A 270 -30.88 -17.90 40.40
N PHE B 2 -27.73 18.17 37.96
CA PHE B 2 -26.46 18.80 37.60
C PHE B 2 -26.13 19.92 38.57
N LEU B 3 -26.96 20.98 38.53
CA LEU B 3 -26.80 22.10 39.45
C LEU B 3 -27.04 21.68 40.90
N ASP B 4 -27.96 20.73 41.12
CA ASP B 4 -28.17 20.16 42.44
C ASP B 4 -26.93 19.40 42.91
N GLY B 5 -26.27 18.69 41.99
CA GLY B 5 -25.03 18.01 42.33
C GLY B 5 -23.89 18.96 42.66
N ILE B 6 -23.83 20.10 41.95
CA ILE B 6 -22.79 21.10 42.22
C ILE B 6 -23.03 21.75 43.58
N GLU B 7 -24.30 22.06 43.90
CA GLU B 7 -24.60 22.68 45.19
C GLU B 7 -24.40 21.70 46.34
N LYS B 8 -24.71 20.42 46.11
CA LYS B 8 -24.44 19.39 47.12
C LYS B 8 -22.94 19.22 47.34
N ALA B 9 -22.15 19.30 46.27
CA ALA B 9 -20.69 19.19 46.41
C ALA B 9 -20.11 20.40 47.12
N GLN B 10 -20.70 21.59 46.90
CA GLN B 10 -20.24 22.78 47.60
C GLN B 10 -20.55 22.72 49.09
N GLU B 11 -21.75 22.25 49.45
CA GLU B 11 -22.09 22.10 50.86
C GLU B 11 -21.29 21.00 51.53
N GLU B 12 -21.00 19.92 50.79
CA GLU B 12 -20.20 18.82 51.34
C GLU B 12 -18.75 19.26 51.56
N HIS B 13 -18.19 20.04 50.64
CA HIS B 13 -16.83 20.52 50.83
C HIS B 13 -16.75 21.61 51.90
N GLU B 14 -17.83 22.37 52.07
CA GLU B 14 -17.89 23.32 53.17
C GLU B 14 -17.93 22.61 54.52
N LYS B 15 -18.65 21.50 54.61
CA LYS B 15 -18.73 20.76 55.86
C LYS B 15 -17.46 19.97 56.15
N TYR B 16 -17.07 19.09 55.24
CA TYR B 16 -16.09 18.05 55.55
C TYR B 16 -14.72 18.24 54.90
N HIS B 17 -14.60 19.14 53.91
CA HIS B 17 -13.35 19.42 53.18
C HIS B 17 -12.78 18.16 52.50
N ASN B 18 -13.54 17.65 51.53
CA ASN B 18 -13.13 16.45 50.81
C ASN B 18 -12.06 16.76 49.78
N ASN B 19 -11.71 15.74 49.01
CA ASN B 19 -10.86 15.89 47.84
C ASN B 19 -11.70 15.90 46.57
N TRP B 20 -11.05 16.14 45.44
CA TRP B 20 -11.81 16.30 44.19
C TRP B 20 -12.17 14.97 43.56
N ARG B 21 -11.39 13.92 43.81
CA ARG B 21 -11.70 12.61 43.22
C ARG B 21 -12.94 12.00 43.83
N ALA B 22 -13.11 12.13 45.16
CA ALA B 22 -14.28 11.58 45.83
C ALA B 22 -15.55 12.30 45.44
N MET B 23 -15.48 13.63 45.29
CA MET B 23 -16.66 14.38 44.88
C MET B 23 -17.00 14.13 43.42
N ALA B 24 -15.98 13.97 42.56
CA ALA B 24 -16.26 13.67 41.16
C ALA B 24 -16.78 12.26 40.96
N GLU B 25 -16.46 11.34 41.87
CA GLU B 25 -17.01 9.99 41.76
C GLU B 25 -18.41 9.90 42.37
N ASP B 26 -18.66 10.59 43.48
CA ASP B 26 -19.95 10.50 44.16
C ASP B 26 -21.01 11.37 43.51
N PHE B 27 -20.77 12.68 43.42
CA PHE B 27 -21.80 13.62 43.00
C PHE B 27 -22.00 13.67 41.48
N GLN B 28 -21.23 12.88 40.73
CA GLN B 28 -21.35 12.73 39.27
C GLN B 28 -21.17 14.07 38.55
N ILE B 29 -20.13 14.80 38.94
CA ILE B 29 -19.75 16.05 38.29
C ILE B 29 -18.42 15.81 37.60
N PRO B 30 -18.12 16.53 36.52
CA PRO B 30 -16.82 16.39 35.86
C PRO B 30 -15.68 16.89 36.76
N GLN B 31 -14.49 16.38 36.48
CA GLN B 31 -13.35 16.54 37.38
C GLN B 31 -12.79 17.96 37.37
N VAL B 32 -13.02 18.72 36.30
CA VAL B 32 -12.53 20.09 36.26
C VAL B 32 -13.35 20.98 37.19
N VAL B 33 -14.65 20.71 37.33
CA VAL B 33 -15.49 21.48 38.25
C VAL B 33 -15.16 21.12 39.69
N ALA B 34 -14.87 19.84 39.95
CA ALA B 34 -14.49 19.42 41.29
C ALA B 34 -13.15 19.99 41.71
N LYS B 35 -12.20 20.04 40.79
CA LYS B 35 -10.90 20.64 41.09
C LYS B 35 -11.03 22.16 41.25
N GLU B 36 -11.98 22.78 40.54
CA GLU B 36 -12.26 24.20 40.74
C GLU B 36 -12.82 24.47 42.14
N ILE B 37 -13.75 23.62 42.60
CA ILE B 37 -14.33 23.75 43.93
C ILE B 37 -13.27 23.56 45.00
N VAL B 38 -12.35 22.61 44.79
CA VAL B 38 -11.26 22.41 45.74
C VAL B 38 -10.30 23.59 45.73
N ALA B 39 -9.97 24.12 44.55
CA ALA B 39 -9.01 25.21 44.46
C ALA B 39 -9.58 26.54 44.94
N GLN B 40 -10.89 26.69 45.03
CA GLN B 40 -11.50 27.91 45.55
C GLN B 40 -11.63 27.90 47.07
N CYS B 41 -11.13 26.88 47.76
CA CYS B 41 -11.23 26.85 49.21
C CYS B 41 -10.05 27.56 49.84
N PRO B 42 -10.28 28.52 50.75
CA PRO B 42 -9.16 29.20 51.41
C PRO B 42 -8.47 28.35 52.45
N LYS B 43 -9.12 27.33 52.99
CA LYS B 43 -8.54 26.49 54.04
C LYS B 43 -7.90 25.21 53.50
N CYS B 44 -8.11 24.89 52.22
CA CYS B 44 -7.47 23.75 51.60
C CYS B 44 -6.24 24.12 50.77
N GLN B 45 -5.51 25.15 51.18
CA GLN B 45 -4.31 25.58 50.45
C GLN B 45 -3.33 26.28 51.38
N SER B 58 6.87 13.56 48.40
CA SER B 58 7.02 13.96 47.00
C SER B 58 7.26 12.73 46.12
N PRO B 59 6.61 12.69 44.95
CA PRO B 59 6.68 11.49 44.11
C PRO B 59 7.90 11.39 43.23
N LYS B 60 8.88 12.29 43.35
CA LYS B 60 10.05 12.29 42.46
C LYS B 60 11.34 12.55 43.22
N THR B 61 11.43 12.09 44.47
CA THR B 61 12.64 12.26 45.27
C THR B 61 13.31 10.92 45.51
N TRP B 62 14.63 10.90 45.43
CA TRP B 62 15.41 9.70 45.66
C TRP B 62 16.54 10.00 46.63
N GLN B 63 16.93 9.00 47.41
CA GLN B 63 18.05 9.10 48.33
C GLN B 63 19.16 8.14 47.91
N MET B 64 20.41 8.57 48.07
CA MET B 64 21.53 7.73 47.69
C MET B 64 22.40 7.40 48.90
N ASP B 65 23.09 6.26 48.82
CA ASP B 65 23.93 5.79 49.92
C ASP B 65 24.97 4.84 49.37
N CYS B 66 26.13 4.82 50.02
CA CYS B 66 27.19 3.86 49.75
C CYS B 66 27.49 3.06 51.01
N THR B 67 27.75 1.76 50.83
CA THR B 67 28.03 0.87 51.94
C THR B 67 29.07 -0.15 51.50
N HIS B 68 29.60 -0.89 52.48
CA HIS B 68 30.63 -1.89 52.24
C HIS B 68 30.12 -3.26 52.67
N LEU B 69 30.47 -4.28 51.90
CA LEU B 69 30.06 -5.64 52.21
C LEU B 69 31.03 -6.63 51.57
N GLU B 70 31.77 -7.37 52.41
CA GLU B 70 32.70 -8.43 52.00
C GLU B 70 33.78 -7.92 51.06
N GLY B 71 34.34 -6.77 51.37
CA GLY B 71 35.40 -6.19 50.56
C GLY B 71 34.95 -5.48 49.31
N LYS B 72 33.65 -5.44 49.04
CA LYS B 72 33.10 -4.75 47.88
C LYS B 72 32.39 -3.48 48.34
N VAL B 73 32.10 -2.60 47.37
CA VAL B 73 31.40 -1.35 47.61
C VAL B 73 30.06 -1.41 46.91
N ILE B 74 28.98 -1.35 47.68
CA ILE B 74 27.62 -1.39 47.15
C ILE B 74 27.06 0.03 47.21
N ILE B 75 26.29 0.41 46.20
CA ILE B 75 25.61 1.70 46.20
C ILE B 75 24.11 1.44 46.06
N VAL B 76 23.33 2.06 46.94
CA VAL B 76 21.89 1.85 47.04
C VAL B 76 21.18 3.17 46.80
N ALA B 77 20.19 3.16 45.92
CA ALA B 77 19.33 4.31 45.67
C ALA B 77 17.90 3.93 46.00
N VAL B 78 17.27 4.69 46.89
CA VAL B 78 15.96 4.33 47.43
C VAL B 78 14.98 5.44 47.13
N HIS B 79 13.88 5.08 46.46
CA HIS B 79 12.72 5.94 46.31
C HIS B 79 12.00 6.00 47.64
N VAL B 80 11.81 7.21 48.16
CA VAL B 80 11.42 7.43 49.55
C VAL B 80 9.94 7.20 49.76
N ALA B 81 9.10 7.66 48.82
CA ALA B 81 7.65 7.67 49.02
C ALA B 81 7.02 6.28 48.98
N SER B 82 7.74 5.27 48.50
CA SER B 82 7.24 3.90 48.50
C SER B 82 8.22 2.88 49.05
N GLY B 83 9.51 3.18 49.07
CA GLY B 83 10.50 2.22 49.51
C GLY B 83 11.08 1.36 48.42
N TYR B 84 11.50 1.96 47.30
CA TYR B 84 11.92 1.18 46.14
C TYR B 84 13.44 1.22 46.00
N ILE B 85 14.07 0.05 46.07
CA ILE B 85 15.52 -0.06 46.15
C ILE B 85 16.08 -0.46 44.79
N GLU B 86 17.03 0.31 44.28
CA GLU B 86 17.87 -0.08 43.16
C GLU B 86 19.32 -0.08 43.63
N ALA B 87 19.99 -1.22 43.53
CA ALA B 87 21.33 -1.38 44.06
C ALA B 87 22.28 -1.81 42.95
N GLU B 88 23.56 -1.50 43.15
CA GLU B 88 24.59 -1.94 42.22
C GLU B 88 25.91 -2.09 42.98
N VAL B 89 26.85 -2.78 42.35
CA VAL B 89 28.15 -3.09 42.93
C VAL B 89 29.21 -2.33 42.14
N LEU B 90 29.99 -1.52 42.84
CA LEU B 90 31.00 -0.72 42.16
C LEU B 90 32.36 -1.37 42.25
N PRO B 91 33.23 -1.13 41.26
CA PRO B 91 34.62 -1.61 41.41
C PRO B 91 35.46 -0.75 42.34
N ALA B 92 35.21 0.55 42.39
CA ALA B 92 35.94 1.46 43.27
C ALA B 92 34.95 2.50 43.80
N GLU B 93 35.47 3.43 44.59
CA GLU B 93 34.62 4.47 45.16
C GLU B 93 35.05 5.85 44.67
N THR B 94 35.31 5.98 43.38
CA THR B 94 35.62 7.26 42.78
C THR B 94 34.35 7.95 42.32
N GLY B 95 34.48 9.18 41.83
CA GLY B 95 33.34 9.98 41.46
C GLY B 95 32.69 9.60 40.14
N LYS B 96 33.49 9.03 39.23
CA LYS B 96 33.00 8.77 37.88
C LYS B 96 32.01 7.61 37.85
N GLU B 97 32.25 6.56 38.64
CA GLU B 97 31.31 5.45 38.68
C GLU B 97 30.03 5.83 39.43
N THR B 98 30.14 6.73 40.42
CA THR B 98 28.94 7.25 41.07
C THR B 98 28.12 8.11 40.12
N ALA B 99 28.80 8.92 39.30
CA ALA B 99 28.10 9.70 38.27
C ALA B 99 27.49 8.81 37.20
N HIS B 100 28.13 7.68 36.88
CA HIS B 100 27.57 6.76 35.90
C HIS B 100 26.34 6.04 36.44
N PHE B 101 26.37 5.66 37.71
CA PHE B 101 25.19 5.04 38.32
C PHE B 101 24.05 6.03 38.46
N LEU B 102 24.37 7.29 38.76
CA LEU B 102 23.34 8.33 38.83
C LEU B 102 22.75 8.60 37.46
N LEU B 103 23.56 8.52 36.40
CA LEU B 103 23.06 8.72 35.04
C LEU B 103 22.16 7.57 34.61
N LYS B 104 22.50 6.34 35.01
CA LYS B 104 21.64 5.20 34.71
C LYS B 104 20.32 5.28 35.46
N LEU B 105 20.36 5.70 36.72
CA LEU B 105 19.14 5.87 37.51
C LEU B 105 18.26 6.98 36.95
N ALA B 106 18.88 8.06 36.47
CA ALA B 106 18.10 9.13 35.84
C ALA B 106 17.62 8.75 34.45
N ALA B 107 18.26 7.76 33.81
CA ALA B 107 17.79 7.32 32.50
C ALA B 107 16.62 6.36 32.60
N ARG B 108 16.53 5.57 33.66
CA ARG B 108 15.43 4.62 33.79
C ARG B 108 14.20 5.20 34.46
N TRP B 109 14.35 5.97 35.54
CA TRP B 109 13.23 6.50 36.28
C TRP B 109 13.29 8.03 36.28
N PRO B 110 12.14 8.70 36.31
CA PRO B 110 12.14 10.18 36.37
C PRO B 110 12.61 10.69 37.72
N VAL B 111 13.80 11.28 37.75
CA VAL B 111 14.40 11.82 38.97
C VAL B 111 14.45 13.33 38.85
N LYS B 112 13.95 14.03 39.87
CA LYS B 112 14.00 15.48 39.91
C LYS B 112 14.55 16.06 41.20
N HIS B 113 14.85 15.23 42.22
CA HIS B 113 15.40 15.71 43.48
C HIS B 113 16.19 14.58 44.10
N LEU B 114 17.48 14.81 44.30
CA LEU B 114 18.39 13.82 44.86
C LEU B 114 18.84 14.26 46.23
N HIS B 115 18.81 13.35 47.20
CA HIS B 115 19.18 13.62 48.58
C HIS B 115 20.37 12.73 48.94
N THR B 116 21.50 13.35 49.23
CA THR B 116 22.73 12.64 49.54
C THR B 116 23.32 13.18 50.83
N ASP B 117 24.41 12.58 51.28
CA ASP B 117 25.17 13.07 52.41
C ASP B 117 26.41 13.79 51.89
N ASN B 118 27.25 14.23 52.82
CA ASN B 118 28.43 15.01 52.47
C ASN B 118 29.67 14.14 52.29
N GLY B 119 29.59 13.18 51.36
CA GLY B 119 30.74 12.38 51.01
C GLY B 119 31.66 13.10 50.06
N ASP B 120 32.80 12.45 49.79
CA ASP B 120 33.77 13.04 48.88
C ASP B 120 33.38 12.80 47.42
N ASN B 121 33.07 11.54 47.07
CA ASN B 121 32.71 11.21 45.71
C ASN B 121 31.35 11.74 45.30
N PHE B 122 30.51 12.14 46.26
CA PHE B 122 29.28 12.84 45.94
C PHE B 122 29.51 14.31 45.64
N THR B 123 30.65 14.86 46.02
CA THR B 123 31.00 16.25 45.74
C THR B 123 32.13 16.24 44.71
N SER B 124 31.75 16.19 43.44
CA SER B 124 32.73 16.11 42.36
C SER B 124 32.18 16.78 41.11
N SER B 125 33.09 17.09 40.19
CA SER B 125 32.70 17.73 38.94
C SER B 125 31.90 16.78 38.04
N ALA B 126 32.16 15.47 38.16
CA ALA B 126 31.40 14.51 37.35
C ALA B 126 29.95 14.42 37.81
N VAL B 127 29.72 14.37 39.12
CA VAL B 127 28.36 14.35 39.65
C VAL B 127 27.68 15.68 39.40
N GLN B 128 28.44 16.79 39.43
CA GLN B 128 27.85 18.09 39.15
C GLN B 128 27.46 18.21 37.68
N ALA B 129 28.27 17.67 36.78
CA ALA B 129 27.93 17.71 35.35
C ALA B 129 26.77 16.79 35.02
N VAL B 130 26.67 15.65 35.70
CA VAL B 130 25.54 14.74 35.50
C VAL B 130 24.25 15.37 36.02
N CYS B 131 24.30 16.01 37.18
CA CYS B 131 23.12 16.69 37.72
C CYS B 131 22.74 17.91 36.87
N TRP B 132 23.72 18.56 36.24
CA TRP B 132 23.41 19.69 35.38
C TRP B 132 22.80 19.22 34.06
N TRP B 133 23.28 18.10 33.52
CA TRP B 133 22.76 17.62 32.24
C TRP B 133 21.39 16.97 32.40
N ALA B 134 21.12 16.39 33.57
CA ALA B 134 19.84 15.74 33.83
C ALA B 134 18.86 16.65 34.56
N GLN B 135 19.29 17.84 34.97
CA GLN B 135 18.48 18.85 35.67
C GLN B 135 17.89 18.29 36.96
N ILE B 136 18.78 17.92 37.87
CA ILE B 136 18.41 17.33 39.16
C ILE B 136 18.89 18.25 40.28
N GLU B 137 17.98 18.59 41.19
CA GLU B 137 18.34 19.37 42.36
C GLU B 137 19.04 18.47 43.38
N HIS B 138 20.30 18.76 43.65
CA HIS B 138 21.12 17.95 44.56
C HIS B 138 21.14 18.61 45.92
N THR B 139 20.76 17.86 46.95
CA THR B 139 20.67 18.39 48.31
C THR B 139 21.51 17.54 49.25
N PHE B 140 22.42 18.18 49.97
CA PHE B 140 23.25 17.54 50.97
C PHE B 140 22.60 17.66 52.34
N GLY B 141 22.38 16.52 52.98
CA GLY B 141 21.75 16.51 54.29
C GLY B 141 22.67 16.98 55.39
N VAL B 151 15.33 6.08 57.23
CA VAL B 151 14.77 5.44 56.04
C VAL B 151 15.82 4.56 55.38
N VAL B 152 16.93 5.20 54.96
CA VAL B 152 17.94 4.49 54.19
C VAL B 152 18.71 3.50 55.06
N GLU B 153 18.92 3.82 56.34
CA GLU B 153 19.58 2.88 57.24
C GLU B 153 18.68 1.68 57.54
N SER B 154 17.37 1.91 57.64
CA SER B 154 16.44 0.80 57.82
C SER B 154 16.37 -0.09 56.59
N MET B 155 16.39 0.52 55.40
CA MET B 155 16.40 -0.28 54.17
C MET B 155 17.72 -1.00 53.98
N ASN B 156 18.83 -0.41 54.44
CA ASN B 156 20.12 -1.09 54.37
C ASN B 156 20.18 -2.26 55.34
N HIS B 157 19.56 -2.10 56.51
CA HIS B 157 19.48 -3.21 57.48
C HIS B 157 18.64 -4.35 56.94
N GLN B 158 17.50 -4.02 56.32
CA GLN B 158 16.63 -5.06 55.75
C GLN B 158 17.30 -5.75 54.56
N LEU B 159 18.00 -4.98 53.72
CA LEU B 159 18.66 -5.56 52.55
C LEU B 159 19.83 -6.43 52.96
N LYS B 160 20.57 -6.05 54.00
CA LYS B 160 21.70 -6.88 54.41
C LYS B 160 21.24 -8.12 55.16
N THR B 161 20.08 -8.07 55.83
CA THR B 161 19.54 -9.30 56.42
C THR B 161 19.07 -10.26 55.33
N ILE B 162 18.50 -9.75 54.25
CA ILE B 162 18.09 -10.62 53.14
C ILE B 162 19.32 -11.19 52.43
N ILE B 163 20.38 -10.39 52.30
CA ILE B 163 21.63 -10.85 51.69
C ILE B 163 22.26 -11.96 52.51
N THR B 164 22.28 -11.81 53.84
CA THR B 164 22.77 -12.88 54.69
C THR B 164 21.80 -14.06 54.75
N GLN B 165 20.54 -13.86 54.37
CA GLN B 165 19.58 -14.96 54.38
C GLN B 165 19.75 -15.88 53.16
N ILE B 166 20.00 -15.32 51.98
CA ILE B 166 20.09 -16.15 50.78
C ILE B 166 21.48 -16.11 50.17
N ARG B 167 22.51 -16.02 51.02
CA ARG B 167 23.89 -15.95 50.54
C ARG B 167 24.36 -17.25 49.93
N ASP B 168 23.93 -18.39 50.47
CA ASP B 168 24.44 -19.69 50.06
C ASP B 168 23.97 -20.13 48.68
N GLN B 169 22.93 -19.50 48.13
CA GLN B 169 22.40 -19.87 46.82
C GLN B 169 23.09 -19.17 45.67
N ALA B 170 24.14 -18.39 45.94
CA ALA B 170 24.84 -17.65 44.90
C ALA B 170 26.34 -17.90 45.01
N GLU B 171 27.01 -17.87 43.86
CA GLU B 171 28.45 -18.04 43.81
C GLU B 171 29.18 -16.74 44.14
N LYS B 172 28.91 -15.68 43.39
CA LYS B 172 29.52 -14.38 43.61
C LYS B 172 28.64 -13.54 44.54
N ILE B 173 29.04 -12.28 44.72
CA ILE B 173 28.29 -11.38 45.59
C ILE B 173 27.22 -10.61 44.81
N GLU B 174 27.45 -10.34 43.53
CA GLU B 174 26.51 -9.54 42.74
C GLU B 174 25.21 -10.29 42.48
N THR B 175 25.29 -11.61 42.33
CA THR B 175 24.09 -12.43 42.14
C THR B 175 23.21 -12.39 43.38
N ALA B 176 23.82 -12.47 44.57
CA ALA B 176 23.07 -12.37 45.81
C ALA B 176 22.49 -10.97 46.00
N VAL B 177 23.19 -9.94 45.54
CA VAL B 177 22.70 -8.57 45.64
C VAL B 177 21.44 -8.39 44.78
N GLN B 178 21.49 -8.86 43.52
CA GLN B 178 20.35 -8.70 42.63
C GLN B 178 19.17 -9.57 43.05
N MET B 179 19.43 -10.77 43.58
CA MET B 179 18.34 -11.60 44.08
C MET B 179 17.71 -11.02 45.34
N ALA B 180 18.51 -10.37 46.19
CA ALA B 180 17.95 -9.71 47.37
C ALA B 180 17.12 -8.50 46.98
N VAL B 181 17.52 -7.78 45.92
CA VAL B 181 16.74 -6.67 45.42
C VAL B 181 15.40 -7.16 44.87
N LEU B 182 15.41 -8.31 44.18
CA LEU B 182 14.16 -8.88 43.66
C LEU B 182 13.23 -9.34 44.77
N ILE B 183 13.77 -10.00 45.80
CA ILE B 183 12.95 -10.46 46.91
C ILE B 183 12.40 -9.29 47.71
N HIS B 184 13.19 -8.21 47.86
CA HIS B 184 12.71 -7.05 48.58
C HIS B 184 11.65 -6.28 47.79
N ASN B 185 11.76 -6.25 46.46
CA ASN B 185 10.83 -5.45 45.68
C ASN B 185 9.51 -6.18 45.42
N PHE B 186 9.56 -7.45 45.03
CA PHE B 186 8.36 -8.12 44.52
C PHE B 186 7.86 -9.27 45.37
N LYS B 187 8.49 -9.57 46.50
CA LYS B 187 8.05 -10.68 47.34
C LYS B 187 7.58 -10.28 48.73
N ARG B 188 8.28 -9.37 49.40
CA ARG B 188 7.90 -8.93 50.74
C ARG B 188 6.73 -7.96 50.62
N LYS B 189 5.58 -8.33 51.20
CA LYS B 189 4.38 -7.53 51.14
C LYS B 189 4.02 -7.02 52.53
N GLY B 190 3.57 -5.78 52.59
CA GLY B 190 3.16 -5.20 53.85
C GLY B 190 2.37 -3.92 53.64
N GLY B 191 2.28 -3.12 54.69
CA GLY B 191 1.58 -1.85 54.59
C GLY B 191 0.12 -1.98 54.97
N ILE B 192 -0.68 -1.02 54.49
CA ILE B 192 -2.10 -0.97 54.82
C ILE B 192 -2.86 -2.03 54.02
N GLY B 193 -2.85 -1.91 52.70
CA GLY B 193 -3.57 -2.84 51.85
C GLY B 193 -2.87 -4.15 51.59
N GLY B 194 -1.59 -4.25 51.94
CA GLY B 194 -0.84 -5.45 51.66
C GLY B 194 -0.30 -5.48 50.24
N TYR B 195 0.36 -4.39 49.82
CA TYR B 195 0.98 -4.30 48.52
C TYR B 195 2.49 -4.34 48.65
N SER B 196 3.16 -4.69 47.56
CA SER B 196 4.61 -4.65 47.51
C SER B 196 5.09 -3.24 47.19
N ALA B 197 6.39 -3.11 46.92
CA ALA B 197 6.94 -1.78 46.64
C ALA B 197 6.72 -1.35 45.20
N GLY B 198 6.73 -2.30 44.26
CA GLY B 198 6.58 -1.95 42.86
C GLY B 198 5.19 -1.45 42.52
N GLU B 199 4.17 -2.04 43.14
CA GLU B 199 2.80 -1.56 42.94
C GLU B 199 2.60 -0.17 43.52
N ARG B 200 3.28 0.13 44.64
CA ARG B 200 3.14 1.44 45.27
C ARG B 200 3.81 2.53 44.43
N ILE B 201 5.01 2.26 43.90
CA ILE B 201 5.68 3.29 43.09
C ILE B 201 4.96 3.49 41.76
N ILE B 202 4.39 2.43 41.19
CA ILE B 202 3.66 2.56 39.92
C ILE B 202 2.36 3.32 40.12
N ASP B 203 1.66 3.08 41.24
CA ASP B 203 0.41 3.80 41.51
C ASP B 203 0.66 5.27 41.82
N ILE B 204 1.76 5.58 42.52
CA ILE B 204 2.07 6.96 42.86
C ILE B 204 2.44 7.76 41.62
N ILE B 205 3.26 7.18 40.74
CA ILE B 205 3.65 7.87 39.50
C ILE B 205 2.46 8.03 38.56
N ALA B 206 1.55 7.04 38.52
CA ALA B 206 0.36 7.15 37.69
C ALA B 206 -0.58 8.25 38.18
N SER B 207 -0.67 8.43 39.51
CA SER B 207 -1.49 9.51 40.05
C SER B 207 -0.89 10.88 39.72
N ASP B 208 0.44 10.99 39.75
CA ASP B 208 1.09 12.25 39.38
C ASP B 208 0.90 12.56 37.90
N LEU B 209 0.90 11.54 37.06
CA LEU B 209 0.67 11.73 35.62
C LEU B 209 -0.75 12.21 35.35
N GLN B 210 -1.73 11.65 36.06
CA GLN B 210 -3.12 12.08 35.92
C GLN B 210 -3.29 13.53 36.36
N THR B 211 -2.60 13.94 37.42
CA THR B 211 -2.68 15.32 37.91
C THR B 211 -2.11 16.30 36.90
N THR B 212 -0.97 15.96 36.28
CA THR B 212 -0.35 16.88 35.31
C THR B 212 -1.19 17.02 34.04
N LYS B 213 -1.78 15.91 33.56
CA LYS B 213 -2.63 15.99 32.37
C LYS B 213 -3.89 16.81 32.62
N LEU B 214 -4.51 16.63 33.80
CA LEU B 214 -5.70 17.41 34.12
C LEU B 214 -5.38 18.88 34.31
N GLN B 215 -4.17 19.20 34.80
CA GLN B 215 -3.79 20.60 34.96
C GLN B 215 -3.60 21.28 33.61
N ASN B 216 -3.04 20.55 32.63
CA ASN B 216 -2.90 21.10 31.29
C ASN B 216 -4.26 21.37 30.64
N GLN B 217 -5.20 20.44 30.83
CA GLN B 217 -6.55 20.65 30.30
C GLN B 217 -7.26 21.81 30.98
N ILE B 218 -7.01 21.99 32.28
CA ILE B 218 -7.64 23.07 33.04
C ILE B 218 -7.17 24.43 32.54
N SER B 219 -5.86 24.59 32.28
CA SER B 219 -5.37 25.87 31.78
C SER B 219 -5.85 26.15 30.37
N LYS B 220 -5.90 25.11 29.52
CA LYS B 220 -6.31 25.31 28.13
C LYS B 220 -7.80 25.66 28.03
N ILE B 221 -8.62 25.15 28.95
CA ILE B 221 -10.03 25.56 28.96
C ILE B 221 -10.18 26.94 29.57
N GLN B 222 -9.45 27.23 30.65
CA GLN B 222 -9.58 28.49 31.37
C GLN B 222 -8.96 29.69 30.65
N ASN B 223 -8.42 29.52 29.44
CA ASN B 223 -7.96 30.67 28.67
C ASN B 223 -9.08 31.36 27.86
N PHE B 224 -10.36 31.23 28.24
CA PHE B 224 -11.48 31.80 27.49
C PHE B 224 -12.24 32.83 28.33
N ARG B 225 -13.35 33.31 27.78
CA ARG B 225 -14.24 34.23 28.47
C ARG B 225 -15.65 34.05 27.92
N VAL B 226 -16.65 34.29 28.77
CA VAL B 226 -18.05 34.05 28.44
C VAL B 226 -18.87 35.28 28.80
N TYR B 227 -19.63 35.78 27.82
CA TYR B 227 -20.67 36.78 28.05
C TYR B 227 -22.00 36.05 28.17
N PHE B 228 -22.65 36.18 29.33
CA PHE B 228 -23.90 35.46 29.57
C PHE B 228 -25.05 36.46 29.71
N ARG B 229 -26.24 35.99 29.32
CA ARG B 229 -27.45 36.80 29.30
C ARG B 229 -28.51 36.13 30.17
N GLU B 230 -28.98 36.84 31.19
CA GLU B 230 -29.91 36.25 32.14
C GLU B 230 -31.32 36.16 31.55
N GLY B 231 -32.18 35.43 32.25
CA GLY B 231 -33.55 35.24 31.77
C GLY B 231 -34.40 36.46 32.04
N ARG B 232 -35.40 36.68 31.16
CA ARG B 232 -36.31 37.83 31.18
C ARG B 232 -35.54 39.16 31.13
N ASP B 233 -34.46 39.18 30.35
CA ASP B 233 -33.64 40.36 30.18
C ASP B 233 -32.91 40.24 28.85
N GLN B 234 -32.93 41.31 28.06
CA GLN B 234 -32.29 41.33 26.75
C GLN B 234 -30.90 41.95 26.79
N GLN B 235 -30.29 42.05 27.97
CA GLN B 235 -28.97 42.64 28.11
C GLN B 235 -27.92 41.58 28.41
N TRP B 236 -26.71 41.80 27.92
CA TRP B 236 -25.58 40.94 28.25
C TRP B 236 -24.93 41.40 29.54
N LYS B 237 -24.59 40.43 30.40
CA LYS B 237 -24.04 40.73 31.71
C LYS B 237 -22.52 40.80 31.63
N GLY B 238 -21.86 40.83 32.78
CA GLY B 238 -20.42 40.96 32.85
C GLY B 238 -19.68 39.73 32.39
N PRO B 239 -18.37 39.86 32.14
CA PRO B 239 -17.58 38.73 31.62
C PRO B 239 -17.29 37.72 32.71
N ALA B 240 -17.94 36.56 32.63
CA ALA B 240 -17.72 35.46 33.56
C ALA B 240 -16.72 34.48 32.96
N THR B 241 -15.94 33.84 33.82
CA THR B 241 -14.89 32.95 33.36
C THR B 241 -15.45 31.55 33.11
N LEU B 242 -15.09 30.98 31.97
CA LEU B 242 -15.54 29.64 31.60
C LEU B 242 -14.81 28.59 32.43
N ILE B 243 -15.54 27.56 32.86
CA ILE B 243 -14.97 26.45 33.61
C ILE B 243 -15.05 25.15 32.82
N TRP B 244 -16.25 24.81 32.34
CA TRP B 244 -16.45 23.58 31.59
C TRP B 244 -17.50 23.81 30.53
N LYS B 245 -17.13 23.57 29.27
CA LYS B 245 -18.00 23.79 28.12
C LYS B 245 -18.57 22.44 27.70
N GLY B 246 -19.87 22.24 27.94
CA GLY B 246 -20.54 21.00 27.62
C GLY B 246 -21.23 21.06 26.26
N GLU B 247 -22.18 20.15 26.07
CA GLU B 247 -22.93 20.12 24.83
C GLU B 247 -24.21 20.95 24.91
N GLY B 248 -24.84 20.98 26.08
CA GLY B 248 -26.05 21.77 26.25
C GLY B 248 -25.96 22.77 27.37
N ALA B 249 -25.03 22.54 28.31
CA ALA B 249 -24.86 23.40 29.47
C ALA B 249 -23.46 24.01 29.46
N VAL B 250 -23.34 25.16 30.12
CA VAL B 250 -22.07 25.88 30.23
C VAL B 250 -21.91 26.31 31.69
N VAL B 251 -20.80 25.91 32.31
CA VAL B 251 -20.52 26.23 33.70
C VAL B 251 -19.60 27.44 33.74
N ILE B 252 -20.01 28.49 34.45
CA ILE B 252 -19.23 29.72 34.53
C ILE B 252 -19.02 30.11 35.98
N GLN B 253 -17.93 30.84 36.21
CA GLN B 253 -17.62 31.43 37.51
C GLN B 253 -17.78 32.94 37.40
N ASP B 254 -18.55 33.51 38.32
CA ASP B 254 -18.78 34.95 38.39
C ASP B 254 -19.11 35.31 39.83
N GLY B 255 -18.51 36.41 40.31
CA GLY B 255 -18.75 36.90 41.65
C GLY B 255 -18.35 35.94 42.75
N GLN B 256 -17.27 35.17 42.52
CA GLN B 256 -16.83 34.06 43.38
C GLN B 256 -17.95 33.05 43.59
N ASP B 257 -18.69 32.75 42.51
CA ASP B 257 -19.79 31.80 42.57
C ASP B 257 -19.87 31.04 41.26
N LEU B 258 -20.22 29.76 41.35
CA LEU B 258 -20.33 28.88 40.19
C LEU B 258 -21.80 28.76 39.82
N LYS B 259 -22.09 28.78 38.51
CA LYS B 259 -23.46 28.61 38.05
C LYS B 259 -23.47 27.96 36.67
N VAL B 260 -24.64 27.44 36.31
CA VAL B 260 -24.84 26.72 35.05
C VAL B 260 -25.83 27.51 34.21
N VAL B 261 -25.39 27.95 33.04
CA VAL B 261 -26.23 28.70 32.09
C VAL B 261 -26.33 27.88 30.81
N PRO B 262 -27.50 27.78 30.20
CA PRO B 262 -27.60 27.08 28.91
C PRO B 262 -26.86 27.80 27.79
N ARG B 263 -26.60 27.05 26.72
CA ARG B 263 -25.75 27.54 25.64
C ARG B 263 -26.42 28.59 24.77
N ARG B 264 -27.75 28.66 24.78
CA ARG B 264 -28.44 29.64 23.96
C ARG B 264 -28.42 31.05 24.52
N LYS B 265 -27.92 31.23 25.75
CA LYS B 265 -27.82 32.53 26.39
C LYS B 265 -26.36 32.91 26.67
N CYS B 266 -25.44 32.38 25.87
CA CYS B 266 -24.02 32.59 26.10
C CYS B 266 -23.29 32.91 24.80
N LYS B 267 -22.23 33.70 24.93
CA LYS B 267 -21.32 34.00 23.83
C LYS B 267 -19.90 33.78 24.34
N ILE B 268 -19.23 32.77 23.79
CA ILE B 268 -17.89 32.39 24.22
C ILE B 268 -16.88 33.10 23.31
N ILE B 269 -16.07 33.98 23.89
CA ILE B 269 -15.07 34.73 23.16
C ILE B 269 -13.70 34.44 23.76
N LYS B 270 -12.66 34.65 22.94
CA LYS B 270 -11.30 34.50 23.42
C LYS B 270 -10.91 35.68 24.30
N ASP B 271 -10.11 35.41 25.32
CA ASP B 271 -9.70 36.43 26.28
C ASP B 271 -8.19 36.59 26.23
N TYR B 272 -7.73 37.79 25.90
CA TYR B 272 -6.32 38.13 25.92
C TYR B 272 -6.08 39.01 27.15
N GLY B 273 -5.88 38.36 28.29
CA GLY B 273 -5.80 39.04 29.56
C GLY B 273 -4.60 38.67 30.40
N ARG B 274 -3.45 38.50 29.74
CA ARG B 274 -2.21 38.15 30.42
C ARG B 274 -1.71 39.29 31.32
N GLY C 5 -0.42 -27.69 44.84
CA GLY C 5 -0.34 -26.48 45.62
C GLY C 5 0.69 -26.54 46.74
N ILE C 6 0.79 -27.71 47.38
CA ILE C 6 1.74 -27.89 48.47
C ILE C 6 3.16 -27.92 47.94
N GLU C 7 3.37 -28.56 46.79
CA GLU C 7 4.69 -28.58 46.16
C GLU C 7 5.07 -27.20 45.65
N LYS C 8 4.08 -26.44 45.17
CA LYS C 8 4.34 -25.06 44.73
C LYS C 8 4.71 -24.18 45.91
N ALA C 9 4.05 -24.37 47.06
CA ALA C 9 4.38 -23.59 48.24
C ALA C 9 5.75 -23.96 48.80
N GLN C 10 6.12 -25.24 48.74
CA GLN C 10 7.43 -25.66 49.21
C GLN C 10 8.54 -25.14 48.29
N GLU C 11 8.29 -25.13 46.98
CA GLU C 11 9.29 -24.59 46.05
C GLU C 11 9.39 -23.07 46.17
N GLU C 12 8.26 -22.39 46.43
CA GLU C 12 8.28 -20.95 46.57
C GLU C 12 8.99 -20.53 47.86
N HIS C 13 8.80 -21.29 48.95
CA HIS C 13 9.50 -20.98 50.18
C HIS C 13 10.97 -21.39 50.10
N GLU C 14 11.30 -22.38 49.29
CA GLU C 14 12.71 -22.73 49.11
C GLU C 14 13.42 -21.68 48.26
N LYS C 15 12.69 -21.04 47.34
CA LYS C 15 13.30 -20.02 46.50
C LYS C 15 13.40 -18.68 47.20
N TYR C 16 12.27 -18.13 47.66
CA TYR C 16 12.22 -16.75 48.11
C TYR C 16 11.94 -16.57 49.60
N HIS C 17 11.59 -17.65 50.31
CA HIS C 17 11.29 -17.66 51.75
C HIS C 17 10.16 -16.69 52.11
N ASN C 18 8.99 -16.97 51.57
CA ASN C 18 7.82 -16.15 51.87
C ASN C 18 7.28 -16.47 53.26
N ASN C 19 6.46 -15.56 53.77
CA ASN C 19 5.74 -15.79 55.02
C ASN C 19 4.54 -16.67 54.77
N TRP C 20 3.95 -17.20 55.85
CA TRP C 20 2.88 -18.19 55.71
C TRP C 20 1.57 -17.56 55.28
N ARG C 21 1.35 -16.27 55.60
CA ARG C 21 0.10 -15.62 55.24
C ARG C 21 0.00 -15.37 53.75
N ALA C 22 1.09 -14.92 53.12
CA ALA C 22 1.08 -14.68 51.68
C ALA C 22 1.00 -15.99 50.90
N MET C 23 1.62 -17.06 51.41
CA MET C 23 1.50 -18.36 50.76
C MET C 23 0.10 -18.93 50.90
N ALA C 24 -0.54 -18.73 52.06
CA ALA C 24 -1.90 -19.19 52.25
C ALA C 24 -2.89 -18.40 51.41
N GLU C 25 -2.61 -17.13 51.14
CA GLU C 25 -3.49 -16.34 50.29
C GLU C 25 -3.30 -16.68 48.81
N ASP C 26 -2.04 -16.82 48.37
CA ASP C 26 -1.78 -16.96 46.95
C ASP C 26 -1.86 -18.40 46.45
N PHE C 27 -1.72 -19.39 47.33
CA PHE C 27 -1.73 -20.79 46.90
C PHE C 27 -2.92 -21.59 47.43
N GLN C 28 -3.77 -20.96 48.26
CA GLN C 28 -5.03 -21.54 48.76
C GLN C 28 -4.80 -22.82 49.56
N ILE C 29 -3.99 -22.69 50.61
CA ILE C 29 -3.64 -23.80 51.49
C ILE C 29 -4.10 -23.41 52.90
N PRO C 30 -4.65 -24.34 53.69
CA PRO C 30 -4.96 -24.02 55.09
C PRO C 30 -3.71 -23.66 55.89
N GLN C 31 -3.92 -22.83 56.92
CA GLN C 31 -2.82 -22.10 57.55
C GLN C 31 -1.90 -22.98 58.39
N VAL C 32 -2.37 -24.17 58.81
CA VAL C 32 -1.52 -25.02 59.64
C VAL C 32 -0.39 -25.64 58.81
N VAL C 33 -0.66 -25.97 57.55
CA VAL C 33 0.38 -26.52 56.69
C VAL C 33 1.42 -25.46 56.35
N ALA C 34 0.98 -24.22 56.13
CA ALA C 34 1.90 -23.13 55.86
C ALA C 34 2.71 -22.76 57.10
N LYS C 35 2.10 -22.87 58.28
CA LYS C 35 2.82 -22.65 59.53
C LYS C 35 3.90 -23.71 59.74
N GLU C 36 3.59 -24.97 59.42
CA GLU C 36 4.60 -26.01 59.54
C GLU C 36 5.69 -25.89 58.47
N ILE C 37 5.34 -25.36 57.29
CA ILE C 37 6.32 -25.13 56.23
C ILE C 37 7.30 -24.04 56.65
N VAL C 38 6.81 -22.94 57.23
CA VAL C 38 7.70 -21.89 57.70
C VAL C 38 8.51 -22.36 58.92
N ALA C 39 7.89 -23.17 59.80
CA ALA C 39 8.61 -23.66 60.99
C ALA C 39 9.67 -24.70 60.64
N GLN C 40 9.55 -25.40 59.51
CA GLN C 40 10.55 -26.38 59.14
C GLN C 40 11.71 -25.79 58.33
N CYS C 41 11.84 -24.47 58.28
CA CYS C 41 12.98 -23.89 57.58
C CYS C 41 14.10 -23.56 58.58
N PRO C 42 15.34 -23.91 58.27
CA PRO C 42 16.44 -23.60 59.20
C PRO C 42 16.83 -22.13 59.21
N LYS C 43 16.71 -21.44 58.09
CA LYS C 43 17.09 -20.02 58.03
C LYS C 43 16.06 -19.11 58.68
N CYS C 44 14.79 -19.51 58.73
CA CYS C 44 13.75 -18.70 59.35
C CYS C 44 13.58 -19.05 60.82
N SER C 58 -2.53 -10.42 60.06
CA SER C 58 -3.36 -10.54 61.26
C SER C 58 -4.46 -9.48 61.25
N PRO C 59 -5.71 -9.89 61.06
CA PRO C 59 -6.81 -8.94 60.97
C PRO C 59 -7.33 -8.43 62.30
N LYS C 60 -6.73 -8.83 63.42
CA LYS C 60 -7.21 -8.38 64.73
C LYS C 60 -6.09 -7.78 65.58
N THR C 61 -5.22 -6.97 64.98
CA THR C 61 -4.11 -6.35 65.70
C THR C 61 -4.35 -4.86 65.83
N TRP C 62 -4.24 -4.33 67.04
CA TRP C 62 -4.46 -2.92 67.31
C TRP C 62 -3.22 -2.31 67.93
N GLN C 63 -2.84 -1.13 67.46
CA GLN C 63 -1.70 -0.39 67.98
C GLN C 63 -2.19 0.81 68.76
N MET C 64 -1.59 1.06 69.92
CA MET C 64 -2.04 2.14 70.79
C MET C 64 -0.95 3.18 70.97
N ASP C 65 -1.38 4.42 71.18
CA ASP C 65 -0.45 5.53 71.39
C ASP C 65 -1.20 6.65 72.12
N CYS C 66 -0.42 7.56 72.70
CA CYS C 66 -0.96 8.75 73.36
C CYS C 66 -0.18 9.97 72.90
N THR C 67 -0.86 11.10 72.78
CA THR C 67 -0.26 12.34 72.33
C THR C 67 -0.87 13.51 73.11
N HIS C 68 -0.32 14.69 72.88
CA HIS C 68 -0.74 15.91 73.58
C HIS C 68 -1.22 16.94 72.57
N LEU C 69 -2.27 17.67 72.94
CA LEU C 69 -2.83 18.71 72.07
C LEU C 69 -3.59 19.70 72.93
N GLU C 70 -3.08 20.94 72.99
CA GLU C 70 -3.67 22.05 73.77
C GLU C 70 -3.83 21.70 75.25
N GLY C 71 -2.82 21.03 75.81
CA GLY C 71 -2.85 20.65 77.20
C GLY C 71 -3.64 19.40 77.53
N LYS C 72 -4.37 18.85 76.57
CA LYS C 72 -5.13 17.62 76.77
C LYS C 72 -4.30 16.42 76.35
N VAL C 73 -4.75 15.24 76.78
CA VAL C 73 -4.11 13.98 76.44
C VAL C 73 -5.08 13.21 75.54
N ILE C 74 -4.66 12.97 74.31
CA ILE C 74 -5.49 12.27 73.32
C ILE C 74 -4.91 10.88 73.14
N ILE C 75 -5.71 9.85 73.42
CA ILE C 75 -5.30 8.47 73.23
C ILE C 75 -5.86 8.00 71.90
N VAL C 76 -5.04 7.28 71.12
CA VAL C 76 -5.37 6.89 69.76
C VAL C 76 -5.08 5.41 69.60
N ALA C 77 -6.09 4.65 69.17
CA ALA C 77 -5.95 3.24 68.86
C ALA C 77 -6.23 3.04 67.37
N VAL C 78 -5.29 2.41 66.67
CA VAL C 78 -5.36 2.28 65.22
C VAL C 78 -5.37 0.79 64.86
N HIS C 79 -6.38 0.39 64.10
CA HIS C 79 -6.39 -0.92 63.46
C HIS C 79 -5.49 -0.88 62.24
N VAL C 80 -4.55 -1.82 62.17
CA VAL C 80 -3.39 -1.69 61.29
C VAL C 80 -3.68 -2.16 59.87
N ALA C 81 -4.32 -3.32 59.71
CA ALA C 81 -4.52 -3.91 58.39
C ALA C 81 -5.56 -3.19 57.55
N SER C 82 -6.28 -2.23 58.11
CA SER C 82 -7.23 -1.42 57.36
C SER C 82 -7.01 0.07 57.51
N GLY C 83 -6.28 0.52 58.52
CA GLY C 83 -6.11 1.95 58.73
C GLY C 83 -7.26 2.59 59.46
N TYR C 84 -7.90 1.85 60.37
CA TYR C 84 -9.07 2.36 61.08
C TYR C 84 -8.60 3.09 62.34
N ILE C 85 -9.31 4.15 62.71
CA ILE C 85 -8.91 4.96 63.85
C ILE C 85 -9.99 4.92 64.92
N GLU C 86 -9.57 5.16 66.16
CA GLU C 86 -10.49 5.37 67.28
C GLU C 86 -9.75 6.19 68.33
N ALA C 87 -10.24 7.39 68.61
CA ALA C 87 -9.55 8.32 69.48
C ALA C 87 -10.45 8.77 70.61
N GLU C 88 -9.83 9.17 71.72
CA GLU C 88 -10.57 9.64 72.89
C GLU C 88 -9.76 10.66 73.65
N VAL C 89 -10.45 11.50 74.40
CA VAL C 89 -9.83 12.54 75.21
C VAL C 89 -9.67 12.02 76.63
N LEU C 90 -8.44 12.02 77.13
CA LEU C 90 -8.28 11.55 78.51
C LEU C 90 -8.08 12.71 79.45
N PRO C 91 -8.74 12.70 80.63
CA PRO C 91 -8.49 13.75 81.62
C PRO C 91 -7.16 13.62 82.33
N ALA C 92 -6.52 12.46 82.29
CA ALA C 92 -5.22 12.26 82.92
C ALA C 92 -4.49 11.14 82.20
N GLU C 93 -3.21 10.98 82.54
CA GLU C 93 -2.37 9.93 81.96
C GLU C 93 -2.13 8.80 82.94
N THR C 94 -3.14 8.45 83.73
CA THR C 94 -3.02 7.38 84.71
C THR C 94 -3.27 6.03 84.03
N GLY C 95 -3.36 4.97 84.83
CA GLY C 95 -3.53 3.63 84.30
C GLY C 95 -4.98 3.17 84.23
N LYS C 96 -5.82 3.69 85.13
CA LYS C 96 -7.21 3.27 85.18
C LYS C 96 -7.99 3.76 83.97
N GLU C 97 -7.71 4.97 83.49
CA GLU C 97 -8.40 5.49 82.33
C GLU C 97 -7.94 4.80 81.05
N THR C 98 -6.65 4.42 80.98
CA THR C 98 -6.15 3.64 79.85
C THR C 98 -6.75 2.24 79.85
N ALA C 99 -6.91 1.64 81.03
CA ALA C 99 -7.55 0.34 81.12
C ALA C 99 -9.04 0.43 80.79
N HIS C 100 -9.69 1.55 81.13
CA HIS C 100 -11.11 1.72 80.78
C HIS C 100 -11.28 1.91 79.27
N PHE C 101 -10.37 2.64 78.64
CA PHE C 101 -10.44 2.81 77.19
C PHE C 101 -10.13 1.49 76.46
N LEU C 102 -9.20 0.70 77.00
CA LEU C 102 -8.92 -0.60 76.41
C LEU C 102 -10.07 -1.58 76.62
N LEU C 103 -10.79 -1.45 77.75
CA LEU C 103 -11.96 -2.28 77.98
C LEU C 103 -13.10 -1.92 77.03
N LYS C 104 -13.30 -0.62 76.78
CA LYS C 104 -14.32 -0.20 75.82
C LYS C 104 -13.94 -0.60 74.39
N LEU C 105 -12.65 -0.56 74.06
CA LEU C 105 -12.21 -0.98 72.74
C LEU C 105 -12.37 -2.49 72.56
N ALA C 106 -12.15 -3.27 73.62
CA ALA C 106 -12.38 -4.69 73.53
C ALA C 106 -13.86 -5.04 73.53
N ALA C 107 -14.68 -4.19 74.14
CA ALA C 107 -16.12 -4.41 74.14
C ALA C 107 -16.81 -3.99 72.85
N ARG C 108 -16.16 -3.16 72.04
CA ARG C 108 -16.74 -2.76 70.76
C ARG C 108 -16.27 -3.62 69.60
N TRP C 109 -14.96 -3.79 69.44
CA TRP C 109 -14.37 -4.57 68.36
C TRP C 109 -13.61 -5.75 68.90
N PRO C 110 -13.51 -6.86 68.15
CA PRO C 110 -12.70 -8.01 68.62
C PRO C 110 -11.21 -7.72 68.59
N VAL C 111 -10.56 -7.79 69.74
CA VAL C 111 -9.15 -7.51 69.89
C VAL C 111 -8.44 -8.79 70.33
N LYS C 112 -7.42 -9.19 69.58
CA LYS C 112 -6.63 -10.37 69.91
C LYS C 112 -5.15 -10.08 70.13
N HIS C 113 -4.61 -9.02 69.56
CA HIS C 113 -3.18 -8.72 69.67
C HIS C 113 -3.02 -7.22 69.82
N LEU C 114 -2.48 -6.79 70.96
CA LEU C 114 -2.27 -5.38 71.26
C LEU C 114 -0.80 -5.06 71.15
N HIS C 115 -0.47 -4.02 70.39
CA HIS C 115 0.90 -3.54 70.23
C HIS C 115 0.99 -2.16 70.86
N THR C 116 1.98 -1.97 71.73
CA THR C 116 2.19 -0.71 72.41
C THR C 116 3.68 -0.43 72.49
N ASP C 117 4.03 0.71 73.08
CA ASP C 117 5.42 1.07 73.37
C ASP C 117 5.72 0.80 74.84
N ASN C 118 7.00 0.90 75.18
CA ASN C 118 7.46 0.68 76.55
C ASN C 118 7.17 1.95 77.36
N GLY C 119 5.92 2.05 77.81
CA GLY C 119 5.44 3.20 78.55
C GLY C 119 5.17 2.90 80.01
N ASP C 120 4.58 3.89 80.68
CA ASP C 120 4.30 3.80 82.10
C ASP C 120 2.83 3.48 82.38
N ASN C 121 1.91 4.03 81.60
CA ASN C 121 0.50 3.79 81.82
C ASN C 121 0.05 2.44 81.25
N PHE C 122 0.65 2.02 80.14
CA PHE C 122 0.33 0.73 79.55
C PHE C 122 0.92 -0.44 80.34
N THR C 123 1.94 -0.19 81.14
CA THR C 123 2.54 -1.20 82.03
C THR C 123 1.97 -0.95 83.42
N SER C 124 0.78 -1.47 83.67
CA SER C 124 0.09 -1.24 84.92
C SER C 124 -0.71 -2.49 85.29
N SER C 125 -0.99 -2.63 86.60
CA SER C 125 -1.67 -3.82 87.09
C SER C 125 -3.13 -3.84 86.64
N ALA C 126 -3.77 -2.67 86.59
CA ALA C 126 -5.16 -2.60 86.16
C ALA C 126 -5.30 -2.92 84.67
N VAL C 127 -4.37 -2.41 83.85
CA VAL C 127 -4.40 -2.68 82.43
C VAL C 127 -4.05 -4.14 82.15
N GLN C 128 -3.17 -4.72 82.97
CA GLN C 128 -2.85 -6.13 82.83
C GLN C 128 -4.01 -7.01 83.27
N ALA C 129 -4.80 -6.56 84.26
CA ALA C 129 -5.99 -7.31 84.67
C ALA C 129 -7.07 -7.25 83.60
N VAL C 130 -7.22 -6.10 82.94
CA VAL C 130 -8.18 -5.99 81.83
C VAL C 130 -7.71 -6.84 80.65
N CYS C 131 -6.40 -6.88 80.39
CA CYS C 131 -5.87 -7.72 79.33
C CYS C 131 -6.05 -9.20 79.64
N TRP C 132 -5.94 -9.58 80.91
CA TRP C 132 -6.17 -10.98 81.28
C TRP C 132 -7.65 -11.33 81.17
N TRP C 133 -8.54 -10.41 81.54
CA TRP C 133 -9.97 -10.70 81.49
C TRP C 133 -10.49 -10.70 80.06
N ALA C 134 -9.85 -9.94 79.17
CA ALA C 134 -10.26 -9.89 77.77
C ALA C 134 -9.46 -10.82 76.88
N GLN C 135 -8.44 -11.48 77.42
CA GLN C 135 -7.61 -12.48 76.74
C GLN C 135 -6.92 -11.90 75.51
N ILE C 136 -6.10 -10.88 75.76
CA ILE C 136 -5.39 -10.14 74.71
C ILE C 136 -3.90 -10.32 74.94
N GLU C 137 -3.17 -10.67 73.87
CA GLU C 137 -1.73 -10.76 73.91
C GLU C 137 -1.15 -9.35 73.84
N HIS C 138 -0.47 -8.93 74.91
CA HIS C 138 0.04 -7.58 75.04
C HIS C 138 1.54 -7.57 74.74
N THR C 139 1.92 -6.87 73.67
CA THR C 139 3.30 -6.83 73.22
C THR C 139 3.81 -5.40 73.20
N PHE C 140 5.10 -5.24 73.47
CA PHE C 140 5.76 -3.95 73.52
C PHE C 140 6.84 -3.88 72.46
N GLY C 141 6.98 -2.72 71.83
CA GLY C 141 7.98 -2.52 70.80
C GLY C 141 8.66 -1.16 70.88
N GLY C 150 5.98 2.43 60.73
CA GLY C 150 5.86 3.76 60.15
C GLY C 150 4.45 4.07 59.66
N VAL C 151 3.46 3.64 60.44
CA VAL C 151 2.06 3.86 60.10
C VAL C 151 1.37 4.77 61.11
N VAL C 152 1.63 4.56 62.41
CA VAL C 152 0.93 5.29 63.46
C VAL C 152 1.34 6.76 63.49
N GLU C 153 2.58 7.06 63.11
CA GLU C 153 3.01 8.45 63.02
C GLU C 153 2.31 9.17 61.87
N SER C 154 2.10 8.47 60.76
CA SER C 154 1.33 9.04 59.65
C SER C 154 -0.13 9.23 60.03
N MET C 155 -0.69 8.30 60.82
CA MET C 155 -2.08 8.45 61.26
C MET C 155 -2.24 9.62 62.23
N ASN C 156 -1.29 9.79 63.14
CA ASN C 156 -1.35 10.90 64.08
C ASN C 156 -1.13 12.24 63.38
N HIS C 157 -0.26 12.27 62.37
CA HIS C 157 -0.03 13.49 61.62
C HIS C 157 -1.25 13.86 60.76
N GLN C 158 -1.90 12.86 60.17
CA GLN C 158 -3.11 13.11 59.40
C GLN C 158 -4.25 13.56 60.30
N LEU C 159 -4.34 13.00 61.50
CA LEU C 159 -5.37 13.43 62.46
C LEU C 159 -5.11 14.86 62.93
N LYS C 160 -3.84 15.23 63.10
CA LYS C 160 -3.50 16.60 63.47
C LYS C 160 -3.84 17.59 62.36
N THR C 161 -3.62 17.21 61.09
CA THR C 161 -3.96 18.11 60.00
C THR C 161 -5.46 18.29 59.85
N ILE C 162 -6.23 17.22 60.07
CA ILE C 162 -7.69 17.35 60.01
C ILE C 162 -8.21 18.17 61.19
N ILE C 163 -7.60 18.02 62.37
CA ILE C 163 -7.98 18.81 63.54
C ILE C 163 -7.70 20.29 63.30
N THR C 164 -6.56 20.61 62.68
CA THR C 164 -6.30 22.00 62.32
C THR C 164 -7.17 22.49 61.17
N GLN C 165 -7.75 21.57 60.39
CA GLN C 165 -8.64 22.01 59.32
C GLN C 165 -10.03 22.40 59.84
N ILE C 166 -10.61 21.60 60.74
CA ILE C 166 -12.00 21.83 61.14
C ILE C 166 -12.10 22.33 62.57
N ARG C 167 -11.08 23.06 63.03
CA ARG C 167 -11.05 23.53 64.41
C ARG C 167 -12.13 24.59 64.68
N ASP C 168 -12.39 25.45 63.71
CA ASP C 168 -13.26 26.60 63.92
C ASP C 168 -14.74 26.29 63.72
N GLN C 169 -15.10 25.02 63.48
CA GLN C 169 -16.49 24.65 63.36
C GLN C 169 -17.11 24.19 64.68
N ALA C 170 -16.32 24.13 65.76
CA ALA C 170 -16.82 23.75 67.07
C ALA C 170 -16.01 24.47 68.13
N GLU C 171 -16.58 24.57 69.33
CA GLU C 171 -15.96 25.33 70.41
C GLU C 171 -14.87 24.53 71.13
N LYS C 172 -15.24 23.42 71.76
CA LYS C 172 -14.27 22.65 72.52
C LYS C 172 -13.45 21.75 71.60
N ILE C 173 -12.37 21.20 72.17
CA ILE C 173 -11.48 20.34 71.40
C ILE C 173 -12.04 18.92 71.29
N GLU C 174 -13.00 18.55 72.14
CA GLU C 174 -13.56 17.20 72.10
C GLU C 174 -14.44 16.99 70.88
N THR C 175 -15.28 17.97 70.57
CA THR C 175 -16.11 17.91 69.37
C THR C 175 -15.26 17.95 68.11
N ALA C 176 -14.15 18.70 68.14
CA ALA C 176 -13.23 18.72 67.00
C ALA C 176 -12.53 17.38 66.81
N VAL C 177 -12.18 16.71 67.92
CA VAL C 177 -11.55 15.41 67.83
C VAL C 177 -12.51 14.37 67.25
N GLN C 178 -13.77 14.39 67.71
CA GLN C 178 -14.74 13.41 67.21
C GLN C 178 -15.11 13.67 65.75
N MET C 179 -15.20 14.94 65.35
CA MET C 179 -15.47 15.23 63.94
C MET C 179 -14.28 14.90 63.06
N ALA C 180 -13.06 15.04 63.58
CA ALA C 180 -11.88 14.62 62.83
C ALA C 180 -11.84 13.10 62.67
N VAL C 181 -12.29 12.36 63.69
CA VAL C 181 -12.35 10.91 63.59
C VAL C 181 -13.39 10.49 62.55
N LEU C 182 -14.54 11.19 62.50
CA LEU C 182 -15.56 10.87 61.51
C LEU C 182 -15.10 11.19 60.09
N ILE C 183 -14.41 12.32 59.90
CA ILE C 183 -13.92 12.69 58.58
C ILE C 183 -12.81 11.74 58.12
N HIS C 184 -11.93 11.35 59.04
CA HIS C 184 -10.85 10.42 58.69
C HIS C 184 -11.38 9.02 58.40
N ASN C 185 -12.46 8.62 59.07
CA ASN C 185 -12.98 7.27 58.87
C ASN C 185 -13.81 7.15 57.59
N PHE C 186 -14.77 8.06 57.36
CA PHE C 186 -15.73 7.85 56.29
C PHE C 186 -15.69 8.88 55.16
N LYS C 187 -14.82 9.89 55.23
CA LYS C 187 -14.81 10.94 54.22
C LYS C 187 -13.47 11.08 53.51
N ARG C 188 -12.54 10.15 53.71
CA ARG C 188 -11.26 10.16 53.01
C ARG C 188 -11.15 8.89 52.17
N LYS C 189 -11.65 8.95 50.94
CA LYS C 189 -11.62 7.81 50.02
C LYS C 189 -10.37 7.92 49.16
N GLY C 190 -9.23 7.57 49.77
CA GLY C 190 -7.95 7.61 49.08
C GLY C 190 -7.32 6.24 49.02
N GLY C 191 -6.12 6.21 48.45
CA GLY C 191 -5.33 5.00 48.33
C GLY C 191 -5.45 4.40 46.94
N ILE C 192 -4.96 3.17 46.82
CA ILE C 192 -4.98 2.47 45.54
C ILE C 192 -6.38 1.93 45.22
N GLY C 193 -7.03 1.31 46.20
CA GLY C 193 -8.34 0.73 45.98
C GLY C 193 -9.45 1.75 45.89
N GLY C 194 -9.29 2.88 46.59
CA GLY C 194 -10.32 3.89 46.62
C GLY C 194 -11.39 3.58 47.64
N TYR C 195 -10.98 3.17 48.83
CA TYR C 195 -11.87 2.75 49.89
C TYR C 195 -11.60 3.53 51.16
N SER C 196 -12.65 3.82 51.90
CA SER C 196 -12.52 4.42 53.22
C SER C 196 -12.11 3.36 54.25
N ALA C 197 -11.92 3.81 55.48
CA ALA C 197 -11.40 2.91 56.52
C ALA C 197 -12.46 1.95 57.03
N GLY C 198 -13.69 2.44 57.21
CA GLY C 198 -14.74 1.59 57.78
C GLY C 198 -15.17 0.47 56.84
N GLU C 199 -15.28 0.78 55.55
CA GLU C 199 -15.61 -0.25 54.57
C GLU C 199 -14.50 -1.28 54.44
N ARG C 200 -13.24 -0.84 54.58
CA ARG C 200 -12.13 -1.77 54.52
C ARG C 200 -12.09 -2.71 55.71
N ILE C 201 -12.31 -2.19 56.93
CA ILE C 201 -12.24 -3.06 58.10
C ILE C 201 -13.45 -3.99 58.17
N ILE C 202 -14.61 -3.54 57.67
CA ILE C 202 -15.78 -4.41 57.64
C ILE C 202 -15.59 -5.54 56.63
N ASP C 203 -15.04 -5.22 55.45
CA ASP C 203 -14.81 -6.26 54.44
C ASP C 203 -13.71 -7.23 54.85
N ILE C 204 -12.70 -6.74 55.58
CA ILE C 204 -11.59 -7.60 56.01
C ILE C 204 -12.07 -8.59 57.07
N ILE C 205 -12.83 -8.11 58.06
CA ILE C 205 -13.29 -9.00 59.13
C ILE C 205 -14.37 -9.95 58.60
N ALA C 206 -15.19 -9.52 57.63
CA ALA C 206 -16.17 -10.42 57.03
C ALA C 206 -15.51 -11.52 56.22
N SER C 207 -14.47 -11.18 55.45
CA SER C 207 -13.78 -12.20 54.65
C SER C 207 -13.00 -13.15 55.54
N ASP C 208 -12.43 -12.65 56.64
CA ASP C 208 -11.73 -13.52 57.58
C ASP C 208 -12.70 -14.45 58.30
N LEU C 209 -13.90 -13.96 58.61
CA LEU C 209 -14.92 -14.81 59.25
C LEU C 209 -15.41 -15.90 58.31
N GLN C 210 -15.61 -15.56 57.03
CA GLN C 210 -16.02 -16.58 56.06
C GLN C 210 -14.91 -17.57 55.78
N THR C 211 -13.65 -17.13 55.82
CA THR C 211 -12.52 -18.04 55.63
C THR C 211 -12.41 -19.03 56.79
N THR C 212 -12.54 -18.53 58.03
CA THR C 212 -12.50 -19.42 59.18
C THR C 212 -13.71 -20.35 59.24
N LYS C 213 -14.87 -19.89 58.75
CA LYS C 213 -16.05 -20.75 58.71
C LYS C 213 -15.88 -21.88 57.71
N LEU C 214 -15.38 -21.57 56.51
CA LEU C 214 -15.19 -22.61 55.50
C LEU C 214 -14.05 -23.55 55.86
N GLN C 215 -13.03 -23.06 56.56
CA GLN C 215 -11.96 -23.94 57.02
C GLN C 215 -12.39 -24.82 58.18
N ASN C 216 -13.29 -24.33 59.05
CA ASN C 216 -13.82 -25.19 60.10
C ASN C 216 -14.82 -26.20 59.56
N GLN C 217 -15.52 -25.87 58.47
CA GLN C 217 -16.45 -26.81 57.87
C GLN C 217 -15.71 -27.89 57.09
N ILE C 218 -14.85 -27.49 56.16
CA ILE C 218 -14.09 -28.45 55.37
C ILE C 218 -12.91 -28.99 56.18
N SER D 57 -34.09 -2.87 58.23
CA SER D 57 -33.22 -1.76 57.83
C SER D 57 -31.83 -1.91 58.45
N PRO D 58 -30.79 -1.84 57.61
CA PRO D 58 -29.43 -2.10 58.09
C PRO D 58 -28.74 -0.90 58.74
N LYS D 59 -29.38 0.27 58.78
CA LYS D 59 -28.72 1.46 59.31
C LYS D 59 -29.65 2.24 60.24
N THR D 60 -30.40 1.55 61.09
CA THR D 60 -31.32 2.18 62.03
C THR D 60 -30.89 1.86 63.45
N TRP D 61 -30.76 2.89 64.27
CA TRP D 61 -30.36 2.75 65.67
C TRP D 61 -31.41 3.36 66.57
N GLN D 62 -31.59 2.76 67.75
CA GLN D 62 -32.51 3.27 68.75
C GLN D 62 -31.77 3.57 70.04
N MET D 63 -32.25 4.55 70.79
CA MET D 63 -31.58 4.94 72.03
C MET D 63 -32.54 4.97 73.21
N ASP D 64 -31.99 4.75 74.40
CA ASP D 64 -32.77 4.82 75.64
C ASP D 64 -31.83 5.07 76.80
N CYS D 65 -32.41 5.35 77.97
CA CYS D 65 -31.66 5.64 79.18
C CYS D 65 -32.31 4.95 80.38
N THR D 66 -31.50 4.69 81.41
CA THR D 66 -31.97 4.03 82.62
C THR D 66 -31.11 4.46 83.80
N HIS D 67 -31.48 3.97 84.99
CA HIS D 67 -30.78 4.28 86.23
C HIS D 67 -30.28 3.00 86.87
N LEU D 68 -29.09 3.07 87.48
CA LEU D 68 -28.51 1.94 88.20
C LEU D 68 -27.49 2.47 89.18
N GLU D 69 -27.65 2.10 90.47
CA GLU D 69 -26.76 2.46 91.58
C GLU D 69 -26.59 3.97 91.72
N GLY D 70 -27.67 4.71 91.47
CA GLY D 70 -27.62 6.16 91.53
C GLY D 70 -27.01 6.83 90.32
N LYS D 71 -26.60 6.07 89.32
CA LYS D 71 -26.02 6.62 88.10
C LYS D 71 -27.09 6.67 87.01
N VAL D 72 -26.69 7.17 85.85
CA VAL D 72 -27.54 7.19 84.66
C VAL D 72 -26.76 6.55 83.53
N ILE D 73 -27.31 5.47 82.96
CA ILE D 73 -26.69 4.75 81.85
C ILE D 73 -27.50 5.00 80.60
N ILE D 74 -26.82 5.17 79.46
CA ILE D 74 -27.49 5.36 78.19
C ILE D 74 -27.08 4.22 77.26
N VAL D 75 -28.07 3.59 76.64
CA VAL D 75 -27.87 2.39 75.84
C VAL D 75 -28.39 2.67 74.43
N ALA D 76 -27.54 2.46 73.43
CA ALA D 76 -27.91 2.57 72.03
C ALA D 76 -27.82 1.19 71.39
N VAL D 77 -28.85 0.84 70.63
CA VAL D 77 -28.99 -0.51 70.07
C VAL D 77 -29.14 -0.42 68.56
N HIS D 78 -28.26 -1.13 67.85
CA HIS D 78 -28.51 -1.45 66.45
C HIS D 78 -29.57 -2.54 66.40
N VAL D 79 -30.67 -2.23 65.72
CA VAL D 79 -31.91 -2.99 65.87
C VAL D 79 -31.87 -4.28 65.07
N ALA D 80 -31.34 -4.22 63.85
CA ALA D 80 -31.40 -5.35 62.93
C ALA D 80 -30.51 -6.52 63.34
N SER D 81 -29.59 -6.32 64.27
CA SER D 81 -28.70 -7.38 64.73
C SER D 81 -28.54 -7.42 66.24
N GLY D 82 -29.11 -6.48 66.97
CA GLY D 82 -28.98 -6.48 68.43
C GLY D 82 -27.61 -6.11 68.92
N TYR D 83 -27.06 -4.99 68.47
CA TYR D 83 -25.72 -4.58 68.87
C TYR D 83 -25.81 -3.45 69.89
N ILE D 84 -25.24 -3.66 71.08
CA ILE D 84 -25.41 -2.76 72.21
C ILE D 84 -24.13 -1.96 72.41
N GLU D 85 -24.25 -0.64 72.41
CA GLU D 85 -23.21 0.25 72.89
C GLU D 85 -23.77 1.09 74.04
N ALA D 86 -23.15 0.98 75.20
CA ALA D 86 -23.68 1.63 76.39
C ALA D 86 -22.58 2.45 77.06
N GLU D 87 -22.97 3.59 77.64
CA GLU D 87 -22.04 4.46 78.33
C GLU D 87 -22.69 5.00 79.60
N VAL D 88 -21.84 5.45 80.52
CA VAL D 88 -22.25 5.96 81.82
C VAL D 88 -22.21 7.48 81.76
N LEU D 89 -23.35 8.13 82.00
CA LEU D 89 -23.33 9.58 81.95
C LEU D 89 -23.21 10.17 83.36
N PRO D 90 -22.32 11.16 83.53
CA PRO D 90 -22.27 11.87 84.82
C PRO D 90 -23.40 12.88 84.99
N ALA D 91 -24.13 13.21 83.93
CA ALA D 91 -25.25 14.13 84.02
C ALA D 91 -26.25 13.79 82.91
N GLU D 92 -27.47 14.31 83.06
CA GLU D 92 -28.53 14.08 82.09
C GLU D 92 -28.80 15.32 81.23
N THR D 93 -27.77 16.12 80.99
CA THR D 93 -27.92 17.29 80.13
C THR D 93 -27.77 16.89 78.66
N GLY D 94 -28.05 17.85 77.79
CA GLY D 94 -28.00 17.58 76.35
C GLY D 94 -26.60 17.55 75.77
N LYS D 95 -25.63 18.15 76.46
CA LYS D 95 -24.26 18.22 75.94
C LYS D 95 -23.61 16.85 75.88
N GLU D 96 -23.64 16.11 77.00
CA GLU D 96 -23.03 14.78 77.03
C GLU D 96 -23.84 13.78 76.22
N THR D 97 -25.16 13.99 76.10
CA THR D 97 -25.97 13.15 75.24
C THR D 97 -25.60 13.32 73.77
N ALA D 98 -25.43 14.58 73.34
CA ALA D 98 -24.98 14.83 71.97
C ALA D 98 -23.55 14.40 71.76
N HIS D 99 -22.73 14.43 72.81
CA HIS D 99 -21.36 13.94 72.69
C HIS D 99 -21.32 12.42 72.50
N PHE D 100 -22.18 11.69 73.23
CA PHE D 100 -22.28 10.25 73.04
C PHE D 100 -22.84 9.91 71.67
N LEU D 101 -23.82 10.69 71.20
CA LEU D 101 -24.35 10.49 69.85
C LEU D 101 -23.29 10.78 68.78
N LEU D 102 -22.41 11.76 69.04
CA LEU D 102 -21.34 12.06 68.09
C LEU D 102 -20.30 10.96 68.07
N LYS D 103 -19.99 10.37 69.22
CA LYS D 103 -19.06 9.24 69.27
C LYS D 103 -19.65 8.01 68.58
N LEU D 104 -20.96 7.78 68.74
CA LEU D 104 -21.61 6.68 68.03
C LEU D 104 -21.65 6.92 66.54
N ALA D 105 -21.84 8.17 66.11
CA ALA D 105 -21.83 8.49 64.69
C ALA D 105 -20.43 8.44 64.10
N ALA D 106 -19.40 8.66 64.91
CA ALA D 106 -18.03 8.59 64.42
C ALA D 106 -17.51 7.17 64.36
N ARG D 107 -18.02 6.27 65.20
CA ARG D 107 -17.54 4.89 65.21
C ARG D 107 -18.27 4.01 64.21
N TRP D 108 -19.60 4.11 64.14
CA TRP D 108 -20.42 3.29 63.27
C TRP D 108 -21.31 4.14 62.37
N PRO D 109 -21.62 3.67 61.15
CA PRO D 109 -22.50 4.45 60.27
C PRO D 109 -23.95 4.47 60.72
N VAL D 110 -24.39 5.61 61.24
CA VAL D 110 -25.77 5.81 61.68
C VAL D 110 -26.46 6.70 60.65
N LYS D 111 -27.54 6.19 60.06
CA LYS D 111 -28.25 6.91 59.01
C LYS D 111 -29.67 7.25 59.46
N HIS D 112 -30.18 6.53 60.45
CA HIS D 112 -31.54 6.75 60.95
C HIS D 112 -31.54 6.49 62.45
N LEU D 113 -32.05 7.44 63.22
CA LEU D 113 -32.07 7.36 64.67
C LEU D 113 -33.50 7.45 65.18
N HIS D 114 -33.81 6.64 66.18
CA HIS D 114 -35.13 6.64 66.81
C HIS D 114 -34.97 6.78 68.32
N THR D 115 -35.61 7.80 68.89
CA THR D 115 -35.54 8.08 70.31
C THR D 115 -36.95 8.27 70.85
N ASP D 116 -37.03 8.64 72.12
CA ASP D 116 -38.28 8.96 72.78
C ASP D 116 -38.36 10.47 73.01
N ASN D 117 -39.51 10.93 73.49
CA ASN D 117 -39.75 12.35 73.73
C ASN D 117 -39.29 12.70 75.13
N GLY D 118 -37.97 12.63 75.34
CA GLY D 118 -37.37 12.98 76.61
C GLY D 118 -36.99 14.45 76.68
N ASP D 119 -36.34 14.79 77.79
CA ASP D 119 -35.90 16.16 78.00
C ASP D 119 -34.51 16.44 77.41
N ASN D 120 -33.62 15.45 77.44
CA ASN D 120 -32.30 15.62 76.84
C ASN D 120 -32.24 15.16 75.39
N PHE D 121 -33.23 14.39 74.94
CA PHE D 121 -33.33 14.03 73.53
C PHE D 121 -33.96 15.13 72.69
N THR D 122 -34.52 16.15 73.31
CA THR D 122 -35.05 17.32 72.61
C THR D 122 -34.14 18.50 72.98
N SER D 123 -33.06 18.66 72.21
CA SER D 123 -32.08 19.68 72.52
C SER D 123 -31.48 20.23 71.23
N SER D 124 -31.06 21.49 71.30
CA SER D 124 -30.45 22.14 70.15
C SER D 124 -29.08 21.56 69.84
N ALA D 125 -28.37 21.06 70.85
CA ALA D 125 -27.08 20.42 70.62
C ALA D 125 -27.26 19.09 69.89
N VAL D 126 -28.29 18.33 70.26
CA VAL D 126 -28.60 17.08 69.56
C VAL D 126 -29.06 17.37 68.14
N GLN D 127 -29.82 18.45 67.94
CA GLN D 127 -30.22 18.85 66.59
C GLN D 127 -29.02 19.29 65.75
N ALA D 128 -28.05 19.95 66.39
CA ALA D 128 -26.85 20.39 65.67
C ALA D 128 -25.97 19.21 65.27
N VAL D 129 -25.83 18.23 66.17
CA VAL D 129 -25.02 17.05 65.86
C VAL D 129 -25.70 16.20 64.78
N CYS D 130 -27.03 16.07 64.85
CA CYS D 130 -27.76 15.33 63.82
C CYS D 130 -27.73 16.03 62.47
N TRP D 131 -27.74 17.37 62.48
CA TRP D 131 -27.61 18.11 61.22
C TRP D 131 -26.20 17.99 60.65
N TRP D 132 -25.18 18.02 61.51
CA TRP D 132 -23.81 17.94 61.04
C TRP D 132 -23.46 16.54 60.54
N ALA D 133 -24.08 15.51 61.10
CA ALA D 133 -23.81 14.14 60.70
C ALA D 133 -24.87 13.57 59.76
N GLN D 134 -25.85 14.39 59.35
CA GLN D 134 -26.89 14.03 58.37
C GLN D 134 -27.73 12.84 58.84
N ILE D 135 -28.27 12.95 60.04
CA ILE D 135 -29.04 11.87 60.67
C ILE D 135 -30.51 12.25 60.67
N GLU D 136 -31.36 11.31 60.22
CA GLU D 136 -32.80 11.46 60.30
C GLU D 136 -33.26 11.01 61.67
N HIS D 137 -33.73 11.96 62.48
CA HIS D 137 -34.08 11.72 63.87
C HIS D 137 -35.60 11.65 64.01
N THR D 138 -36.10 10.52 64.51
CA THR D 138 -37.53 10.32 64.70
C THR D 138 -37.83 10.10 66.17
N PHE D 139 -39.03 10.52 66.58
CA PHE D 139 -39.51 10.37 67.94
C PHE D 139 -40.57 9.27 68.00
N GLY D 140 -40.59 8.54 69.12
CA GLY D 140 -41.57 7.49 69.31
C GLY D 140 -42.17 7.50 70.70
N VAL D 150 -37.81 -3.84 72.48
CA VAL D 150 -36.48 -4.32 72.09
C VAL D 150 -35.43 -3.78 73.06
N VAL D 151 -35.42 -2.46 73.23
CA VAL D 151 -34.43 -1.82 74.08
C VAL D 151 -34.69 -2.15 75.55
N GLU D 152 -35.96 -2.36 75.92
CA GLU D 152 -36.27 -2.74 77.29
C GLU D 152 -35.81 -4.17 77.58
N SER D 153 -35.93 -5.07 76.60
CA SER D 153 -35.42 -6.43 76.76
C SER D 153 -33.90 -6.43 76.81
N MET D 154 -33.25 -5.57 76.01
CA MET D 154 -31.80 -5.46 76.08
C MET D 154 -31.33 -4.84 77.38
N ASN D 155 -32.13 -3.92 77.95
CA ASN D 155 -31.80 -3.34 79.24
C ASN D 155 -31.96 -4.37 80.36
N HIS D 156 -32.97 -5.23 80.24
CA HIS D 156 -33.16 -6.31 81.21
C HIS D 156 -32.01 -7.32 81.13
N GLN D 157 -31.60 -7.67 79.91
CA GLN D 157 -30.45 -8.57 79.73
C GLN D 157 -29.16 -7.94 80.26
N LEU D 158 -28.98 -6.65 80.02
CA LEU D 158 -27.78 -5.96 80.49
C LEU D 158 -27.72 -5.87 82.01
N LYS D 159 -28.88 -5.65 82.64
CA LYS D 159 -28.92 -5.59 84.11
C LYS D 159 -28.69 -6.97 84.73
N THR D 160 -29.17 -8.03 84.08
CA THR D 160 -28.93 -9.38 84.60
C THR D 160 -27.46 -9.77 84.47
N ILE D 161 -26.81 -9.39 83.37
CA ILE D 161 -25.38 -9.68 83.24
C ILE D 161 -24.56 -8.83 84.21
N ILE D 162 -25.00 -7.59 84.47
CA ILE D 162 -24.35 -6.72 85.46
C ILE D 162 -24.43 -7.35 86.85
N THR D 163 -25.59 -7.88 87.21
CA THR D 163 -25.70 -8.59 88.48
C THR D 163 -24.99 -9.93 88.47
N GLN D 164 -24.70 -10.49 87.29
CA GLN D 164 -23.98 -11.76 87.24
C GLN D 164 -22.50 -11.60 87.52
N ILE D 165 -21.85 -10.58 86.95
CA ILE D 165 -20.41 -10.43 87.15
C ILE D 165 -20.08 -9.16 87.93
N ARG D 166 -20.96 -8.80 88.88
CA ARG D 166 -20.71 -7.63 89.72
C ARG D 166 -19.53 -7.83 90.65
N ASP D 167 -19.29 -9.07 91.09
CA ASP D 167 -18.33 -9.36 92.15
C ASP D 167 -16.86 -9.31 91.68
N GLN D 168 -16.62 -9.01 90.40
CA GLN D 168 -15.26 -8.85 89.91
C GLN D 168 -14.87 -7.41 89.61
N ALA D 169 -15.82 -6.48 89.69
CA ALA D 169 -15.57 -5.08 89.37
C ALA D 169 -15.63 -4.24 90.62
N GLU D 170 -14.67 -3.32 90.74
CA GLU D 170 -14.65 -2.38 91.86
C GLU D 170 -15.65 -1.25 91.64
N LYS D 171 -15.47 -0.50 90.55
CA LYS D 171 -16.39 0.58 90.20
C LYS D 171 -17.61 0.03 89.47
N ILE D 172 -18.44 0.96 88.99
CA ILE D 172 -19.64 0.58 88.25
C ILE D 172 -19.40 0.52 86.75
N GLU D 173 -18.53 1.39 86.21
CA GLU D 173 -18.32 1.47 84.77
C GLU D 173 -17.60 0.25 84.24
N THR D 174 -16.75 -0.37 85.06
CA THR D 174 -16.08 -1.61 84.66
C THR D 174 -17.09 -2.73 84.49
N ALA D 175 -18.07 -2.83 85.40
CA ALA D 175 -19.10 -3.85 85.28
C ALA D 175 -20.02 -3.59 84.10
N VAL D 176 -20.27 -2.31 83.79
CA VAL D 176 -21.11 -1.95 82.65
C VAL D 176 -20.43 -2.34 81.34
N GLN D 177 -19.14 -2.01 81.19
CA GLN D 177 -18.44 -2.32 79.96
C GLN D 177 -18.18 -3.82 79.81
N MET D 178 -17.99 -4.53 80.93
CA MET D 178 -17.83 -5.97 80.85
C MET D 178 -19.14 -6.65 80.48
N ALA D 179 -20.28 -6.11 80.94
CA ALA D 179 -21.57 -6.64 80.52
C ALA D 179 -21.83 -6.37 79.04
N VAL D 180 -21.37 -5.23 78.54
CA VAL D 180 -21.48 -4.93 77.11
C VAL D 180 -20.64 -5.91 76.29
N LEU D 181 -19.42 -6.23 76.77
CA LEU D 181 -18.57 -7.19 76.06
C LEU D 181 -19.15 -8.60 76.09
N ILE D 182 -19.75 -8.99 77.22
CA ILE D 182 -20.33 -10.33 77.34
C ILE D 182 -21.56 -10.47 76.43
N HIS D 183 -22.43 -9.46 76.42
CA HIS D 183 -23.60 -9.51 75.55
C HIS D 183 -23.25 -9.42 74.07
N ASN D 184 -22.19 -8.70 73.73
CA ASN D 184 -21.82 -8.56 72.33
C ASN D 184 -21.12 -9.79 71.76
N PHE D 185 -20.20 -10.40 72.50
CA PHE D 185 -19.36 -11.44 71.91
C PHE D 185 -19.44 -12.81 72.59
N LYS D 186 -20.08 -12.92 73.76
CA LYS D 186 -20.05 -14.17 74.49
C LYS D 186 -21.41 -14.84 74.67
N ARG D 187 -22.46 -14.33 74.04
CA ARG D 187 -23.78 -14.95 74.08
C ARG D 187 -24.17 -15.33 72.67
N LYS D 188 -23.76 -16.53 72.25
CA LYS D 188 -24.08 -17.04 70.93
C LYS D 188 -25.44 -17.74 70.98
N GLY D 189 -26.39 -17.21 70.25
CA GLY D 189 -27.72 -17.78 70.16
C GLY D 189 -28.28 -17.61 68.77
N GLY D 190 -29.56 -17.33 68.68
CA GLY D 190 -30.17 -17.11 67.38
C GLY D 190 -30.45 -18.42 66.64
N ILE D 191 -30.56 -18.29 65.33
CA ILE D 191 -30.89 -19.42 64.46
C ILE D 191 -29.60 -20.09 63.98
N GLY D 192 -28.75 -19.33 63.30
CA GLY D 192 -27.52 -19.87 62.77
C GLY D 192 -26.45 -20.15 63.80
N GLY D 193 -26.60 -19.60 65.01
CA GLY D 193 -25.60 -19.79 66.03
C GLY D 193 -24.53 -18.72 65.99
N TYR D 194 -24.93 -17.48 65.70
CA TYR D 194 -24.01 -16.37 65.61
C TYR D 194 -24.18 -15.45 66.81
N SER D 195 -23.11 -14.71 67.12
CA SER D 195 -23.15 -13.65 68.12
C SER D 195 -23.73 -12.38 67.48
N ALA D 196 -23.64 -11.26 68.19
CA ALA D 196 -24.19 -10.02 67.66
C ALA D 196 -23.20 -9.31 66.74
N GLY D 197 -21.91 -9.40 67.07
CA GLY D 197 -20.90 -8.73 66.25
C GLY D 197 -20.75 -9.33 64.87
N GLU D 198 -20.87 -10.67 64.79
CA GLU D 198 -20.84 -11.33 63.49
C GLU D 198 -22.05 -10.95 62.65
N ARG D 199 -23.21 -10.77 63.30
CA ARG D 199 -24.42 -10.40 62.57
C ARG D 199 -24.34 -8.99 62.02
N ILE D 200 -23.85 -8.02 62.82
CA ILE D 200 -23.79 -6.65 62.34
C ILE D 200 -22.72 -6.49 61.26
N ILE D 201 -21.60 -7.23 61.38
CA ILE D 201 -20.56 -7.17 60.36
C ILE D 201 -21.05 -7.77 59.04
N ASP D 202 -21.79 -8.88 59.11
CA ASP D 202 -22.30 -9.53 57.90
C ASP D 202 -23.36 -8.68 57.20
N ILE D 203 -24.22 -8.01 57.97
CA ILE D 203 -25.29 -7.20 57.40
C ILE D 203 -24.72 -5.98 56.67
N ILE D 204 -23.80 -5.27 57.33
CA ILE D 204 -23.23 -4.07 56.71
C ILE D 204 -22.35 -4.43 55.51
N ALA D 205 -21.65 -5.58 55.57
CA ALA D 205 -20.83 -6.01 54.45
C ALA D 205 -21.66 -6.38 53.23
N SER D 206 -22.84 -6.99 53.46
CA SER D 206 -23.69 -7.35 52.33
C SER D 206 -24.29 -6.13 51.65
N ASP D 207 -24.72 -5.13 52.44
CA ASP D 207 -25.28 -3.92 51.85
C ASP D 207 -24.23 -3.11 51.08
N LEU D 208 -23.02 -3.01 51.65
CA LEU D 208 -21.95 -2.30 50.95
C LEU D 208 -21.50 -3.03 49.70
N GLN D 209 -21.56 -4.36 49.70
CA GLN D 209 -21.19 -5.13 48.52
C GLN D 209 -22.18 -4.89 47.38
N THR D 210 -23.47 -4.75 47.71
CA THR D 210 -24.48 -4.47 46.69
C THR D 210 -24.25 -3.10 46.03
N THR D 211 -24.08 -2.06 46.86
CA THR D 211 -23.91 -0.71 46.31
C THR D 211 -22.60 -0.56 45.54
N LYS D 212 -21.51 -1.15 46.05
CA LYS D 212 -20.25 -1.04 45.35
C LYS D 212 -20.22 -1.88 44.08
N LEU D 213 -20.99 -2.96 43.99
CA LEU D 213 -21.14 -3.68 42.72
C LEU D 213 -21.78 -2.80 41.67
N GLN D 214 -22.85 -2.10 42.06
CA GLN D 214 -23.57 -1.25 41.11
C GLN D 214 -22.72 -0.07 40.62
N ASN D 215 -21.77 0.39 41.44
CA ASN D 215 -20.86 1.43 40.95
C ASN D 215 -19.68 0.85 40.16
N GLN D 216 -19.18 -0.32 40.55
CA GLN D 216 -17.96 -0.84 39.94
C GLN D 216 -18.18 -1.35 38.53
N ILE D 217 -19.43 -1.64 38.14
CA ILE D 217 -19.69 -2.02 36.75
C ILE D 217 -19.34 -0.89 35.79
N SER D 218 -19.84 0.32 36.07
CA SER D 218 -19.48 1.46 35.23
C SER D 218 -18.02 1.87 35.42
N LYS D 219 -17.49 1.67 36.63
CA LYS D 219 -16.09 2.01 36.89
C LYS D 219 -15.13 1.13 36.09
N ILE D 220 -15.51 -0.13 35.84
CA ILE D 220 -14.68 -0.97 34.98
C ILE D 220 -15.02 -0.77 33.49
N GLN D 221 -16.19 -0.19 33.18
CA GLN D 221 -16.52 0.12 31.80
C GLN D 221 -16.01 1.48 31.35
N ASN D 222 -15.29 2.20 32.21
CA ASN D 222 -14.72 3.50 31.85
C ASN D 222 -13.29 3.40 31.29
N PHE D 223 -12.92 2.29 30.65
CA PHE D 223 -11.59 2.12 30.08
C PHE D 223 -11.63 2.19 28.56
N ARG D 224 -10.44 2.15 27.95
CA ARG D 224 -10.30 2.22 26.50
C ARG D 224 -9.38 1.12 25.99
N VAL D 225 -9.71 0.55 24.85
CA VAL D 225 -9.00 -0.58 24.27
C VAL D 225 -8.65 -0.28 22.81
N TYR D 226 -7.37 -0.36 22.48
CA TYR D 226 -6.90 -0.30 21.11
C TYR D 226 -6.59 -1.72 20.65
N PHE D 227 -7.33 -2.21 19.66
CA PHE D 227 -7.26 -3.60 19.26
C PHE D 227 -6.75 -3.72 17.83
N ARG D 228 -6.47 -4.96 17.43
CA ARG D 228 -5.94 -5.27 16.11
C ARG D 228 -6.73 -6.43 15.51
N GLU D 229 -7.14 -6.28 14.26
CA GLU D 229 -7.98 -7.27 13.59
C GLU D 229 -7.14 -8.13 12.64
N GLY D 230 -7.81 -8.99 11.88
CA GLY D 230 -7.14 -9.92 11.01
C GLY D 230 -6.64 -9.31 9.71
N ARG D 231 -5.32 -9.45 9.47
CA ARG D 231 -4.64 -9.01 8.25
C ARG D 231 -4.81 -7.51 7.98
N ASP D 232 -4.51 -6.70 8.99
CA ASP D 232 -4.50 -5.25 8.86
C ASP D 232 -3.53 -4.70 9.90
N GLN D 233 -2.50 -3.98 9.43
CA GLN D 233 -1.39 -3.58 10.28
C GLN D 233 -1.58 -2.22 10.92
N GLN D 234 -2.82 -1.79 11.13
CA GLN D 234 -3.11 -0.51 11.76
C GLN D 234 -3.99 -0.74 12.98
N TRP D 235 -3.61 -0.11 14.10
CA TRP D 235 -4.35 -0.24 15.34
C TRP D 235 -5.65 0.55 15.25
N LYS D 236 -6.76 -0.08 15.61
CA LYS D 236 -8.07 0.52 15.46
C LYS D 236 -8.35 1.52 16.58
N GLY D 237 -9.57 2.05 16.59
CA GLY D 237 -9.93 3.11 17.49
C GLY D 237 -10.18 2.60 18.90
N PRO D 238 -10.41 3.55 19.82
CA PRO D 238 -10.61 3.19 21.24
C PRO D 238 -11.98 2.62 21.54
N ALA D 239 -12.16 1.31 21.34
CA ALA D 239 -13.40 0.66 21.74
C ALA D 239 -13.46 0.52 23.25
N THR D 240 -14.67 0.28 23.76
CA THR D 240 -14.89 0.23 25.21
C THR D 240 -14.74 -1.19 25.72
N LEU D 241 -14.04 -1.33 26.85
CA LEU D 241 -13.82 -2.63 27.48
C LEU D 241 -15.09 -3.08 28.20
N ILE D 242 -15.39 -4.38 28.11
CA ILE D 242 -16.49 -4.99 28.85
C ILE D 242 -15.98 -5.95 29.91
N TRP D 243 -15.14 -6.91 29.51
CA TRP D 243 -14.59 -7.87 30.45
C TRP D 243 -13.24 -8.35 29.92
N LYS D 244 -12.28 -8.51 30.82
CA LYS D 244 -10.93 -8.94 30.47
C LYS D 244 -10.70 -10.33 31.03
N GLY D 245 -10.77 -11.34 30.16
CA GLY D 245 -10.55 -12.72 30.56
C GLY D 245 -9.06 -13.07 30.60
N GLU D 246 -8.81 -14.37 30.67
CA GLU D 246 -7.42 -14.83 30.69
C GLU D 246 -6.80 -14.86 29.31
N GLY D 247 -7.56 -15.28 28.30
CA GLY D 247 -7.04 -15.35 26.94
C GLY D 247 -7.94 -14.70 25.91
N ALA D 248 -8.94 -13.94 26.38
CA ALA D 248 -9.88 -13.28 25.47
C ALA D 248 -10.37 -12.00 26.12
N VAL D 249 -10.60 -10.98 25.29
CA VAL D 249 -11.07 -9.67 25.72
C VAL D 249 -12.35 -9.35 24.96
N VAL D 250 -13.40 -9.02 25.69
CA VAL D 250 -14.68 -8.65 25.10
C VAL D 250 -14.76 -7.13 25.04
N ILE D 251 -14.91 -6.59 23.83
CA ILE D 251 -15.00 -5.16 23.64
C ILE D 251 -16.32 -4.82 22.96
N GLN D 252 -16.72 -3.56 23.10
CA GLN D 252 -17.88 -3.00 22.42
C GLN D 252 -17.39 -1.87 21.53
N ASP D 253 -17.67 -1.97 20.24
CA ASP D 253 -17.22 -1.00 19.23
C ASP D 253 -18.39 -0.68 18.32
N GLY D 254 -18.88 0.57 18.39
CA GLY D 254 -19.96 1.04 17.56
C GLY D 254 -21.26 0.28 17.76
N GLN D 255 -21.59 0.00 19.02
CA GLN D 255 -22.70 -0.87 19.43
C GLN D 255 -22.59 -2.27 18.81
N ASP D 256 -21.38 -2.78 18.66
CA ASP D 256 -21.14 -4.14 18.19
C ASP D 256 -20.17 -4.81 19.15
N LEU D 257 -20.62 -5.90 19.79
CA LEU D 257 -19.79 -6.62 20.73
C LEU D 257 -18.96 -7.66 19.99
N LYS D 258 -17.68 -7.76 20.34
CA LYS D 258 -16.82 -8.76 19.72
C LYS D 258 -15.76 -9.20 20.71
N VAL D 259 -15.08 -10.29 20.35
CA VAL D 259 -14.08 -10.93 21.20
C VAL D 259 -12.76 -10.95 20.44
N VAL D 260 -11.72 -10.37 21.04
CA VAL D 260 -10.39 -10.36 20.45
C VAL D 260 -9.45 -11.15 21.35
N PRO D 261 -8.39 -11.76 20.82
CA PRO D 261 -7.44 -12.46 21.69
C PRO D 261 -6.64 -11.49 22.56
N ARG D 262 -5.91 -12.08 23.52
CA ARG D 262 -5.18 -11.26 24.49
C ARG D 262 -3.95 -10.62 23.86
N ARG D 263 -3.37 -11.25 22.85
CA ARG D 263 -2.14 -10.75 22.23
C ARG D 263 -2.40 -9.74 21.12
N LYS D 264 -3.60 -9.17 21.03
CA LYS D 264 -3.94 -8.20 19.99
C LYS D 264 -4.62 -6.96 20.56
N CYS D 265 -4.41 -6.66 21.84
CA CYS D 265 -5.10 -5.56 22.50
C CYS D 265 -4.14 -4.78 23.38
N LYS D 266 -4.40 -3.48 23.49
CA LYS D 266 -3.71 -2.60 24.44
C LYS D 266 -4.77 -1.84 25.22
N ILE D 267 -4.74 -1.95 26.54
CA ILE D 267 -5.77 -1.37 27.40
C ILE D 267 -5.19 -0.15 28.09
N ILE D 268 -5.68 1.03 27.72
CA ILE D 268 -5.23 2.29 28.29
C ILE D 268 -6.43 2.97 28.95
N LYS D 269 -6.14 3.77 29.98
CA LYS D 269 -7.13 4.70 30.50
C LYS D 269 -7.12 6.04 29.79
N ASP D 270 -5.96 6.42 29.21
CA ASP D 270 -5.81 7.51 28.24
C ASP D 270 -6.24 8.86 28.82
N TYR D 271 -5.46 9.33 29.78
CA TYR D 271 -5.71 10.63 30.39
C TYR D 271 -5.44 11.74 29.38
N GLY D 272 -6.48 12.15 28.65
CA GLY D 272 -6.33 13.15 27.62
C GLY D 272 -7.28 12.94 26.45
N ILE E 204 -21.63 -57.33 5.41
CA ILE E 204 -20.23 -57.52 5.13
C ILE E 204 -19.77 -56.54 4.05
N ILE E 205 -20.57 -56.42 3.00
CA ILE E 205 -20.25 -55.49 1.91
C ILE E 205 -20.67 -54.07 2.27
N ALA E 206 -21.74 -53.93 3.06
CA ALA E 206 -22.20 -52.60 3.46
C ALA E 206 -21.22 -51.93 4.41
N SER E 207 -20.64 -52.71 5.34
CA SER E 207 -19.60 -52.19 6.22
C SER E 207 -18.35 -51.81 5.43
N ASP E 208 -18.06 -52.54 4.35
CA ASP E 208 -16.95 -52.17 3.47
C ASP E 208 -17.24 -50.87 2.72
N LEU E 209 -18.51 -50.64 2.37
CA LEU E 209 -18.89 -49.40 1.71
C LEU E 209 -18.75 -48.20 2.64
N GLN E 210 -19.20 -48.35 3.89
CA GLN E 210 -19.05 -47.27 4.87
C GLN E 210 -17.58 -47.04 5.21
N THR E 211 -16.78 -48.11 5.23
CA THR E 211 -15.35 -47.98 5.49
C THR E 211 -14.64 -47.25 4.34
N THR E 212 -15.05 -47.52 3.10
CA THR E 212 -14.46 -46.80 1.98
C THR E 212 -14.87 -45.34 1.94
N LYS E 213 -16.11 -45.03 2.37
CA LYS E 213 -16.54 -43.64 2.50
C LYS E 213 -15.69 -42.90 3.53
N LEU E 214 -15.52 -43.50 4.71
CA LEU E 214 -14.75 -42.85 5.78
C LEU E 214 -13.27 -42.74 5.41
N GLN E 215 -12.71 -43.76 4.75
CA GLN E 215 -11.30 -43.72 4.38
C GLN E 215 -11.05 -42.73 3.24
N ASN E 216 -12.02 -42.55 2.33
CA ASN E 216 -11.86 -41.54 1.29
C ASN E 216 -11.90 -40.14 1.87
N GLN E 217 -12.79 -39.90 2.84
CA GLN E 217 -12.85 -38.59 3.49
C GLN E 217 -11.59 -38.31 4.31
N ILE E 218 -11.09 -39.33 5.03
CA ILE E 218 -9.88 -39.18 5.82
C ILE E 218 -8.66 -38.95 4.92
N SER E 219 -8.58 -39.65 3.79
CA SER E 219 -7.48 -39.44 2.86
C SER E 219 -7.58 -38.10 2.12
N LYS E 220 -8.76 -37.50 2.04
CA LYS E 220 -8.89 -36.20 1.38
C LYS E 220 -8.89 -35.02 2.34
N ILE E 221 -8.80 -35.26 3.65
CA ILE E 221 -8.70 -34.12 4.59
C ILE E 221 -7.35 -33.41 4.46
N GLN E 222 -6.25 -34.12 4.71
CA GLN E 222 -4.98 -33.46 5.00
C GLN E 222 -3.82 -34.09 4.25
N ASN E 223 -3.98 -34.26 2.93
CA ASN E 223 -2.89 -34.72 2.09
C ASN E 223 -2.35 -33.53 1.30
N PHE E 224 -1.42 -32.80 1.92
CA PHE E 224 -0.83 -31.60 1.34
C PHE E 224 0.67 -31.79 1.11
N ARG E 225 1.23 -30.96 0.25
CA ARG E 225 2.66 -30.89 0.04
C ARG E 225 3.15 -29.46 0.28
N VAL E 226 4.37 -29.33 0.81
CA VAL E 226 4.94 -28.03 1.16
C VAL E 226 6.34 -27.93 0.56
N TYR E 227 6.57 -26.89 -0.24
CA TYR E 227 7.90 -26.51 -0.69
C TYR E 227 8.38 -25.34 0.14
N PHE E 228 9.48 -25.53 0.86
CA PHE E 228 9.95 -24.56 1.85
C PHE E 228 11.27 -23.95 1.43
N ARG E 229 11.66 -22.89 2.12
CA ARG E 229 12.90 -22.17 1.85
C ARG E 229 13.60 -21.88 3.17
N GLU E 230 14.78 -22.48 3.37
CA GLU E 230 15.50 -22.33 4.62
C GLU E 230 17.00 -22.29 4.35
N GLY E 231 17.76 -22.02 5.41
CA GLY E 231 19.21 -22.01 5.34
C GLY E 231 19.77 -20.60 5.44
N ARG E 232 21.10 -20.54 5.50
CA ARG E 232 21.78 -19.25 5.48
C ARG E 232 21.68 -18.61 4.10
N ASP E 233 22.12 -19.34 3.07
CA ASP E 233 21.80 -18.98 1.69
C ASP E 233 20.40 -19.53 1.41
N GLN E 234 19.44 -18.64 1.17
CA GLN E 234 18.03 -19.01 1.12
C GLN E 234 17.76 -19.74 -0.19
N GLN E 235 17.87 -21.06 -0.14
CA GLN E 235 17.61 -21.93 -1.28
C GLN E 235 16.25 -22.59 -1.14
N TRP E 236 15.74 -23.11 -2.25
CA TRP E 236 14.48 -23.85 -2.24
C TRP E 236 14.76 -25.34 -2.21
N LYS E 237 13.99 -26.07 -1.41
CA LYS E 237 14.17 -27.51 -1.22
C LYS E 237 12.91 -28.26 -1.62
N GLY E 238 13.02 -29.59 -1.56
CA GLY E 238 12.00 -30.47 -2.08
C GLY E 238 10.73 -30.53 -1.26
N PRO E 239 9.85 -31.47 -1.60
CA PRO E 239 8.55 -31.56 -0.93
C PRO E 239 8.68 -32.15 0.47
N ALA E 240 7.70 -31.80 1.31
CA ALA E 240 7.62 -32.28 2.68
C ALA E 240 6.16 -32.37 3.06
N THR E 241 5.90 -32.90 4.25
CA THR E 241 4.53 -33.10 4.72
C THR E 241 4.17 -32.06 5.77
N LEU E 242 2.97 -31.50 5.64
CA LEU E 242 2.50 -30.48 6.56
C LEU E 242 1.87 -31.14 7.79
N ILE E 243 2.25 -30.69 8.98
CA ILE E 243 1.71 -31.22 10.24
C ILE E 243 0.76 -30.23 10.89
N TRP E 244 1.22 -29.02 11.16
CA TRP E 244 0.43 -28.00 11.84
C TRP E 244 0.57 -26.68 11.11
N LYS E 245 -0.55 -26.00 10.89
CA LYS E 245 -0.59 -24.75 10.14
C LYS E 245 -1.31 -23.69 10.98
N GLY E 246 -0.54 -22.81 11.60
CA GLY E 246 -1.10 -21.63 12.26
C GLY E 246 -0.85 -20.39 11.42
N GLU E 247 -1.43 -19.28 11.89
CA GLU E 247 -1.25 -18.01 11.19
C GLU E 247 0.14 -17.46 11.45
N GLY E 248 0.97 -17.41 10.41
CA GLY E 248 2.32 -16.90 10.49
C GLY E 248 3.39 -17.92 10.19
N ALA E 249 3.23 -19.15 10.68
CA ALA E 249 4.24 -20.18 10.47
C ALA E 249 3.58 -21.55 10.39
N VAL E 250 4.32 -22.50 9.80
CA VAL E 250 3.88 -23.89 9.68
C VAL E 250 4.98 -24.80 10.20
N VAL E 251 4.58 -26.03 10.51
CA VAL E 251 5.48 -27.08 10.97
C VAL E 251 5.46 -28.19 9.92
N ILE E 252 6.65 -28.54 9.43
CA ILE E 252 6.76 -29.51 8.35
C ILE E 252 7.63 -30.67 8.81
N GLN E 253 7.34 -31.85 8.27
CA GLN E 253 8.13 -33.05 8.47
C GLN E 253 8.83 -33.38 7.16
N ASP E 254 10.16 -33.45 7.20
CA ASP E 254 10.97 -33.80 6.04
C ASP E 254 12.11 -34.69 6.52
N GLY E 255 12.19 -35.90 5.96
CA GLY E 255 13.24 -36.85 6.33
C GLY E 255 13.20 -37.27 7.78
N GLN E 256 12.00 -37.40 8.34
CA GLN E 256 11.76 -37.61 9.78
C GLN E 256 12.42 -36.52 10.62
N ASP E 257 12.35 -35.28 10.14
CA ASP E 257 12.84 -34.13 10.88
C ASP E 257 11.78 -33.05 10.88
N LEU E 258 11.51 -32.49 12.06
CA LEU E 258 10.51 -31.44 12.20
C LEU E 258 11.18 -30.08 12.08
N LYS E 259 10.64 -29.23 11.21
CA LYS E 259 11.16 -27.89 11.02
C LYS E 259 10.00 -26.89 11.12
N VAL E 260 10.33 -25.69 11.58
CA VAL E 260 9.37 -24.60 11.70
C VAL E 260 9.74 -23.54 10.68
N VAL E 261 8.87 -23.32 9.70
CA VAL E 261 9.13 -22.39 8.61
C VAL E 261 7.98 -21.40 8.56
N PRO E 262 8.24 -20.09 8.45
CA PRO E 262 7.13 -19.12 8.31
C PRO E 262 6.41 -19.28 6.98
N ARG E 263 5.15 -18.84 6.96
CA ARG E 263 4.31 -18.97 5.77
C ARG E 263 4.77 -18.09 4.62
N ARG E 264 5.59 -17.07 4.89
CA ARG E 264 6.14 -16.21 3.87
C ARG E 264 7.23 -16.89 3.06
N LYS E 265 7.81 -17.97 3.56
CA LYS E 265 8.91 -18.67 2.88
C LYS E 265 8.54 -20.13 2.59
N CYS E 266 7.27 -20.39 2.33
CA CYS E 266 6.82 -21.73 1.97
C CYS E 266 5.59 -21.62 1.08
N LYS E 267 5.39 -22.65 0.27
CA LYS E 267 4.22 -22.74 -0.61
C LYS E 267 3.56 -24.09 -0.40
N ILE E 268 2.25 -24.06 -0.17
CA ILE E 268 1.46 -25.26 0.14
C ILE E 268 0.66 -25.62 -1.09
N ILE E 269 0.98 -26.76 -1.71
CA ILE E 269 0.26 -27.30 -2.84
C ILE E 269 -0.76 -28.31 -2.32
N LYS E 270 -2.03 -28.07 -2.64
CA LYS E 270 -3.13 -28.91 -2.20
C LYS E 270 -3.41 -29.99 -3.25
N ASP E 271 -4.53 -30.69 -3.11
CA ASP E 271 -4.97 -31.67 -4.07
C ASP E 271 -6.40 -31.37 -4.47
N TYR E 272 -6.74 -31.69 -5.72
CA TYR E 272 -8.06 -31.39 -6.27
C TYR E 272 -9.12 -32.32 -5.70
N GLY F 1 14.61 30.97 10.31
CA GLY F 1 13.53 31.03 11.26
C GLY F 1 13.16 32.45 11.64
N PHE F 2 12.03 32.61 12.33
CA PHE F 2 11.56 33.92 12.76
C PHE F 2 11.74 34.17 14.24
N LEU F 3 12.68 33.46 14.89
CA LEU F 3 12.93 33.68 16.32
C LEU F 3 13.57 35.03 16.58
N ASP F 4 14.51 35.43 15.71
CA ASP F 4 15.05 36.78 15.77
C ASP F 4 13.99 37.81 15.41
N GLY F 5 13.02 37.42 14.57
CA GLY F 5 11.87 38.28 14.32
C GLY F 5 11.01 38.49 15.55
N ILE F 6 10.87 37.45 16.38
CA ILE F 6 10.11 37.59 17.63
C ILE F 6 10.85 38.50 18.61
N GLU F 7 12.17 38.38 18.67
CA GLU F 7 12.96 39.26 19.54
C GLU F 7 12.90 40.71 19.06
N LYS F 8 13.01 40.93 17.74
CA LYS F 8 12.91 42.29 17.20
C LYS F 8 11.50 42.85 17.34
N ALA F 9 10.47 42.00 17.28
CA ALA F 9 9.12 42.47 17.50
C ALA F 9 8.89 42.87 18.95
N GLN F 10 9.52 42.17 19.90
CA GLN F 10 9.44 42.57 21.29
C GLN F 10 10.12 43.91 21.53
N GLU F 11 11.29 44.13 20.91
CA GLU F 11 11.97 45.42 21.04
C GLU F 11 11.18 46.54 20.37
N GLU F 12 10.60 46.26 19.19
CA GLU F 12 9.88 47.29 18.46
C GLU F 12 8.57 47.66 19.14
N HIS F 13 7.88 46.69 19.77
CA HIS F 13 6.69 47.04 20.53
C HIS F 13 7.04 47.71 21.84
N GLU F 14 8.21 47.40 22.40
CA GLU F 14 8.64 48.10 23.61
C GLU F 14 8.97 49.55 23.33
N LYS F 15 9.39 49.87 22.10
CA LYS F 15 9.66 51.27 21.77
C LYS F 15 8.42 52.00 21.25
N TYR F 16 7.82 51.49 20.17
CA TYR F 16 6.83 52.25 19.42
C TYR F 16 5.38 51.82 19.64
N HIS F 17 5.15 50.66 20.27
CA HIS F 17 3.82 50.11 20.58
C HIS F 17 2.98 49.92 19.31
N ASN F 18 3.45 49.03 18.45
CA ASN F 18 2.72 48.69 17.24
C ASN F 18 1.53 47.78 17.56
N ASN F 19 0.70 47.54 16.56
CA ASN F 19 -0.38 46.58 16.68
C ASN F 19 0.06 45.23 16.09
N TRP F 20 -0.83 44.23 16.20
CA TRP F 20 -0.42 42.85 15.95
C TRP F 20 -0.31 42.54 14.45
N ARG F 21 -1.24 43.05 13.64
CA ARG F 21 -1.20 42.75 12.21
C ARG F 21 -0.04 43.47 11.52
N ALA F 22 0.35 44.64 12.04
CA ALA F 22 1.49 45.36 11.48
C ALA F 22 2.80 44.61 11.71
N MET F 23 3.01 44.09 12.93
CA MET F 23 4.22 43.31 13.20
C MET F 23 4.19 41.97 12.49
N ALA F 24 3.00 41.38 12.33
CA ALA F 24 2.90 40.09 11.65
C ALA F 24 3.15 40.24 10.16
N GLU F 25 2.86 41.41 9.59
CA GLU F 25 3.13 41.63 8.17
C GLU F 25 4.54 42.15 7.94
N ASP F 26 5.13 42.82 8.94
CA ASP F 26 6.48 43.34 8.75
C ASP F 26 7.55 42.30 9.06
N PHE F 27 7.56 41.74 10.28
CA PHE F 27 8.60 40.84 10.70
C PHE F 27 8.35 39.39 10.28
N GLN F 28 7.18 39.11 9.69
CA GLN F 28 6.80 37.81 9.13
C GLN F 28 6.84 36.70 10.18
N ILE F 29 6.15 36.95 11.30
CA ILE F 29 5.93 35.96 12.35
C ILE F 29 4.48 35.52 12.20
N PRO F 30 4.06 34.38 12.76
CA PRO F 30 2.64 34.03 12.73
C PRO F 30 1.82 34.96 13.62
N GLN F 31 0.50 34.87 13.45
CA GLN F 31 -0.38 35.85 14.08
C GLN F 31 -0.62 35.56 15.56
N VAL F 32 -0.41 34.32 16.00
CA VAL F 32 -0.66 33.98 17.40
C VAL F 32 0.42 34.60 18.30
N VAL F 33 1.68 34.56 17.87
CA VAL F 33 2.75 35.12 18.70
C VAL F 33 2.70 36.65 18.67
N ALA F 34 2.24 37.24 17.56
CA ALA F 34 2.09 38.69 17.50
C ALA F 34 0.94 39.16 18.37
N LYS F 35 -0.18 38.42 18.36
CA LYS F 35 -1.29 38.73 19.26
C LYS F 35 -0.90 38.54 20.72
N GLU F 36 -0.02 37.57 21.02
CA GLU F 36 0.43 37.38 22.39
C GLU F 36 1.37 38.49 22.82
N ILE F 37 2.19 39.01 21.89
CA ILE F 37 3.07 40.13 22.19
C ILE F 37 2.26 41.38 22.51
N VAL F 38 1.18 41.62 21.76
CA VAL F 38 0.31 42.74 22.06
C VAL F 38 -0.47 42.49 23.35
N ALA F 39 -0.81 41.23 23.63
CA ALA F 39 -1.57 40.90 24.83
C ALA F 39 -0.76 41.07 26.11
N GLN F 40 0.55 40.83 26.05
CA GLN F 40 1.37 40.95 27.26
C GLN F 40 1.65 42.39 27.68
N CYS F 41 1.38 43.37 26.82
CA CYS F 41 1.63 44.76 27.19
C CYS F 41 0.57 45.24 28.15
N PRO F 42 0.94 45.85 29.28
CA PRO F 42 -0.08 46.36 30.21
C PRO F 42 -0.73 47.65 29.74
N LYS F 43 -0.10 48.37 28.81
CA LYS F 43 -0.65 49.62 28.33
C LYS F 43 -1.47 49.45 27.05
N CYS F 44 -1.14 48.46 26.22
CA CYS F 44 -1.83 48.23 24.97
C CYS F 44 -3.03 47.31 25.17
N GLN F 45 -3.81 47.15 24.11
CA GLN F 45 -4.99 46.30 24.12
C GLN F 45 -5.27 45.86 22.69
N VAL F 46 -5.42 44.56 22.49
CA VAL F 46 -5.61 44.01 21.14
C VAL F 46 -7.02 44.32 20.67
N LYS F 47 -7.13 44.99 19.53
CA LYS F 47 -8.42 45.37 18.97
C LYS F 47 -8.40 45.34 17.45
N GLY I 1 1.87 34.63 29.31
CA GLY I 1 1.98 34.18 27.95
C GLY I 1 2.85 32.94 27.82
N PHE I 2 3.58 32.84 26.70
CA PHE I 2 4.45 31.70 26.47
C PHE I 2 5.79 32.10 25.87
N LEU I 3 6.21 33.36 26.03
CA LEU I 3 7.47 33.80 25.45
C LEU I 3 8.66 33.23 26.20
N ASP I 4 8.58 33.18 27.54
CA ASP I 4 9.58 32.46 28.31
C ASP I 4 9.54 30.97 28.03
N GLY I 5 8.35 30.44 27.69
CA GLY I 5 8.28 29.08 27.20
C GLY I 5 9.01 28.87 25.90
N ILE I 6 8.99 29.87 25.01
CA ILE I 6 9.72 29.77 23.74
C ILE I 6 11.23 29.77 23.98
N GLU I 7 11.69 30.65 24.88
CA GLU I 7 13.12 30.70 25.18
C GLU I 7 13.60 29.42 25.89
N LYS I 8 12.82 28.92 26.83
CA LYS I 8 13.18 27.68 27.51
C LYS I 8 13.10 26.47 26.59
N ALA I 9 12.17 26.48 25.62
CA ALA I 9 12.12 25.39 24.66
C ALA I 9 13.30 25.44 23.71
N GLN I 10 13.80 26.64 23.38
CA GLN I 10 15.00 26.75 22.55
C GLN I 10 16.22 26.19 23.26
N GLU I 11 16.37 26.50 24.55
CA GLU I 11 17.49 25.95 25.31
C GLU I 11 17.35 24.45 25.52
N GLU I 12 16.11 23.98 25.73
CA GLU I 12 15.89 22.56 25.96
C GLU I 12 16.09 21.74 24.69
N HIS I 13 15.76 22.30 23.53
CA HIS I 13 16.10 21.62 22.28
C HIS I 13 17.59 21.72 21.98
N GLU I 14 18.24 22.78 22.45
CA GLU I 14 19.69 22.89 22.28
C GLU I 14 20.43 21.84 23.09
N LYS I 15 19.83 21.38 24.18
CA LYS I 15 20.47 20.37 25.02
C LYS I 15 20.02 18.94 24.69
N TYR I 16 18.71 18.72 24.55
CA TYR I 16 18.15 17.38 24.52
C TYR I 16 17.71 16.90 23.14
N HIS I 17 17.47 17.84 22.20
CA HIS I 17 16.99 17.56 20.84
C HIS I 17 15.65 16.81 20.85
N ASN I 18 14.62 17.48 21.36
CA ASN I 18 13.27 16.93 21.36
C ASN I 18 12.64 17.05 19.97
N ASN I 19 11.54 16.35 19.78
CA ASN I 19 10.68 16.60 18.63
C ASN I 19 9.67 17.68 19.00
N TRP I 20 8.83 18.07 18.03
CA TRP I 20 7.99 19.24 18.22
C TRP I 20 6.82 19.00 19.16
N ARG I 21 6.32 17.76 19.23
CA ARG I 21 5.15 17.48 20.07
C ARG I 21 5.50 17.53 21.54
N ALA I 22 6.71 17.12 21.91
CA ALA I 22 7.14 17.15 23.31
C ALA I 22 7.26 18.58 23.81
N MET I 23 7.82 19.48 23.01
CA MET I 23 7.93 20.87 23.42
C MET I 23 6.58 21.56 23.41
N ALA I 24 5.74 21.27 22.41
CA ALA I 24 4.41 21.88 22.34
C ALA I 24 3.48 21.38 23.43
N GLU I 25 3.76 20.23 24.05
CA GLU I 25 2.93 19.78 25.16
C GLU I 25 3.54 20.12 26.52
N ASP I 26 4.86 20.25 26.62
CA ASP I 26 5.45 20.58 27.92
C ASP I 26 5.40 22.08 28.20
N PHE I 27 5.71 22.90 27.20
CA PHE I 27 5.83 24.34 27.43
C PHE I 27 4.61 25.14 26.98
N GLN I 28 3.59 24.46 26.44
CA GLN I 28 2.29 25.05 26.07
C GLN I 28 2.43 26.15 25.03
N ILE I 29 3.38 26.00 24.11
CA ILE I 29 3.55 26.91 22.98
C ILE I 29 2.75 26.34 21.82
N PRO I 30 2.30 27.16 20.86
CA PRO I 30 1.60 26.60 19.70
C PRO I 30 2.53 25.80 18.81
N GLN I 31 1.92 24.95 17.99
CA GLN I 31 2.66 23.93 17.25
C GLN I 31 3.50 24.49 16.12
N VAL I 32 3.15 25.66 15.57
CA VAL I 32 3.94 26.24 14.49
C VAL I 32 5.29 26.73 15.01
N VAL I 33 5.32 27.23 16.24
CA VAL I 33 6.57 27.70 16.82
C VAL I 33 7.48 26.52 17.15
N ALA I 34 6.90 25.43 17.65
CA ALA I 34 7.69 24.24 17.94
C ALA I 34 8.21 23.57 16.67
N LYS I 35 7.40 23.57 15.61
CA LYS I 35 7.85 23.05 14.33
C LYS I 35 8.97 23.90 13.74
N GLU I 36 8.92 25.22 13.94
CA GLU I 36 9.99 26.07 13.44
C GLU I 36 11.27 25.88 14.25
N ILE I 37 11.13 25.66 15.56
CA ILE I 37 12.28 25.39 16.42
C ILE I 37 12.97 24.09 16.01
N VAL I 38 12.19 23.07 15.67
CA VAL I 38 12.77 21.83 15.16
C VAL I 38 13.37 22.04 13.77
N ALA I 39 12.73 22.87 12.94
CA ALA I 39 13.21 23.08 11.57
C ALA I 39 14.50 23.90 11.50
N GLN I 40 14.84 24.65 12.54
CA GLN I 40 16.05 25.46 12.53
C GLN I 40 17.23 24.78 13.22
N CYS I 41 17.31 23.45 13.15
CA CYS I 41 18.41 22.71 13.76
C CYS I 41 19.16 21.90 12.71
N PRO I 42 20.48 22.03 12.61
CA PRO I 42 21.23 21.23 11.63
C PRO I 42 21.55 19.82 12.09
N LYS I 43 21.59 19.55 13.40
CA LYS I 43 21.83 18.19 13.88
C LYS I 43 20.64 17.29 13.59
N CYS I 44 19.45 17.87 13.50
CA CYS I 44 18.24 17.21 13.02
C CYS I 44 18.23 17.18 11.50
N GLN I 45 17.04 17.00 10.92
CA GLN I 45 16.78 16.96 9.47
C GLN I 45 17.50 15.79 8.82
N VAL I 46 17.12 14.58 9.24
CA VAL I 46 17.62 13.37 8.59
C VAL I 46 16.46 12.47 8.20
N LYS I 47 15.93 12.70 6.99
CA LYS I 47 14.75 12.01 6.47
C LYS I 47 14.54 12.40 5.00
N GLY I 48 13.98 11.49 4.20
CA GLY I 48 13.60 11.81 2.84
C GLY I 48 12.28 12.56 2.77
N GLU I 49 11.56 12.34 1.68
CA GLU I 49 10.23 12.92 1.54
C GLU I 49 9.17 11.89 1.12
N ALA I 50 9.57 10.64 0.93
CA ALA I 50 8.68 9.49 0.67
C ALA I 50 7.85 9.67 -0.60
N MET I 51 8.55 9.68 -1.74
CA MET I 51 7.91 9.68 -3.04
C MET I 51 8.81 8.94 -4.02
N HIS I 52 8.22 8.52 -5.15
CA HIS I 52 8.93 7.78 -6.17
C HIS I 52 8.76 8.46 -7.52
N GLY I 53 9.76 8.30 -8.38
CA GLY I 53 9.74 8.85 -9.72
C GLY I 53 9.12 7.91 -10.73
N GLN I 54 9.17 8.30 -12.00
CA GLN I 54 8.64 7.53 -13.10
C GLN I 54 9.58 7.64 -14.29
N VAL I 55 10.15 6.51 -14.72
CA VAL I 55 11.18 6.52 -15.74
C VAL I 55 10.55 6.72 -17.12
N ASP I 56 11.41 7.00 -18.10
CA ASP I 56 10.97 7.28 -19.46
C ASP I 56 10.45 6.02 -20.13
N ALA I 57 9.39 6.16 -20.92
CA ALA I 57 8.75 5.04 -21.61
C ALA I 57 8.43 5.42 -23.05
N SER I 58 9.38 6.07 -23.71
CA SER I 58 9.24 6.39 -25.12
C SER I 58 9.36 5.11 -25.94
N PRO I 59 8.73 5.05 -27.15
CA PRO I 59 8.72 3.80 -27.90
C PRO I 59 10.02 3.45 -28.61
N LYS I 60 11.07 4.24 -28.41
CA LYS I 60 12.39 3.94 -28.95
C LYS I 60 13.49 4.18 -27.93
N THR I 61 13.28 3.73 -26.70
CA THR I 61 14.24 3.93 -25.62
C THR I 61 14.71 2.57 -25.09
N TRP I 62 16.03 2.40 -25.00
CA TRP I 62 16.63 1.16 -24.52
C TRP I 62 17.47 1.45 -23.28
N GLN I 63 17.55 0.47 -22.39
CA GLN I 63 18.38 0.56 -21.20
C GLN I 63 19.38 -0.59 -21.19
N MET I 64 20.59 -0.32 -20.69
CA MET I 64 21.65 -1.32 -20.76
C MET I 64 22.35 -1.46 -19.41
N ASP I 65 22.79 -2.69 -19.11
CA ASP I 65 23.52 -2.96 -17.88
C ASP I 65 24.38 -4.20 -18.07
N CYS I 66 25.27 -4.44 -17.12
CA CYS I 66 26.15 -5.61 -17.09
C CYS I 66 26.07 -6.26 -15.71
N THR I 67 26.10 -7.59 -15.70
CA THR I 67 26.00 -8.37 -14.47
C THR I 67 26.98 -9.54 -14.52
N HIS I 68 27.11 -10.22 -13.37
CA HIS I 68 28.02 -11.34 -13.21
C HIS I 68 27.25 -12.61 -12.91
N LEU I 69 27.72 -13.73 -13.45
CA LEU I 69 27.14 -15.05 -13.18
C LEU I 69 28.19 -16.10 -13.48
N GLU I 70 28.52 -16.92 -12.48
CA GLU I 70 29.50 -18.02 -12.58
C GLU I 70 30.87 -17.55 -13.06
N GLY I 71 31.26 -16.35 -12.64
CA GLY I 71 32.51 -15.77 -13.07
C GLY I 71 32.53 -15.21 -14.47
N LYS I 72 31.40 -15.22 -15.17
CA LYS I 72 31.28 -14.65 -16.50
C LYS I 72 30.63 -13.28 -16.40
N VAL I 73 30.71 -12.53 -17.50
CA VAL I 73 30.16 -11.18 -17.58
C VAL I 73 29.04 -11.18 -18.61
N ILE I 74 27.81 -11.10 -18.16
CA ILE I 74 26.64 -11.00 -19.03
C ILE I 74 26.32 -9.53 -19.23
N ILE I 75 25.84 -9.18 -20.42
CA ILE I 75 25.41 -7.82 -20.70
C ILE I 75 23.98 -7.88 -21.24
N VAL I 76 23.10 -7.09 -20.66
CA VAL I 76 21.66 -7.14 -20.93
C VAL I 76 21.21 -5.79 -21.45
N ALA I 77 20.47 -5.80 -22.55
CA ALA I 77 19.83 -4.61 -23.10
C ALA I 77 18.34 -4.87 -23.21
N VAL I 78 17.53 -3.91 -22.76
CA VAL I 78 16.10 -4.09 -22.66
C VAL I 78 15.38 -2.94 -23.34
N HIS I 79 14.48 -3.26 -24.27
CA HIS I 79 13.51 -2.31 -24.78
C HIS I 79 12.41 -2.13 -23.74
N VAL I 80 12.17 -0.88 -23.36
CA VAL I 80 11.44 -0.55 -22.13
C VAL I 80 9.94 -0.69 -22.31
N ALA I 81 9.40 -0.15 -23.42
CA ALA I 81 7.95 -0.04 -23.57
C ALA I 81 7.26 -1.38 -23.82
N SER I 82 8.02 -2.43 -24.09
CA SER I 82 7.46 -3.76 -24.28
C SER I 82 8.10 -4.81 -23.39
N GLY I 83 9.35 -4.63 -22.99
CA GLY I 83 10.04 -5.64 -22.22
C GLY I 83 10.86 -6.61 -23.04
N TYR I 84 11.54 -6.13 -24.07
CA TYR I 84 12.23 -7.02 -24.99
C TYR I 84 13.70 -7.12 -24.62
N ILE I 85 14.17 -8.36 -24.44
CA ILE I 85 15.49 -8.62 -23.86
C ILE I 85 16.42 -9.14 -24.95
N GLU I 86 17.58 -8.50 -25.09
CA GLU I 86 18.72 -9.07 -25.78
C GLU I 86 19.87 -9.18 -24.80
N ALA I 87 20.64 -10.26 -24.89
CA ALA I 87 21.68 -10.52 -23.91
C ALA I 87 22.85 -11.22 -24.58
N GLU I 88 24.06 -10.91 -24.11
CA GLU I 88 25.26 -11.54 -24.63
C GLU I 88 26.23 -11.81 -23.49
N VAL I 89 27.29 -12.55 -23.81
CA VAL I 89 28.34 -12.90 -22.86
C VAL I 89 29.65 -12.30 -23.37
N LEU I 90 30.28 -11.48 -22.53
CA LEU I 90 31.53 -10.83 -22.94
C LEU I 90 32.73 -11.54 -22.34
N PRO I 91 33.87 -11.54 -23.05
CA PRO I 91 35.10 -12.09 -22.45
C PRO I 91 35.69 -11.17 -21.39
N ALA I 92 35.49 -9.86 -21.50
CA ALA I 92 35.98 -8.91 -20.52
C ALA I 92 35.01 -7.75 -20.43
N GLU I 93 35.25 -6.86 -19.46
CA GLU I 93 34.38 -5.71 -19.22
C GLU I 93 34.97 -4.42 -19.75
N THR I 94 35.64 -4.48 -20.89
CA THR I 94 36.26 -3.30 -21.50
C THR I 94 35.23 -2.51 -22.28
N GLY I 95 35.70 -1.53 -23.05
CA GLY I 95 34.81 -0.65 -23.79
C GLY I 95 34.56 -1.08 -25.22
N LYS I 96 35.50 -1.84 -25.79
CA LYS I 96 35.37 -2.26 -27.19
C LYS I 96 34.26 -3.29 -27.36
N GLU I 97 34.12 -4.20 -26.41
CA GLU I 97 33.03 -5.18 -26.48
C GLU I 97 31.68 -4.53 -26.29
N THR I 98 31.59 -3.53 -25.40
CA THR I 98 30.32 -2.82 -25.21
C THR I 98 29.99 -1.97 -26.43
N ALA I 99 30.99 -1.38 -27.07
CA ALA I 99 30.76 -0.62 -28.29
C ALA I 99 30.32 -1.52 -29.44
N HIS I 100 30.91 -2.72 -29.54
CA HIS I 100 30.52 -3.66 -30.58
C HIS I 100 29.12 -4.20 -30.36
N PHE I 101 28.76 -4.47 -29.10
CA PHE I 101 27.41 -4.94 -28.79
C PHE I 101 26.38 -3.85 -29.05
N LEU I 102 26.71 -2.59 -28.73
CA LEU I 102 25.82 -1.49 -29.02
C LEU I 102 25.67 -1.25 -30.51
N LEU I 103 26.73 -1.48 -31.28
CA LEU I 103 26.64 -1.34 -32.74
C LEU I 103 25.78 -2.43 -33.36
N LYS I 104 25.88 -3.66 -32.84
CA LYS I 104 25.01 -4.74 -33.31
C LYS I 104 23.55 -4.49 -32.97
N LEU I 105 23.28 -4.00 -31.75
CA LEU I 105 21.92 -3.69 -31.36
C LEU I 105 21.35 -2.52 -32.15
N ALA I 106 22.18 -1.54 -32.48
CA ALA I 106 21.71 -0.42 -33.29
C ALA I 106 21.53 -0.82 -34.75
N ALA I 107 22.23 -1.85 -35.20
CA ALA I 107 22.04 -2.37 -36.55
C ALA I 107 20.80 -3.25 -36.67
N ARG I 108 20.38 -3.89 -35.59
CA ARG I 108 19.19 -4.74 -35.63
C ARG I 108 17.89 -3.96 -35.48
N TRP I 109 17.76 -3.16 -34.43
CA TRP I 109 16.54 -2.48 -34.06
C TRP I 109 16.76 -0.98 -34.06
N PRO I 110 15.71 -0.19 -34.35
CA PRO I 110 15.85 1.28 -34.33
C PRO I 110 16.01 1.80 -32.91
N VAL I 111 17.14 2.43 -32.64
CA VAL I 111 17.47 2.97 -31.33
C VAL I 111 17.66 4.47 -31.47
N LYS I 112 16.93 5.25 -30.67
CA LYS I 112 17.07 6.69 -30.64
C LYS I 112 17.36 7.26 -29.26
N HIS I 113 17.37 6.44 -28.22
CA HIS I 113 17.64 6.89 -26.87
C HIS I 113 18.18 5.73 -26.06
N LEU I 114 19.33 5.93 -25.42
CA LEU I 114 19.99 4.90 -24.62
C LEU I 114 20.18 5.42 -23.21
N HIS I 115 19.89 4.59 -22.22
CA HIS I 115 20.01 4.94 -20.81
C HIS I 115 20.93 3.95 -20.12
N THR I 116 21.93 4.47 -19.41
CA THR I 116 22.93 3.65 -18.73
C THR I 116 23.25 4.27 -17.38
N ASP I 117 24.09 3.56 -16.62
CA ASP I 117 24.63 4.08 -15.37
C ASP I 117 25.98 4.75 -15.64
N ASN I 118 26.72 5.06 -14.58
CA ASN I 118 28.00 5.75 -14.67
C ASN I 118 29.18 4.81 -14.55
N GLY I 119 29.10 3.64 -15.20
CA GLY I 119 30.21 2.71 -15.16
C GLY I 119 31.40 3.18 -15.96
N ASP I 120 32.52 2.46 -15.80
CA ASP I 120 33.76 2.87 -16.46
C ASP I 120 33.78 2.46 -17.93
N ASN I 121 32.94 1.50 -18.33
CA ASN I 121 32.91 1.05 -19.72
C ASN I 121 31.84 1.74 -20.54
N PHE I 122 30.75 2.19 -19.92
CA PHE I 122 29.72 2.90 -20.65
C PHE I 122 30.12 4.33 -20.98
N THR I 123 31.05 4.92 -20.22
CA THR I 123 31.57 6.24 -20.51
C THR I 123 32.98 6.12 -21.10
N SER I 124 33.02 5.94 -22.42
CA SER I 124 34.28 5.73 -23.10
C SER I 124 34.23 6.33 -24.49
N SER I 125 35.41 6.46 -25.11
CA SER I 125 35.52 7.09 -26.42
C SER I 125 34.94 6.21 -27.52
N ALA I 126 35.05 4.88 -27.38
CA ALA I 126 34.50 3.98 -28.38
C ALA I 126 32.97 4.00 -28.37
N VAL I 127 32.38 4.01 -27.17
CA VAL I 127 30.92 4.12 -27.06
C VAL I 127 30.44 5.49 -27.53
N GLN I 128 31.24 6.53 -27.29
CA GLN I 128 30.88 7.86 -27.76
C GLN I 128 30.96 7.94 -29.28
N ALA I 129 31.93 7.26 -29.89
CA ALA I 129 32.05 7.26 -31.35
C ALA I 129 30.93 6.46 -32.00
N VAL I 130 30.52 5.35 -31.38
CA VAL I 130 29.40 4.56 -31.90
C VAL I 130 28.10 5.34 -31.77
N CYS I 131 27.89 6.02 -30.65
CA CYS I 131 26.70 6.84 -30.47
C CYS I 131 26.67 8.03 -31.43
N TRP I 132 27.84 8.60 -31.75
CA TRP I 132 27.88 9.69 -32.71
C TRP I 132 27.59 9.21 -34.13
N TRP I 133 28.11 8.03 -34.49
CA TRP I 133 27.91 7.54 -35.84
C TRP I 133 26.49 7.03 -36.06
N ALA I 134 25.87 6.49 -35.01
CA ALA I 134 24.53 5.94 -35.14
C ALA I 134 23.44 6.90 -34.67
N GLN I 135 23.82 8.10 -34.21
CA GLN I 135 22.91 9.18 -33.81
C GLN I 135 21.98 8.74 -32.68
N ILE I 136 22.58 8.36 -31.56
CA ILE I 136 21.86 7.87 -30.39
C ILE I 136 22.11 8.85 -29.25
N GLU I 137 21.04 9.26 -28.58
CA GLU I 137 21.13 10.12 -27.41
C GLU I 137 21.46 9.28 -26.19
N HIS I 138 22.68 9.42 -25.68
CA HIS I 138 23.16 8.63 -24.56
C HIS I 138 23.00 9.43 -23.27
N THR I 139 22.26 8.88 -22.32
CA THR I 139 22.02 9.53 -21.05
C THR I 139 22.42 8.62 -19.89
N PHE I 140 22.88 9.24 -18.82
CA PHE I 140 23.37 8.54 -17.64
C PHE I 140 22.46 8.79 -16.45
N GLY I 141 22.49 7.87 -15.50
CA GLY I 141 21.75 8.04 -14.27
C GLY I 141 22.56 8.71 -13.18
N VAL I 142 21.89 8.96 -12.06
CA VAL I 142 22.55 9.51 -10.88
C VAL I 142 23.49 8.45 -10.30
N PRO I 143 24.71 8.81 -9.87
CA PRO I 143 25.60 7.81 -9.28
C PRO I 143 25.09 7.29 -7.95
N TYR I 144 25.31 5.99 -7.73
CA TYR I 144 24.88 5.25 -6.53
C TYR I 144 23.37 5.34 -6.32
N ASN I 145 22.61 5.23 -7.41
CA ASN I 145 21.15 5.20 -7.35
C ASN I 145 20.67 4.16 -8.36
N PRO I 146 20.59 2.89 -7.95
CA PRO I 146 20.22 1.83 -8.89
C PRO I 146 18.75 1.81 -9.27
N GLN I 147 17.90 2.57 -8.59
CA GLN I 147 16.48 2.61 -8.93
C GLN I 147 16.19 3.41 -10.19
N SER I 148 17.18 4.11 -10.74
CA SER I 148 16.95 4.87 -11.97
C SER I 148 16.72 3.94 -13.16
N GLN I 149 17.60 2.96 -13.34
CA GLN I 149 17.42 1.94 -14.37
C GLN I 149 16.84 0.66 -13.75
N GLY I 150 15.61 0.78 -13.25
CA GLY I 150 15.01 -0.34 -12.53
C GLY I 150 14.58 -1.48 -13.41
N VAL I 151 14.30 -1.20 -14.69
CA VAL I 151 13.79 -2.21 -15.61
C VAL I 151 14.85 -3.27 -15.90
N VAL I 152 16.09 -2.85 -16.13
CA VAL I 152 17.13 -3.81 -16.48
C VAL I 152 17.58 -4.63 -15.27
N GLU I 153 17.45 -4.10 -14.05
CA GLU I 153 17.74 -4.90 -12.87
C GLU I 153 16.65 -5.93 -12.61
N SER I 154 15.39 -5.55 -12.84
CA SER I 154 14.30 -6.52 -12.76
C SER I 154 14.45 -7.62 -13.81
N MET I 155 14.89 -7.24 -15.01
CA MET I 155 15.11 -8.25 -16.06
C MET I 155 16.33 -9.11 -15.76
N ASN I 156 17.31 -8.58 -15.01
CA ASN I 156 18.41 -9.41 -14.52
C ASN I 156 17.90 -10.48 -13.58
N HIS I 157 16.95 -10.13 -12.71
CA HIS I 157 16.38 -11.10 -11.78
C HIS I 157 15.59 -12.18 -12.52
N GLN I 158 14.79 -11.78 -13.51
CA GLN I 158 14.02 -12.75 -14.28
C GLN I 158 14.93 -13.68 -15.08
N LEU I 159 15.97 -13.12 -15.70
CA LEU I 159 16.89 -13.93 -16.51
C LEU I 159 17.68 -14.91 -15.64
N LYS I 160 18.05 -14.51 -14.43
CA LYS I 160 18.76 -15.42 -13.54
C LYS I 160 17.87 -16.55 -13.04
N THR I 161 16.58 -16.27 -12.81
CA THR I 161 15.67 -17.34 -12.40
C THR I 161 15.44 -18.34 -13.53
N ILE I 162 15.33 -17.86 -14.77
CA ILE I 162 15.15 -18.77 -15.90
C ILE I 162 16.43 -19.59 -16.14
N ILE I 163 17.60 -18.97 -15.98
CA ILE I 163 18.87 -19.68 -16.13
C ILE I 163 19.01 -20.78 -15.08
N THR I 164 18.59 -20.51 -13.85
CA THR I 164 18.58 -21.56 -12.84
C THR I 164 17.49 -22.60 -13.10
N GLN I 165 16.47 -22.28 -13.90
CA GLN I 165 15.44 -23.27 -14.19
C GLN I 165 15.87 -24.27 -15.26
N ILE I 166 16.60 -23.81 -16.29
CA ILE I 166 16.92 -24.70 -17.40
C ILE I 166 18.42 -24.94 -17.52
N ARG I 167 19.11 -24.99 -16.38
CA ARG I 167 20.57 -25.15 -16.41
C ARG I 167 21.00 -26.56 -16.82
N ASP I 168 20.20 -27.57 -16.50
CA ASP I 168 20.60 -28.96 -16.68
C ASP I 168 20.41 -29.48 -18.09
N GLN I 169 20.05 -28.62 -19.05
CA GLN I 169 19.87 -29.03 -20.43
C GLN I 169 20.98 -28.54 -21.35
N ALA I 170 21.98 -27.84 -20.82
CA ALA I 170 23.08 -27.33 -21.61
C ALA I 170 24.40 -27.65 -20.92
N GLU I 171 25.49 -27.57 -21.69
CA GLU I 171 26.82 -27.80 -21.15
C GLU I 171 27.48 -26.51 -20.71
N LYS I 172 27.63 -25.56 -21.62
CA LYS I 172 28.24 -24.28 -21.31
C LYS I 172 27.21 -23.31 -20.74
N ILE I 173 27.66 -22.10 -20.41
CA ILE I 173 26.75 -21.12 -19.83
C ILE I 173 26.20 -20.19 -20.92
N GLU I 174 26.87 -20.08 -22.07
CA GLU I 174 26.42 -19.19 -23.12
C GLU I 174 25.17 -19.74 -23.81
N THR I 175 25.14 -21.07 -24.01
CA THR I 175 23.95 -21.71 -24.57
C THR I 175 22.76 -21.56 -23.64
N ALA I 176 22.99 -21.65 -22.33
CA ALA I 176 21.92 -21.46 -21.35
C ALA I 176 21.43 -20.01 -21.33
N VAL I 177 22.33 -19.05 -21.59
CA VAL I 177 21.93 -17.65 -21.66
C VAL I 177 21.03 -17.41 -22.87
N GLN I 178 21.41 -17.95 -24.04
CA GLN I 178 20.60 -17.76 -25.24
C GLN I 178 19.27 -18.50 -25.15
N MET I 179 19.25 -19.68 -24.53
CA MET I 179 17.99 -20.39 -24.33
C MET I 179 17.09 -19.67 -23.34
N ALA I 180 17.67 -19.02 -22.31
CA ALA I 180 16.86 -18.24 -21.40
C ALA I 180 16.28 -17.00 -22.06
N VAL I 181 17.02 -16.41 -23.03
CA VAL I 181 16.49 -15.30 -23.80
C VAL I 181 15.31 -15.74 -24.65
N LEU I 182 15.41 -16.91 -25.28
CA LEU I 182 14.31 -17.43 -26.09
C LEU I 182 13.09 -17.77 -25.24
N ILE I 183 13.31 -18.36 -24.07
CA ILE I 183 12.21 -18.73 -23.18
C ILE I 183 11.50 -17.50 -22.64
N HIS I 184 12.26 -16.45 -22.30
CA HIS I 184 11.64 -15.22 -21.82
C HIS I 184 10.90 -14.49 -22.94
N ASN I 185 11.45 -14.50 -24.15
CA ASN I 185 10.85 -13.74 -25.23
C ASN I 185 9.55 -14.35 -25.75
N PHE I 186 9.54 -15.66 -26.05
CA PHE I 186 8.40 -16.22 -26.77
C PHE I 186 7.58 -17.24 -26.01
N LYS I 187 7.98 -17.65 -24.80
CA LYS I 187 7.26 -18.69 -24.08
C LYS I 187 6.61 -18.19 -22.79
N ARG I 188 6.54 -16.88 -22.57
CA ARG I 188 5.94 -16.32 -21.38
C ARG I 188 4.95 -15.22 -21.78
N LYS I 189 3.67 -15.45 -21.52
CA LYS I 189 2.64 -14.48 -21.85
C LYS I 189 2.07 -13.85 -20.59
N GLY I 190 1.33 -12.77 -20.77
CA GLY I 190 0.78 -12.03 -19.65
C GLY I 190 1.41 -10.66 -19.53
N GLY I 191 0.59 -9.64 -19.27
CA GLY I 191 1.10 -8.28 -19.20
C GLY I 191 0.07 -7.23 -19.55
N ILE I 192 0.41 -6.37 -20.51
CA ILE I 192 -0.49 -5.26 -20.87
C ILE I 192 -1.69 -5.78 -21.64
N GLY I 193 -1.45 -6.39 -22.81
CA GLY I 193 -2.52 -6.91 -23.62
C GLY I 193 -2.62 -8.42 -23.67
N GLY I 194 -1.98 -9.13 -22.75
CA GLY I 194 -1.93 -10.58 -22.84
C GLY I 194 -0.92 -11.10 -23.83
N TYR I 195 -0.02 -10.23 -24.29
CA TYR I 195 1.01 -10.61 -25.26
C TYR I 195 2.24 -11.15 -24.56
N SER I 196 3.16 -11.67 -25.35
CA SER I 196 4.53 -11.90 -24.92
C SER I 196 5.35 -10.65 -25.22
N ALA I 197 6.68 -10.78 -25.19
CA ALA I 197 7.52 -9.62 -25.46
C ALA I 197 7.63 -9.32 -26.95
N GLY I 198 7.75 -10.36 -27.78
CA GLY I 198 7.95 -10.14 -29.20
C GLY I 198 6.72 -9.59 -29.91
N GLU I 199 5.54 -10.11 -29.54
CA GLU I 199 4.29 -9.59 -30.09
C GLU I 199 4.04 -8.15 -29.66
N ARG I 200 4.46 -7.80 -28.44
CA ARG I 200 4.24 -6.45 -27.95
C ARG I 200 5.18 -5.44 -28.62
N ILE I 201 6.44 -5.81 -28.88
CA ILE I 201 7.33 -4.86 -29.54
C ILE I 201 6.97 -4.72 -31.02
N ILE I 202 6.48 -5.80 -31.64
CA ILE I 202 6.00 -5.73 -33.03
C ILE I 202 4.78 -4.83 -33.13
N ASP I 203 3.85 -4.97 -32.18
CA ASP I 203 2.64 -4.14 -32.16
C ASP I 203 2.96 -2.67 -31.91
N ILE I 204 3.94 -2.40 -31.05
CA ILE I 204 4.26 -1.02 -30.71
C ILE I 204 4.88 -0.29 -31.90
N ILE I 205 5.85 -0.91 -32.57
CA ILE I 205 6.53 -0.23 -33.67
C ILE I 205 5.61 -0.12 -34.89
N ALA I 206 4.78 -1.14 -35.14
CA ALA I 206 3.86 -1.08 -36.26
C ALA I 206 2.77 -0.03 -36.04
N SER I 207 2.28 0.10 -34.81
CA SER I 207 1.28 1.13 -34.53
C SER I 207 1.86 2.53 -34.61
N ASP I 208 3.13 2.70 -34.23
CA ASP I 208 3.79 4.00 -34.35
C ASP I 208 3.91 4.43 -35.80
N LEU I 209 4.38 3.52 -36.67
CA LEU I 209 4.52 3.84 -38.10
C LEU I 209 3.17 4.12 -38.76
N GLN I 210 2.16 3.30 -38.44
CA GLN I 210 0.85 3.47 -39.07
C GLN I 210 0.17 4.76 -38.62
N THR I 211 0.33 5.14 -37.34
CA THR I 211 -0.34 6.36 -36.91
C THR I 211 0.38 7.62 -37.39
N THR I 212 1.70 7.54 -37.65
CA THR I 212 2.39 8.68 -38.24
C THR I 212 1.95 8.90 -39.69
N LYS I 213 1.84 7.82 -40.46
CA LYS I 213 1.40 7.94 -41.85
C LYS I 213 -0.05 8.41 -41.93
N LEU I 214 -0.91 7.91 -41.03
CA LEU I 214 -2.32 8.29 -41.06
C LEU I 214 -2.52 9.75 -40.67
N GLN I 215 -1.80 10.24 -39.65
CA GLN I 215 -2.00 11.63 -39.27
C GLN I 215 -1.32 12.60 -40.24
N ASN I 216 -0.29 12.16 -40.98
CA ASN I 216 0.25 13.00 -42.04
C ASN I 216 -0.74 13.16 -43.19
N GLN I 217 -1.36 12.04 -43.61
CA GLN I 217 -2.32 12.10 -44.70
C GLN I 217 -3.60 12.82 -44.30
N ILE I 218 -3.94 12.82 -43.01
CA ILE I 218 -5.08 13.61 -42.55
C ILE I 218 -4.74 15.10 -42.54
N SER I 219 -3.60 15.45 -41.91
CA SER I 219 -3.29 16.86 -41.66
C SER I 219 -2.79 17.60 -42.89
N LYS I 220 -2.52 16.92 -44.01
CA LYS I 220 -2.04 17.65 -45.17
C LYS I 220 -3.15 18.33 -45.96
N ILE I 221 -4.41 18.06 -45.66
CA ILE I 221 -5.52 18.59 -46.44
C ILE I 221 -6.54 19.31 -45.56
N GLN I 222 -6.08 19.91 -44.46
CA GLN I 222 -6.99 20.50 -43.48
C GLN I 222 -7.28 21.96 -43.78
N ASN I 223 -8.21 22.51 -43.00
CA ASN I 223 -8.72 23.88 -43.12
C ASN I 223 -9.31 24.27 -41.77
N PHE I 224 -10.15 25.31 -41.76
CA PHE I 224 -10.91 25.79 -40.60
C PHE I 224 -9.98 26.24 -39.46
N ARG I 225 -9.30 27.36 -39.72
CA ARG I 225 -8.47 27.97 -38.69
C ARG I 225 -9.32 28.47 -37.53
N VAL I 226 -8.72 28.53 -36.35
CA VAL I 226 -9.43 28.83 -35.12
C VAL I 226 -8.70 29.93 -34.37
N TYR I 227 -9.42 31.01 -34.03
CA TYR I 227 -8.91 32.05 -33.16
C TYR I 227 -9.57 31.91 -31.80
N PHE I 228 -8.76 31.80 -30.76
CA PHE I 228 -9.23 31.48 -29.42
C PHE I 228 -8.77 32.54 -28.43
N ARG I 229 -9.43 32.55 -27.28
CA ARG I 229 -9.16 33.52 -26.21
C ARG I 229 -8.89 32.76 -24.92
N GLU I 230 -7.67 32.89 -24.41
CA GLU I 230 -7.30 32.24 -23.16
C GLU I 230 -6.36 33.15 -22.39
N GLY I 231 -5.94 32.70 -21.21
CA GLY I 231 -5.04 33.45 -20.36
C GLY I 231 -5.76 34.11 -19.20
N ARG I 232 -4.97 34.67 -18.29
CA ARG I 232 -5.53 35.40 -17.16
C ARG I 232 -6.15 36.72 -17.61
N ASP I 233 -5.64 37.30 -18.68
CA ASP I 233 -6.24 38.45 -19.33
C ASP I 233 -6.90 38.00 -20.63
N GLN I 234 -8.00 38.65 -20.99
CA GLN I 234 -8.79 38.26 -22.16
C GLN I 234 -8.15 38.84 -23.41
N GLN I 235 -7.03 38.23 -23.82
CA GLN I 235 -6.31 38.60 -25.01
C GLN I 235 -6.72 37.67 -26.15
N TRP I 236 -6.16 37.91 -27.34
CA TRP I 236 -6.46 37.09 -28.52
C TRP I 236 -5.16 36.64 -29.15
N LYS I 237 -5.05 35.36 -29.45
CA LYS I 237 -3.86 34.78 -30.05
C LYS I 237 -4.12 34.50 -31.54
N GLY I 238 -3.02 34.23 -32.26
CA GLY I 238 -3.05 34.23 -33.70
C GLY I 238 -3.64 32.98 -34.33
N PRO I 239 -3.15 32.62 -35.51
CA PRO I 239 -3.71 31.49 -36.26
C PRO I 239 -3.31 30.15 -35.65
N ALA I 240 -4.31 29.36 -35.26
CA ALA I 240 -4.09 28.02 -34.73
C ALA I 240 -4.86 27.02 -35.58
N THR I 241 -4.39 25.77 -35.57
CA THR I 241 -4.97 24.72 -36.40
C THR I 241 -5.98 23.92 -35.60
N LEU I 242 -7.16 23.70 -36.19
CA LEU I 242 -8.19 22.88 -35.56
C LEU I 242 -7.92 21.40 -35.85
N ILE I 243 -7.90 20.59 -34.79
CA ILE I 243 -7.61 19.18 -34.90
C ILE I 243 -8.87 18.34 -34.83
N TRP I 244 -9.68 18.52 -33.78
CA TRP I 244 -10.90 17.75 -33.61
C TRP I 244 -11.96 18.61 -32.97
N LYS I 245 -13.17 18.54 -33.51
CA LYS I 245 -14.31 19.31 -33.03
C LYS I 245 -15.19 18.39 -32.20
N GLY I 246 -15.14 18.54 -30.87
CA GLY I 246 -15.86 17.69 -29.96
C GLY I 246 -17.00 18.42 -29.26
N GLU I 247 -17.95 17.62 -28.77
CA GLU I 247 -19.12 18.15 -28.07
C GLU I 247 -18.69 18.54 -26.66
N GLY I 248 -18.25 19.78 -26.51
CA GLY I 248 -17.85 20.30 -25.22
C GLY I 248 -16.54 21.05 -25.24
N ALA I 249 -15.62 20.63 -26.12
CA ALA I 249 -14.32 21.29 -26.24
C ALA I 249 -13.77 21.00 -27.62
N VAL I 250 -12.74 21.76 -27.99
CA VAL I 250 -12.02 21.56 -29.25
C VAL I 250 -10.53 21.43 -28.95
N VAL I 251 -9.83 20.77 -29.86
CA VAL I 251 -8.39 20.55 -29.76
C VAL I 251 -7.72 21.46 -30.77
N ILE I 252 -6.82 22.32 -30.30
CA ILE I 252 -6.12 23.26 -31.16
C ILE I 252 -4.63 23.00 -31.08
N GLN I 253 -3.94 23.29 -32.18
CA GLN I 253 -2.49 23.22 -32.25
C GLN I 253 -1.95 24.62 -32.54
N ASP I 254 -1.06 25.09 -31.67
CA ASP I 254 -0.51 26.44 -31.77
C ASP I 254 0.97 26.37 -31.42
N GLY I 255 1.81 26.78 -32.36
CA GLY I 255 3.25 26.79 -32.15
C GLY I 255 3.85 25.42 -31.90
N GLN I 256 3.31 24.39 -32.56
CA GLN I 256 3.59 22.98 -32.30
C GLN I 256 3.36 22.62 -30.82
N ASP I 257 2.24 23.10 -30.27
CA ASP I 257 1.80 22.72 -28.94
C ASP I 257 0.30 22.44 -28.98
N LEU I 258 -0.12 21.35 -28.35
CA LEU I 258 -1.52 20.94 -28.38
C LEU I 258 -2.22 21.44 -27.12
N LYS I 259 -3.43 21.96 -27.28
CA LYS I 259 -4.20 22.48 -26.17
C LYS I 259 -5.68 22.12 -26.35
N VAL I 260 -6.39 22.06 -25.23
CA VAL I 260 -7.82 21.77 -25.22
C VAL I 260 -8.53 23.04 -24.74
N VAL I 261 -9.35 23.61 -25.61
CA VAL I 261 -10.05 24.86 -25.31
C VAL I 261 -11.54 24.60 -25.36
N PRO I 262 -12.33 25.05 -24.38
CA PRO I 262 -13.79 24.89 -24.46
C PRO I 262 -14.38 25.77 -25.55
N ARG I 263 -15.63 25.43 -25.92
CA ARG I 263 -16.24 26.03 -27.11
C ARG I 263 -16.76 27.44 -26.87
N ARG I 264 -16.71 27.94 -25.62
CA ARG I 264 -17.18 29.30 -25.37
C ARG I 264 -16.15 30.33 -25.77
N LYS I 265 -14.86 29.98 -25.76
CA LYS I 265 -13.77 30.93 -25.95
C LYS I 265 -13.03 30.72 -27.27
N CYS I 266 -13.74 30.35 -28.33
CA CYS I 266 -13.09 30.13 -29.61
C CYS I 266 -14.06 30.44 -30.74
N LYS I 267 -13.50 30.85 -31.88
CA LYS I 267 -14.28 31.12 -33.08
C LYS I 267 -13.53 30.57 -34.28
N ILE I 268 -14.26 29.89 -35.17
CA ILE I 268 -13.67 29.21 -36.32
C ILE I 268 -13.88 30.06 -37.56
N ILE I 269 -12.80 30.28 -38.31
CA ILE I 269 -12.82 30.98 -39.58
C ILE I 269 -12.41 29.99 -40.66
N LYS I 270 -13.25 29.85 -41.68
CA LYS I 270 -13.03 28.90 -42.76
C LYS I 270 -11.90 29.36 -43.69
N PHE J 2 -27.45 -3.31 -41.72
CA PHE J 2 -26.73 -4.48 -41.25
C PHE J 2 -26.87 -5.64 -42.23
N LEU J 3 -28.11 -6.13 -42.37
CA LEU J 3 -28.40 -7.19 -43.33
C LEU J 3 -28.21 -6.71 -44.76
N ASP J 4 -28.49 -5.43 -45.02
CA ASP J 4 -28.19 -4.86 -46.33
C ASP J 4 -26.69 -4.82 -46.60
N GLY J 5 -25.90 -4.53 -45.56
CA GLY J 5 -24.46 -4.57 -45.71
C GLY J 5 -23.92 -5.96 -45.94
N ILE J 6 -24.52 -6.97 -45.30
CA ILE J 6 -24.09 -8.35 -45.51
C ILE J 6 -24.44 -8.82 -46.92
N GLU J 7 -25.63 -8.45 -47.41
CA GLU J 7 -26.02 -8.85 -48.77
C GLU J 7 -25.21 -8.10 -49.82
N LYS J 8 -24.86 -6.84 -49.55
CA LYS J 8 -23.98 -6.11 -50.46
C LYS J 8 -22.57 -6.71 -50.48
N ALA J 9 -22.09 -7.16 -49.32
CA ALA J 9 -20.77 -7.80 -49.28
C ALA J 9 -20.78 -9.14 -49.99
N GLN J 10 -21.89 -9.87 -49.91
CA GLN J 10 -22.00 -11.15 -50.62
C GLN J 10 -22.04 -10.95 -52.13
N GLU J 11 -22.78 -9.94 -52.61
CA GLU J 11 -22.81 -9.66 -54.04
C GLU J 11 -21.47 -9.12 -54.53
N GLU J 12 -20.79 -8.32 -53.70
CA GLU J 12 -19.49 -7.79 -54.08
C GLU J 12 -18.43 -8.88 -54.14
N HIS J 13 -18.47 -9.84 -53.20
CA HIS J 13 -17.51 -10.93 -53.26
C HIS J 13 -17.84 -11.92 -54.37
N GLU J 14 -19.13 -12.05 -54.73
CA GLU J 14 -19.49 -12.85 -55.88
C GLU J 14 -18.99 -12.23 -57.18
N LYS J 15 -19.04 -10.90 -57.28
CA LYS J 15 -18.56 -10.24 -58.49
C LYS J 15 -17.05 -10.20 -58.57
N TYR J 16 -16.39 -9.62 -57.56
CA TYR J 16 -15.00 -9.21 -57.69
C TYR J 16 -14.01 -10.06 -56.88
N HIS J 17 -14.49 -10.88 -55.95
CA HIS J 17 -13.66 -11.74 -55.08
C HIS J 17 -12.65 -10.94 -54.27
N ASN J 18 -13.18 -10.10 -53.37
CA ASN J 18 -12.33 -9.26 -52.53
C ASN J 18 -11.69 -10.06 -51.40
N ASN J 19 -11.00 -9.35 -50.53
CA ASN J 19 -10.50 -9.90 -49.28
C ASN J 19 -11.42 -9.47 -48.13
N TRP J 20 -11.13 -9.99 -46.94
CA TRP J 20 -12.03 -9.74 -45.81
C TRP J 20 -11.76 -8.39 -45.14
N ARG J 21 -10.54 -7.88 -45.22
CA ARG J 21 -10.23 -6.59 -44.61
C ARG J 21 -10.91 -5.45 -45.33
N ALA J 22 -10.93 -5.49 -46.66
CA ALA J 22 -11.56 -4.43 -47.45
C ALA J 22 -13.07 -4.42 -47.26
N MET J 23 -13.69 -5.59 -47.18
CA MET J 23 -15.13 -5.66 -46.96
C MET J 23 -15.50 -5.24 -45.55
N ALA J 24 -14.67 -5.61 -44.56
CA ALA J 24 -14.95 -5.21 -43.18
C ALA J 24 -14.72 -3.72 -42.97
N GLU J 25 -13.85 -3.09 -43.77
CA GLU J 25 -13.67 -1.65 -43.66
C GLU J 25 -14.73 -0.87 -44.43
N ASP J 26 -15.15 -1.36 -45.60
CA ASP J 26 -16.11 -0.63 -46.42
C ASP J 26 -17.55 -0.85 -45.97
N PHE J 27 -18.00 -2.10 -45.93
CA PHE J 27 -19.41 -2.39 -45.69
C PHE J 27 -19.82 -2.32 -44.23
N GLN J 28 -18.87 -2.02 -43.33
CA GLN J 28 -19.10 -1.82 -41.90
C GLN J 28 -19.71 -3.06 -41.24
N ILE J 29 -19.13 -4.21 -41.53
CA ILE J 29 -19.52 -5.47 -40.92
C ILE J 29 -18.35 -5.93 -40.06
N PRO J 30 -18.61 -6.70 -39.00
CA PRO J 30 -17.51 -7.23 -38.19
C PRO J 30 -16.67 -8.24 -38.95
N GLN J 31 -15.43 -8.39 -38.50
CA GLN J 31 -14.41 -9.11 -39.26
C GLN J 31 -14.65 -10.62 -39.28
N VAL J 32 -15.36 -11.15 -38.28
CA VAL J 32 -15.63 -12.58 -38.27
C VAL J 32 -16.64 -12.95 -39.35
N VAL J 33 -17.61 -12.06 -39.63
CA VAL J 33 -18.58 -12.31 -40.68
C VAL J 33 -17.93 -12.19 -42.05
N ALA J 34 -17.00 -11.23 -42.19
CA ALA J 34 -16.28 -11.05 -43.46
C ALA J 34 -15.36 -12.23 -43.74
N LYS J 35 -14.70 -12.75 -42.70
CA LYS J 35 -13.85 -13.92 -42.89
C LYS J 35 -14.69 -15.17 -43.14
N GLU J 36 -15.91 -15.23 -42.60
CA GLU J 36 -16.84 -16.32 -42.93
C GLU J 36 -17.26 -16.28 -44.39
N ILE J 37 -17.55 -15.08 -44.90
CA ILE J 37 -17.94 -14.91 -46.31
C ILE J 37 -16.79 -15.28 -47.23
N VAL J 38 -15.56 -14.93 -46.85
CA VAL J 38 -14.39 -15.31 -47.64
C VAL J 38 -14.15 -16.82 -47.59
N ALA J 39 -14.30 -17.43 -46.41
CA ALA J 39 -14.04 -18.86 -46.27
C ALA J 39 -15.11 -19.73 -46.89
N GLN J 40 -16.31 -19.19 -47.15
CA GLN J 40 -17.36 -19.95 -47.82
C GLN J 40 -17.26 -19.90 -49.34
N CYS J 41 -16.23 -19.26 -49.89
CA CYS J 41 -16.10 -19.20 -51.34
C CYS J 41 -15.36 -20.43 -51.87
N PRO J 42 -15.91 -21.13 -52.85
CA PRO J 42 -15.19 -22.29 -53.41
C PRO J 42 -14.03 -21.92 -54.31
N LYS J 43 -14.01 -20.71 -54.86
CA LYS J 43 -12.96 -20.28 -55.76
C LYS J 43 -11.84 -19.50 -55.07
N CYS J 44 -12.03 -19.11 -53.82
CA CYS J 44 -11.00 -18.43 -53.06
C CYS J 44 -10.25 -19.35 -52.11
N GLN J 45 -10.09 -20.62 -52.47
CA GLN J 45 -9.38 -21.58 -51.64
C GLN J 45 -8.76 -22.69 -52.48
N SER J 58 5.90 -16.79 -47.49
CA SER J 58 5.64 -17.19 -46.11
C SER J 58 6.33 -16.23 -45.13
N PRO J 59 5.64 -15.87 -44.05
CA PRO J 59 6.18 -14.85 -43.13
C PRO J 59 7.16 -15.38 -42.10
N LYS J 60 7.56 -16.65 -42.16
CA LYS J 60 8.44 -17.22 -41.14
C LYS J 60 9.52 -18.10 -41.75
N THR J 61 10.00 -17.77 -42.93
CA THR J 61 11.06 -18.53 -43.60
C THR J 61 12.33 -17.70 -43.67
N TRP J 62 13.47 -18.35 -43.42
CA TRP J 62 14.77 -17.71 -43.47
C TRP J 62 15.72 -18.55 -44.31
N GLN J 63 16.66 -17.88 -44.98
CA GLN J 63 17.69 -18.54 -45.77
C GLN J 63 19.05 -18.27 -45.15
N MET J 64 19.94 -19.26 -45.18
CA MET J 64 21.27 -19.10 -44.61
C MET J 64 22.33 -19.25 -45.68
N ASP J 65 23.48 -18.62 -45.45
CA ASP J 65 24.59 -18.64 -46.40
C ASP J 65 25.88 -18.33 -45.67
N CYS J 66 26.98 -18.91 -46.17
CA CYS J 66 28.32 -18.61 -45.71
C CYS J 66 29.14 -18.07 -46.87
N THR J 67 29.99 -17.08 -46.58
CA THR J 67 30.83 -16.46 -47.59
C THR J 67 32.17 -16.10 -46.97
N HIS J 68 33.13 -15.74 -47.82
CA HIS J 68 34.47 -15.38 -47.40
C HIS J 68 34.78 -13.95 -47.81
N LEU J 69 35.48 -13.23 -46.94
CA LEU J 69 35.85 -11.85 -47.21
C LEU J 69 37.08 -11.49 -46.40
N GLU J 70 38.19 -11.22 -47.09
CA GLU J 70 39.47 -10.76 -46.51
C GLU J 70 40.01 -11.73 -45.47
N GLY J 71 39.96 -13.02 -45.78
CA GLY J 71 40.46 -14.04 -44.88
C GLY J 71 39.55 -14.42 -43.74
N LYS J 72 38.38 -13.80 -43.64
CA LYS J 72 37.40 -14.12 -42.61
C LYS J 72 36.22 -14.86 -43.22
N VAL J 73 35.42 -15.46 -42.35
CA VAL J 73 34.22 -16.19 -42.76
C VAL J 73 33.01 -15.46 -42.22
N ILE J 74 32.16 -14.98 -43.12
CA ILE J 74 30.94 -14.26 -42.76
C ILE J 74 29.77 -15.20 -42.98
N ILE J 75 28.77 -15.14 -42.10
CA ILE J 75 27.55 -15.91 -42.26
C ILE J 75 26.38 -14.93 -42.29
N VAL J 76 25.52 -15.09 -43.30
CA VAL J 76 24.40 -14.17 -43.56
C VAL J 76 23.11 -14.97 -43.49
N ALA J 77 22.14 -14.45 -42.74
CA ALA J 77 20.80 -15.02 -42.68
C ALA J 77 19.81 -13.97 -43.15
N VAL J 78 19.03 -14.31 -44.16
CA VAL J 78 18.16 -13.35 -44.84
C VAL J 78 16.71 -13.82 -44.73
N HIS J 79 15.86 -12.95 -44.18
CA HIS J 79 14.42 -13.12 -44.22
C HIS J 79 13.96 -12.82 -45.64
N VAL J 80 13.26 -13.77 -46.25
CA VAL J 80 13.01 -13.78 -47.69
C VAL J 80 11.88 -12.83 -48.07
N ALA J 81 10.81 -12.81 -47.26
CA ALA J 81 9.60 -12.08 -47.64
C ALA J 81 9.74 -10.57 -47.60
N SER J 82 10.80 -10.05 -46.97
CA SER J 82 11.04 -8.62 -46.95
C SER J 82 12.47 -8.24 -47.30
N GLY J 83 13.43 -9.14 -47.18
CA GLY J 83 14.82 -8.80 -47.44
C GLY J 83 15.59 -8.34 -46.23
N TYR J 84 15.50 -9.06 -45.11
CA TYR J 84 16.09 -8.59 -43.87
C TYR J 84 17.35 -9.38 -43.54
N ILE J 85 18.47 -8.69 -43.46
CA ILE J 85 19.79 -9.33 -43.35
C ILE J 85 20.28 -9.23 -41.91
N GLU J 86 20.63 -10.39 -41.34
CA GLU J 86 21.40 -10.46 -40.10
C GLU J 86 22.70 -11.19 -40.39
N ALA J 87 23.82 -10.53 -40.14
CA ALA J 87 25.12 -11.08 -40.48
C ALA J 87 26.00 -11.17 -39.24
N GLU J 88 26.96 -12.08 -39.29
CA GLU J 88 27.95 -12.22 -38.22
C GLU J 88 29.25 -12.74 -38.80
N VAL J 89 30.32 -12.62 -38.01
CA VAL J 89 31.65 -13.01 -38.43
C VAL J 89 32.08 -14.19 -37.55
N LEU J 90 32.44 -15.29 -38.19
CA LEU J 90 32.80 -16.48 -37.45
C LEU J 90 34.32 -16.61 -37.33
N PRO J 91 34.81 -17.24 -36.26
CA PRO J 91 36.26 -17.52 -36.19
C PRO J 91 36.67 -18.70 -37.05
N ALA J 92 35.81 -19.70 -37.22
CA ALA J 92 36.10 -20.85 -38.07
C ALA J 92 34.82 -21.27 -38.76
N GLU J 93 34.90 -22.34 -39.54
CA GLU J 93 33.73 -22.81 -40.28
C GLU J 93 33.35 -24.21 -39.83
N THR J 94 33.34 -24.45 -38.52
CA THR J 94 32.89 -25.72 -37.97
C THR J 94 31.38 -25.66 -37.72
N GLY J 95 30.82 -26.78 -37.29
CA GLY J 95 29.38 -26.89 -37.11
C GLY J 95 28.85 -26.25 -35.85
N LYS J 96 29.68 -26.13 -34.82
CA LYS J 96 29.20 -25.66 -33.53
C LYS J 96 28.93 -24.16 -33.55
N GLU J 97 29.76 -23.38 -34.25
CA GLU J 97 29.52 -21.95 -34.34
C GLU J 97 28.34 -21.63 -35.26
N THR J 98 28.12 -22.47 -36.28
CA THR J 98 26.94 -22.34 -37.11
C THR J 98 25.67 -22.66 -36.32
N ALA J 99 25.73 -23.69 -35.46
CA ALA J 99 24.61 -24.00 -34.59
C ALA J 99 24.38 -22.91 -33.56
N HIS J 100 25.44 -22.25 -33.09
CA HIS J 100 25.29 -21.18 -32.12
C HIS J 100 24.68 -19.94 -32.76
N PHE J 101 25.06 -19.63 -34.01
CA PHE J 101 24.45 -18.51 -34.71
C PHE J 101 22.99 -18.80 -35.05
N LEU J 102 22.68 -20.06 -35.39
CA LEU J 102 21.29 -20.43 -35.64
C LEU J 102 20.46 -20.36 -34.37
N LEU J 103 21.05 -20.69 -33.22
CA LEU J 103 20.34 -20.60 -31.95
C LEU J 103 20.08 -19.15 -31.56
N LYS J 104 21.04 -18.26 -31.84
CA LYS J 104 20.83 -16.83 -31.59
C LYS J 104 19.76 -16.25 -32.50
N LEU J 105 19.76 -16.65 -33.78
CA LEU J 105 18.74 -16.18 -34.71
C LEU J 105 17.36 -16.70 -34.33
N ALA J 106 17.28 -17.94 -33.85
CA ALA J 106 15.99 -18.47 -33.38
C ALA J 106 15.58 -17.89 -32.04
N ALA J 107 16.53 -17.34 -31.27
CA ALA J 107 16.17 -16.72 -30.00
C ALA J 107 15.66 -15.30 -30.19
N ARG J 108 16.13 -14.58 -31.21
CA ARG J 108 15.67 -13.21 -31.42
C ARG J 108 14.42 -13.10 -32.27
N TRP J 109 14.32 -13.84 -33.36
CA TRP J 109 13.19 -13.77 -34.27
C TRP J 109 12.49 -15.11 -34.35
N PRO J 110 11.17 -15.12 -34.56
CA PRO J 110 10.45 -16.39 -34.72
C PRO J 110 10.77 -17.08 -36.03
N VAL J 111 11.50 -18.19 -35.94
CA VAL J 111 11.92 -18.97 -37.11
C VAL J 111 11.19 -20.30 -37.08
N LYS J 112 10.56 -20.66 -38.19
CA LYS J 112 9.88 -21.95 -38.31
C LYS J 112 10.25 -22.73 -39.56
N HIS J 113 11.04 -22.17 -40.47
CA HIS J 113 11.45 -22.88 -41.68
C HIS J 113 12.78 -22.30 -42.14
N LEU J 114 13.81 -23.15 -42.19
CA LEU J 114 15.16 -22.75 -42.57
C LEU J 114 15.50 -23.39 -43.90
N HIS J 115 16.05 -22.58 -44.80
CA HIS J 115 16.43 -23.02 -46.14
C HIS J 115 17.94 -22.84 -46.29
N THR J 116 18.65 -23.95 -46.48
CA THR J 116 20.10 -23.96 -46.59
C THR J 116 20.50 -24.73 -47.83
N ASP J 117 21.80 -24.75 -48.10
CA ASP J 117 22.37 -25.58 -49.15
C ASP J 117 23.00 -26.82 -48.53
N ASN J 118 23.63 -27.64 -49.38
CA ASN J 118 24.20 -28.91 -48.93
C ASN J 118 25.68 -28.77 -48.55
N GLY J 119 25.95 -27.90 -47.58
CA GLY J 119 27.28 -27.77 -47.04
C GLY J 119 27.59 -28.85 -46.03
N ASP J 120 28.84 -28.85 -45.58
CA ASP J 120 29.26 -29.85 -44.59
C ASP J 120 28.84 -29.42 -43.18
N ASN J 121 29.16 -28.18 -42.81
CA ASN J 121 28.82 -27.69 -41.47
C ASN J 121 27.33 -27.47 -41.27
N PHE J 122 26.56 -27.40 -42.35
CA PHE J 122 25.10 -27.38 -42.23
C PHE J 122 24.53 -28.77 -41.99
N THR J 123 25.29 -29.83 -42.27
CA THR J 123 24.86 -31.20 -42.03
C THR J 123 25.68 -31.75 -40.86
N SER J 124 25.21 -31.51 -39.65
CA SER J 124 25.93 -31.92 -38.46
C SER J 124 24.96 -32.20 -37.33
N SER J 125 25.46 -32.92 -36.32
CA SER J 125 24.63 -33.26 -35.17
C SER J 125 24.30 -32.04 -34.32
N ALA J 126 25.18 -31.03 -34.32
CA ALA J 126 24.91 -29.81 -33.56
C ALA J 126 23.77 -29.01 -34.19
N VAL J 127 23.78 -28.87 -35.51
CA VAL J 127 22.70 -28.17 -36.20
C VAL J 127 21.41 -28.97 -36.13
N GLN J 128 21.52 -30.31 -36.14
CA GLN J 128 20.33 -31.15 -36.00
C GLN J 128 19.73 -31.04 -34.60
N ALA J 129 20.57 -30.96 -33.56
CA ALA J 129 20.06 -30.82 -32.21
C ALA J 129 19.48 -29.44 -31.97
N VAL J 130 20.06 -28.41 -32.59
CA VAL J 130 19.51 -27.06 -32.46
C VAL J 130 18.17 -26.95 -33.17
N CYS J 131 18.06 -27.55 -34.37
CA CYS J 131 16.78 -27.55 -35.08
C CYS J 131 15.74 -28.40 -34.37
N TRP J 132 16.16 -29.45 -33.67
CA TRP J 132 15.22 -30.25 -32.91
C TRP J 132 14.74 -29.53 -31.65
N TRP J 133 15.64 -28.80 -30.99
CA TRP J 133 15.25 -28.12 -29.77
C TRP J 133 14.43 -26.87 -30.05
N ALA J 134 14.66 -26.24 -31.21
CA ALA J 134 13.91 -25.04 -31.58
C ALA J 134 12.72 -25.33 -32.48
N GLN J 135 12.56 -26.60 -32.91
CA GLN J 135 11.45 -27.07 -33.75
C GLN J 135 11.40 -26.30 -35.08
N ILE J 136 12.47 -26.43 -35.85
CA ILE J 136 12.64 -25.75 -37.13
C ILE J 136 12.74 -26.80 -38.23
N GLU J 137 11.92 -26.64 -39.27
CA GLU J 137 11.99 -27.51 -40.44
C GLU J 137 13.19 -27.09 -41.30
N HIS J 138 14.15 -27.98 -41.44
CA HIS J 138 15.38 -27.70 -42.18
C HIS J 138 15.27 -28.29 -43.57
N THR J 139 15.45 -27.46 -44.60
CA THR J 139 15.30 -27.89 -45.97
C THR J 139 16.57 -27.57 -46.76
N PHE J 140 17.13 -28.60 -47.39
CA PHE J 140 18.30 -28.47 -48.23
C PHE J 140 17.87 -28.26 -49.68
N GLY J 141 18.33 -27.17 -50.28
CA GLY J 141 17.99 -26.86 -51.65
C GLY J 141 18.69 -27.74 -52.67
N VAL J 151 18.08 -14.65 -54.73
CA VAL J 151 17.77 -13.80 -53.59
C VAL J 151 19.01 -13.56 -52.73
N VAL J 152 19.58 -14.66 -52.23
CA VAL J 152 20.70 -14.56 -51.29
C VAL J 152 21.97 -14.09 -52.00
N GLU J 153 22.16 -14.48 -53.26
CA GLU J 153 23.32 -14.01 -54.01
C GLU J 153 23.20 -12.53 -54.35
N SER J 154 21.97 -12.06 -54.62
CA SER J 154 21.75 -10.64 -54.86
C SER J 154 21.97 -9.83 -53.59
N MET J 155 21.52 -10.35 -52.44
CA MET J 155 21.74 -9.66 -51.18
C MET J 155 23.22 -9.70 -50.77
N ASN J 156 23.93 -10.76 -51.12
CA ASN J 156 25.36 -10.81 -50.85
C ASN J 156 26.13 -9.85 -51.74
N HIS J 157 25.69 -9.69 -52.99
CA HIS J 157 26.30 -8.70 -53.89
C HIS J 157 26.07 -7.28 -53.39
N GLN J 158 24.85 -6.98 -52.95
CA GLN J 158 24.56 -5.65 -52.42
C GLN J 158 25.31 -5.38 -51.12
N LEU J 159 25.40 -6.39 -50.25
CA LEU J 159 26.09 -6.20 -48.97
C LEU J 159 27.59 -6.04 -49.17
N LYS J 160 28.18 -6.75 -50.13
CA LYS J 160 29.61 -6.61 -50.36
C LYS J 160 29.94 -5.31 -51.07
N THR J 161 29.02 -4.77 -51.89
CA THR J 161 29.25 -3.45 -52.46
C THR J 161 29.17 -2.37 -51.39
N ILE J 162 28.27 -2.52 -50.41
CA ILE J 162 28.21 -1.54 -49.32
C ILE J 162 29.45 -1.66 -48.42
N ILE J 163 29.95 -2.90 -48.21
CA ILE J 163 31.16 -3.12 -47.41
C ILE J 163 32.37 -2.47 -48.09
N THR J 164 32.49 -2.64 -49.41
CA THR J 164 33.56 -1.95 -50.13
C THR J 164 33.33 -0.45 -50.25
N GLN J 165 32.10 0.01 -50.03
CA GLN J 165 31.82 1.45 -50.08
C GLN J 165 32.26 2.17 -48.81
N ILE J 166 32.03 1.57 -47.63
CA ILE J 166 32.35 2.26 -46.39
C ILE J 166 33.44 1.53 -45.61
N ARG J 167 34.39 0.93 -46.34
CA ARG J 167 35.46 0.16 -45.69
C ARG J 167 36.44 1.07 -44.94
N ASP J 168 36.71 2.27 -45.48
CA ASP J 168 37.75 3.14 -44.93
C ASP J 168 37.37 3.76 -43.59
N GLN J 169 36.09 3.76 -43.21
CA GLN J 169 35.64 4.35 -41.96
C GLN J 169 35.73 3.40 -40.78
N ALA J 170 36.26 2.20 -40.96
CA ALA J 170 36.36 1.23 -39.88
C ALA J 170 37.77 0.68 -39.79
N GLU J 171 38.18 0.34 -38.58
CA GLU J 171 39.49 -0.24 -38.34
C GLU J 171 39.51 -1.74 -38.66
N LYS J 172 38.64 -2.51 -38.01
CA LYS J 172 38.56 -3.94 -38.23
C LYS J 172 37.52 -4.24 -39.31
N ILE J 173 37.25 -5.52 -39.51
CA ILE J 173 36.29 -5.94 -40.53
C ILE J 173 34.87 -6.05 -39.94
N GLU J 174 34.76 -6.40 -38.65
CA GLU J 174 33.44 -6.61 -38.03
C GLU J 174 32.67 -5.30 -37.89
N THR J 175 33.38 -4.20 -37.65
CA THR J 175 32.73 -2.90 -37.56
C THR J 175 32.13 -2.49 -38.90
N ALA J 176 32.86 -2.73 -40.00
CA ALA J 176 32.33 -2.47 -41.33
C ALA J 176 31.16 -3.37 -41.68
N VAL J 177 31.20 -4.63 -41.19
CA VAL J 177 30.09 -5.56 -41.44
C VAL J 177 28.82 -5.08 -40.75
N GLN J 178 28.92 -4.69 -39.47
CA GLN J 178 27.73 -4.24 -38.75
C GLN J 178 27.22 -2.90 -39.25
N MET J 179 28.12 -2.00 -39.68
CA MET J 179 27.66 -0.74 -40.24
C MET J 179 27.00 -0.94 -41.60
N ALA J 180 27.49 -1.90 -42.40
CA ALA J 180 26.84 -2.20 -43.66
C ALA J 180 25.47 -2.84 -43.46
N VAL J 181 25.32 -3.65 -42.40
CA VAL J 181 24.02 -4.21 -42.07
C VAL J 181 23.04 -3.11 -41.67
N LEU J 182 23.52 -2.12 -40.91
CA LEU J 182 22.67 -1.00 -40.51
C LEU J 182 22.25 -0.14 -41.70
N ILE J 183 23.19 0.15 -42.61
CA ILE J 183 22.87 0.95 -43.79
C ILE J 183 21.92 0.21 -44.72
N HIS J 184 22.08 -1.12 -44.83
CA HIS J 184 21.20 -1.90 -45.68
C HIS J 184 19.80 -2.01 -45.08
N ASN J 185 19.70 -2.09 -43.75
CA ASN J 185 18.39 -2.30 -43.14
C ASN J 185 17.59 -1.01 -43.00
N PHE J 186 18.21 0.07 -42.53
CA PHE J 186 17.45 1.25 -42.14
C PHE J 186 17.71 2.49 -42.97
N LYS J 187 18.56 2.43 -43.99
CA LYS J 187 18.84 3.60 -44.81
C LYS J 187 18.44 3.47 -46.27
N ARG J 188 18.68 2.33 -46.91
CA ARG J 188 18.31 2.13 -48.30
C ARG J 188 16.81 1.88 -48.39
N LYS J 189 16.10 2.76 -49.08
CA LYS J 189 14.66 2.68 -49.22
C LYS J 189 14.28 2.41 -50.67
N GLY J 190 13.29 1.55 -50.86
CA GLY J 190 12.82 1.25 -52.20
C GLY J 190 11.49 0.54 -52.16
N GLY J 191 11.15 -0.12 -53.27
CA GLY J 191 9.91 -0.86 -53.34
C GLY J 191 8.77 -0.02 -53.88
N ILE J 192 7.54 -0.45 -53.57
CA ILE J 192 6.36 0.23 -54.07
C ILE J 192 6.12 1.52 -53.31
N GLY J 193 5.89 1.42 -52.01
CA GLY J 193 5.61 2.61 -51.20
C GLY J 193 6.83 3.39 -50.78
N GLY J 194 8.02 2.83 -50.94
CA GLY J 194 9.22 3.50 -50.51
C GLY J 194 9.51 3.26 -49.04
N TYR J 195 9.47 2.01 -48.61
CA TYR J 195 9.77 1.62 -47.24
C TYR J 195 11.11 0.89 -47.19
N SER J 196 11.70 0.87 -46.00
CA SER J 196 12.92 0.12 -45.77
C SER J 196 12.58 -1.35 -45.48
N ALA J 197 13.59 -2.12 -45.06
CA ALA J 197 13.37 -3.53 -44.80
C ALA J 197 12.76 -3.78 -43.43
N GLY J 198 13.12 -2.96 -42.44
CA GLY J 198 12.62 -3.17 -41.09
C GLY J 198 11.13 -2.91 -40.96
N GLU J 199 10.64 -1.88 -41.66
CA GLU J 199 9.20 -1.62 -41.66
C GLU J 199 8.42 -2.72 -42.35
N ARG J 200 9.01 -3.33 -43.39
CA ARG J 200 8.32 -4.40 -44.10
C ARG J 200 8.23 -5.67 -43.27
N ILE J 201 9.32 -6.04 -42.57
CA ILE J 201 9.26 -7.25 -41.75
C ILE J 201 8.36 -7.05 -40.53
N ILE J 202 8.33 -5.84 -39.97
CA ILE J 202 7.48 -5.58 -38.82
C ILE J 202 6.00 -5.59 -39.22
N ASP J 203 5.68 -5.04 -40.40
CA ASP J 203 4.29 -5.03 -40.86
C ASP J 203 3.82 -6.44 -41.23
N ILE J 204 4.69 -7.26 -41.81
CA ILE J 204 4.31 -8.62 -42.20
C ILE J 204 4.06 -9.48 -40.96
N ILE J 205 4.94 -9.38 -39.96
CA ILE J 205 4.76 -10.16 -38.73
C ILE J 205 3.53 -9.69 -37.94
N ALA J 206 3.24 -8.38 -37.97
CA ALA J 206 2.05 -7.88 -37.30
C ALA J 206 0.76 -8.36 -37.97
N SER J 207 0.78 -8.48 -39.30
CA SER J 207 -0.39 -9.02 -40.01
C SER J 207 -0.60 -10.48 -39.69
N ASP J 208 0.49 -11.25 -39.56
CA ASP J 208 0.37 -12.67 -39.19
C ASP J 208 -0.17 -12.83 -37.77
N LEU J 209 0.24 -11.93 -36.87
CA LEU J 209 -0.25 -11.97 -35.49
C LEU J 209 -1.74 -11.66 -35.42
N GLN J 210 -2.20 -10.70 -36.22
CA GLN J 210 -3.63 -10.38 -36.28
C GLN J 210 -4.44 -11.55 -36.82
N THR J 211 -3.90 -12.26 -37.82
CA THR J 211 -4.59 -13.41 -38.39
C THR J 211 -4.73 -14.54 -37.37
N THR J 212 -3.67 -14.81 -36.59
CA THR J 212 -3.73 -15.91 -35.62
C THR J 212 -4.69 -15.59 -34.48
N LYS J 213 -4.72 -14.33 -34.01
CA LYS J 213 -5.64 -13.96 -32.93
C LYS J 213 -7.10 -14.04 -33.40
N LEU J 214 -7.37 -13.59 -34.63
CA LEU J 214 -8.74 -13.67 -35.14
C LEU J 214 -9.17 -15.11 -35.38
N GLN J 215 -8.23 -16.00 -35.74
CA GLN J 215 -8.58 -17.40 -35.93
C GLN J 215 -8.94 -18.07 -34.61
N ASN J 216 -8.23 -17.71 -33.53
CA ASN J 216 -8.58 -18.25 -32.21
C ASN J 216 -9.95 -17.78 -31.76
N GLN J 217 -10.28 -16.50 -31.99
CA GLN J 217 -11.61 -16.00 -31.65
C GLN J 217 -12.70 -16.66 -32.49
N ILE J 218 -12.40 -16.97 -33.76
CA ILE J 218 -13.37 -17.59 -34.65
C ILE J 218 -13.72 -18.99 -34.19
N SER J 219 -12.71 -19.78 -33.77
CA SER J 219 -13.00 -21.14 -33.30
C SER J 219 -13.75 -21.11 -31.97
N LYS J 220 -13.39 -20.18 -31.07
CA LYS J 220 -14.03 -20.13 -29.75
C LYS J 220 -15.49 -19.70 -29.87
N ILE J 221 -15.82 -18.85 -30.85
CA ILE J 221 -17.21 -18.49 -31.06
C ILE J 221 -17.96 -19.62 -31.78
N GLN J 222 -17.31 -20.25 -32.77
CA GLN J 222 -17.97 -21.29 -33.57
C GLN J 222 -18.13 -22.61 -32.85
N ASN J 223 -17.74 -22.73 -31.58
CA ASN J 223 -18.03 -23.95 -30.83
C ASN J 223 -19.45 -23.98 -30.20
N PHE J 224 -20.43 -23.24 -30.73
CA PHE J 224 -21.77 -23.16 -30.17
C PHE J 224 -22.81 -23.67 -31.16
N ARG J 225 -24.09 -23.52 -30.78
CA ARG J 225 -25.22 -23.88 -31.63
C ARG J 225 -26.41 -23.01 -31.25
N VAL J 226 -27.26 -22.73 -32.23
CA VAL J 226 -28.38 -21.81 -32.06
C VAL J 226 -29.66 -22.46 -32.58
N TYR J 227 -30.69 -22.51 -31.74
CA TYR J 227 -32.04 -22.85 -32.16
C TYR J 227 -32.80 -21.56 -32.41
N PHE J 228 -33.26 -21.35 -33.64
CA PHE J 228 -33.95 -20.11 -33.99
C PHE J 228 -35.41 -20.39 -34.32
N ARG J 229 -36.25 -19.39 -34.08
CA ARG J 229 -37.69 -19.47 -34.25
C ARG J 229 -38.13 -18.37 -35.19
N GLU J 230 -38.76 -18.76 -36.31
CA GLU J 230 -39.12 -17.79 -37.34
C GLU J 230 -40.37 -17.00 -36.91
N GLY J 231 -40.65 -15.95 -37.67
CA GLY J 231 -41.78 -15.08 -37.35
C GLY J 231 -43.08 -15.73 -37.79
N ARG J 232 -44.17 -15.40 -37.06
CA ARG J 232 -45.53 -15.94 -37.26
C ARG J 232 -45.53 -17.46 -37.20
N ASP J 233 -44.72 -18.03 -36.30
CA ASP J 233 -44.64 -19.46 -36.10
C ASP J 233 -44.13 -19.71 -34.68
N GLN J 234 -44.79 -20.62 -33.97
CA GLN J 234 -44.43 -20.94 -32.60
C GLN J 234 -43.55 -22.18 -32.50
N GLN J 235 -42.91 -22.58 -33.60
CA GLN J 235 -42.06 -23.77 -33.60
C GLN J 235 -40.60 -23.36 -33.71
N TRP J 236 -39.73 -24.16 -33.09
CA TRP J 236 -38.30 -23.98 -33.23
C TRP J 236 -37.79 -24.72 -34.46
N LYS J 237 -36.90 -24.06 -35.20
CA LYS J 237 -36.39 -24.61 -36.45
C LYS J 237 -35.13 -25.43 -36.18
N GLY J 238 -34.42 -25.80 -37.25
CA GLY J 238 -33.25 -26.64 -37.15
C GLY J 238 -32.06 -25.94 -36.51
N PRO J 239 -31.04 -26.71 -36.12
CA PRO J 239 -29.88 -26.13 -35.44
C PRO J 239 -28.98 -25.40 -36.42
N ALA J 240 -28.97 -24.08 -36.35
CA ALA J 240 -28.11 -23.24 -37.17
C ALA J 240 -26.85 -22.90 -36.40
N THR J 241 -25.74 -22.74 -37.12
CA THR J 241 -24.46 -22.49 -36.47
C THR J 241 -24.28 -21.00 -36.21
N LEU J 242 -23.84 -20.67 -34.99
CA LEU J 242 -23.60 -19.28 -34.61
C LEU J 242 -22.35 -18.75 -35.28
N ILE J 243 -22.40 -17.50 -35.73
CA ILE J 243 -21.26 -16.82 -36.34
C ILE J 243 -20.79 -15.65 -35.48
N TRP J 244 -21.70 -14.75 -35.13
CA TRP J 244 -21.37 -13.59 -34.34
C TRP J 244 -22.53 -13.25 -33.43
N LYS J 245 -22.27 -13.21 -32.12
CA LYS J 245 -23.27 -12.95 -31.11
C LYS J 245 -23.16 -11.50 -30.68
N GLY J 246 -24.12 -10.68 -31.07
CA GLY J 246 -24.13 -9.27 -30.75
C GLY J 246 -24.94 -8.97 -29.50
N GLU J 247 -25.32 -7.70 -29.38
CA GLU J 247 -26.13 -7.28 -28.24
C GLU J 247 -27.61 -7.35 -28.53
N GLY J 248 -28.01 -7.08 -29.76
CA GLY J 248 -29.41 -7.15 -30.13
C GLY J 248 -29.68 -8.08 -31.30
N ALA J 249 -28.65 -8.35 -32.10
CA ALA J 249 -28.77 -9.19 -33.27
C ALA J 249 -27.88 -10.42 -33.12
N VAL J 250 -28.26 -11.48 -33.83
CA VAL J 250 -27.52 -12.74 -33.84
C VAL J 250 -27.39 -13.21 -35.28
N VAL J 251 -26.16 -13.43 -35.73
CA VAL J 251 -25.88 -13.86 -37.10
C VAL J 251 -25.69 -15.37 -37.10
N ILE J 252 -26.47 -16.07 -37.91
CA ILE J 252 -26.41 -17.53 -37.97
C ILE J 252 -26.21 -17.98 -39.41
N GLN J 253 -25.62 -19.17 -39.55
CA GLN J 253 -25.47 -19.84 -40.83
C GLN J 253 -26.37 -21.07 -40.84
N ASP J 254 -27.18 -21.18 -41.88
CA ASP J 254 -28.09 -22.31 -42.06
C ASP J 254 -28.35 -22.48 -43.55
N GLY J 255 -28.31 -23.73 -44.01
CA GLY J 255 -28.59 -24.05 -45.40
C GLY J 255 -27.61 -23.43 -46.38
N GLN J 256 -26.34 -23.31 -45.97
CA GLN J 256 -25.29 -22.57 -46.70
C GLN J 256 -25.71 -21.12 -46.99
N ASP J 257 -26.35 -20.50 -46.01
CA ASP J 257 -26.81 -19.13 -46.14
C ASP J 257 -26.67 -18.41 -44.80
N LEU J 258 -26.32 -17.13 -44.85
CA LEU J 258 -26.15 -16.31 -43.67
C LEU J 258 -27.40 -15.45 -43.47
N LYS J 259 -27.83 -15.32 -42.21
CA LYS J 259 -28.98 -14.48 -41.91
C LYS J 259 -28.86 -13.90 -40.51
N VAL J 260 -29.65 -12.86 -40.26
CA VAL J 260 -29.63 -12.13 -39.00
C VAL J 260 -30.99 -12.31 -38.33
N VAL J 261 -30.99 -12.90 -37.15
CA VAL J 261 -32.21 -13.12 -36.37
C VAL J 261 -32.07 -12.33 -35.06
N PRO J 262 -33.12 -11.67 -34.59
CA PRO J 262 -33.02 -10.99 -33.29
C PRO J 262 -32.91 -11.97 -32.13
N ARG J 263 -32.46 -11.45 -30.98
CA ARG J 263 -32.12 -12.29 -29.84
C ARG J 263 -33.34 -12.86 -29.14
N ARG J 264 -34.51 -12.25 -29.31
CA ARG J 264 -35.71 -12.73 -28.63
C ARG J 264 -36.30 -13.98 -29.28
N LYS J 265 -35.80 -14.39 -30.45
CA LYS J 265 -36.28 -15.57 -31.14
C LYS J 265 -35.18 -16.63 -31.27
N CYS J 266 -34.24 -16.64 -30.33
CA CYS J 266 -33.09 -17.53 -30.40
C CYS J 266 -32.81 -18.16 -29.04
N LYS J 267 -32.28 -19.38 -29.08
CA LYS J 267 -31.80 -20.07 -27.89
C LYS J 267 -30.40 -20.61 -28.20
N ILE J 268 -29.41 -20.07 -27.53
CA ILE J 268 -28.01 -20.42 -27.75
C ILE J 268 -27.63 -21.53 -26.78
N ILE J 269 -27.28 -22.70 -27.31
CA ILE J 269 -26.90 -23.85 -26.50
C ILE J 269 -25.51 -24.29 -26.90
N LYS J 270 -24.84 -24.97 -25.99
CA LYS J 270 -23.52 -25.53 -26.29
C LYS J 270 -23.67 -26.76 -27.17
N ASP J 271 -22.70 -26.94 -28.07
CA ASP J 271 -22.73 -28.04 -29.03
C ASP J 271 -21.51 -28.93 -28.80
N TYR J 272 -21.78 -30.19 -28.49
CA TYR J 272 -20.73 -31.20 -28.36
C TYR J 272 -20.79 -32.09 -29.61
N GLY J 273 -20.13 -31.63 -30.66
CA GLY J 273 -20.24 -32.28 -31.96
C GLY J 273 -18.91 -32.58 -32.61
N ARG J 274 -17.93 -33.00 -31.81
CA ARG J 274 -16.60 -33.32 -32.31
C ARG J 274 -16.61 -34.57 -33.21
N GLY K 5 19.48 22.77 -43.53
CA GLY K 5 19.08 21.64 -44.33
C GLY K 5 20.16 21.11 -45.24
N ILE K 6 20.93 22.04 -45.82
CA ILE K 6 22.01 21.66 -46.73
C ILE K 6 23.16 21.00 -45.96
N GLU K 7 23.46 21.53 -44.77
CA GLU K 7 24.49 20.92 -43.92
C GLU K 7 24.03 19.56 -43.39
N LYS K 8 22.74 19.42 -43.11
CA LYS K 8 22.20 18.14 -42.68
C LYS K 8 22.26 17.12 -43.81
N ALA K 9 21.99 17.54 -45.05
CA ALA K 9 22.07 16.64 -46.19
C ALA K 9 23.51 16.24 -46.48
N GLN K 10 24.46 17.17 -46.32
CA GLN K 10 25.87 16.85 -46.54
C GLN K 10 26.39 15.90 -45.46
N GLU K 11 25.96 16.10 -44.21
CA GLU K 11 26.37 15.18 -43.14
C GLU K 11 25.73 13.82 -43.30
N GLU K 12 24.48 13.78 -43.76
CA GLU K 12 23.80 12.50 -43.96
C GLU K 12 24.40 11.71 -45.11
N HIS K 13 24.79 12.41 -46.19
CA HIS K 13 25.45 11.71 -47.29
C HIS K 13 26.88 11.34 -46.95
N GLU K 14 27.53 12.08 -46.05
CA GLU K 14 28.87 11.69 -45.63
C GLU K 14 28.81 10.49 -44.70
N LYS K 15 27.72 10.35 -43.94
CA LYS K 15 27.58 9.21 -43.04
C LYS K 15 27.12 7.96 -43.77
N TYR K 16 25.96 8.02 -44.42
CA TYR K 16 25.30 6.82 -44.93
C TYR K 16 25.21 6.72 -46.44
N HIS K 17 25.57 7.80 -47.17
CA HIS K 17 25.57 7.86 -48.64
C HIS K 17 24.18 7.56 -49.22
N ASN K 18 23.22 8.42 -48.88
CA ASN K 18 21.88 8.27 -49.40
C ASN K 18 21.81 8.74 -50.85
N ASN K 19 20.74 8.32 -51.53
CA ASN K 19 20.45 8.81 -52.87
C ASN K 19 19.83 10.19 -52.80
N TRP K 20 19.78 10.88 -53.95
CA TRP K 20 19.34 12.27 -53.97
C TRP K 20 17.83 12.41 -53.80
N ARG K 21 17.07 11.38 -54.19
CA ARG K 21 15.62 11.46 -54.08
C ARG K 21 15.15 11.37 -52.63
N ALA K 22 15.76 10.48 -51.83
CA ALA K 22 15.39 10.37 -50.42
C ALA K 22 15.84 11.59 -49.64
N MET K 23 16.98 12.17 -49.99
CA MET K 23 17.44 13.39 -49.33
C MET K 23 16.55 14.58 -49.69
N ALA K 24 16.10 14.65 -50.95
CA ALA K 24 15.20 15.73 -51.36
C ALA K 24 13.82 15.59 -50.73
N GLU K 25 13.39 14.35 -50.45
CA GLU K 25 12.10 14.16 -49.80
C GLU K 25 12.19 14.44 -48.29
N ASP K 26 13.25 13.96 -47.64
CA ASP K 26 13.31 14.03 -46.19
C ASP K 26 13.88 15.35 -45.67
N PHE K 27 14.64 16.09 -46.47
CA PHE K 27 15.26 17.33 -46.01
C PHE K 27 14.73 18.58 -46.71
N GLN K 28 13.84 18.42 -47.69
CA GLN K 28 13.13 19.50 -48.39
C GLN K 28 14.12 20.46 -49.08
N ILE K 29 14.90 19.88 -49.99
CA ILE K 29 15.90 20.61 -50.76
C ILE K 29 15.55 20.43 -52.23
N PRO K 30 15.67 21.45 -53.08
CA PRO K 30 15.49 21.25 -54.53
C PRO K 30 16.49 20.27 -55.10
N GLN K 31 16.08 19.60 -56.18
CA GLN K 31 16.75 18.39 -56.64
C GLN K 31 18.11 18.65 -57.27
N VAL K 32 18.38 19.88 -57.73
CA VAL K 32 19.66 20.15 -58.38
C VAL K 32 20.79 20.16 -57.35
N VAL K 33 20.52 20.66 -56.14
CA VAL K 33 21.54 20.68 -55.09
C VAL K 33 21.84 19.25 -54.62
N ALA K 34 20.80 18.42 -54.52
CA ALA K 34 21.00 17.02 -54.13
C ALA K 34 21.71 16.23 -55.22
N LYS K 35 21.44 16.56 -56.48
CA LYS K 35 22.15 15.94 -57.60
C LYS K 35 23.63 16.30 -57.58
N GLU K 36 23.94 17.57 -57.27
CA GLU K 36 25.34 17.97 -57.18
C GLU K 36 26.02 17.37 -55.95
N ILE K 37 25.27 17.17 -54.87
CA ILE K 37 25.82 16.54 -53.67
C ILE K 37 26.18 15.08 -53.94
N VAL K 38 25.31 14.35 -54.64
CA VAL K 38 25.61 12.96 -54.99
C VAL K 38 26.73 12.90 -56.02
N ALA K 39 26.77 13.84 -56.96
CA ALA K 39 27.81 13.86 -57.99
C ALA K 39 29.18 14.24 -57.44
N GLN K 40 29.24 14.96 -56.33
CA GLN K 40 30.52 15.34 -55.75
C GLN K 40 31.08 14.30 -54.79
N CYS K 41 30.52 13.09 -54.74
CA CYS K 41 31.08 12.07 -53.88
C CYS K 41 32.03 11.17 -54.68
N PRO K 42 33.22 10.87 -54.14
CA PRO K 42 34.15 10.01 -54.89
C PRO K 42 33.75 8.54 -54.88
N LYS K 43 33.12 8.05 -53.81
CA LYS K 43 32.72 6.65 -53.75
C LYS K 43 31.49 6.34 -54.60
N CYS K 44 30.63 7.31 -54.84
CA CYS K 44 29.44 7.09 -55.66
C CYS K 44 29.70 7.39 -57.13
N SER K 58 11.57 7.99 -59.44
CA SER K 58 11.13 8.44 -60.75
C SER K 58 9.67 8.06 -60.98
N PRO K 59 8.78 9.05 -60.99
CA PRO K 59 7.34 8.77 -61.12
C PRO K 59 6.87 8.52 -62.54
N LYS K 60 7.77 8.50 -63.54
CA LYS K 60 7.35 8.28 -64.92
C LYS K 60 8.14 7.15 -65.58
N THR K 61 8.37 6.05 -64.87
CA THR K 61 9.13 4.93 -65.40
C THR K 61 8.21 3.74 -65.61
N TRP K 62 8.23 3.16 -66.81
CA TRP K 62 7.38 2.04 -67.16
C TRP K 62 8.24 0.85 -67.57
N GLN K 63 7.89 -0.34 -67.08
CA GLN K 63 8.57 -1.57 -67.42
C GLN K 63 7.69 -2.41 -68.32
N MET K 64 8.27 -2.99 -69.37
CA MET K 64 7.49 -3.76 -70.33
C MET K 64 7.94 -5.21 -70.35
N ASP K 65 6.98 -6.09 -70.68
CA ASP K 65 7.24 -7.52 -70.75
C ASP K 65 6.18 -8.15 -71.65
N CYS K 66 6.47 -9.37 -72.11
CA CYS K 66 5.54 -10.16 -72.88
C CYS K 66 5.51 -11.59 -72.34
N THR K 67 4.33 -12.21 -72.38
CA THR K 67 4.16 -13.56 -71.88
C THR K 67 3.19 -14.32 -72.78
N HIS K 68 3.02 -15.60 -72.51
CA HIS K 68 2.18 -16.49 -73.30
C HIS K 68 1.08 -17.08 -72.43
N LEU K 69 -0.11 -17.21 -72.99
CA LEU K 69 -1.25 -17.78 -72.27
C LEU K 69 -2.24 -18.31 -73.29
N GLU K 70 -2.43 -19.64 -73.30
CA GLU K 70 -3.35 -20.35 -74.20
C GLU K 70 -3.07 -20.06 -75.67
N GLY K 71 -1.79 -20.01 -76.02
CA GLY K 71 -1.38 -19.74 -77.39
C GLY K 71 -1.37 -18.29 -77.80
N LYS K 72 -1.89 -17.39 -76.97
CA LYS K 72 -1.89 -15.97 -77.26
C LYS K 72 -0.65 -15.31 -76.67
N VAL K 73 -0.37 -14.09 -77.14
CA VAL K 73 0.75 -13.30 -76.63
C VAL K 73 0.16 -12.10 -75.89
N ILE K 74 0.43 -12.03 -74.60
CA ILE K 74 -0.09 -10.95 -73.76
C ILE K 74 1.07 -10.02 -73.42
N ILE K 75 0.96 -8.76 -73.81
CA ILE K 75 1.96 -7.75 -73.50
C ILE K 75 1.49 -6.98 -72.27
N VAL K 76 2.43 -6.73 -71.35
CA VAL K 76 2.10 -6.15 -70.04
C VAL K 76 3.07 -5.00 -69.79
N ALA K 77 2.53 -3.82 -69.52
CA ALA K 77 3.30 -2.64 -69.14
C ALA K 77 2.91 -2.25 -67.73
N VAL K 78 3.91 -2.13 -66.85
CA VAL K 78 3.67 -1.90 -65.43
C VAL K 78 4.35 -0.59 -65.03
N HIS K 79 3.56 0.31 -64.43
CA HIS K 79 4.11 1.48 -63.76
C HIS K 79 4.65 1.07 -62.40
N VAL K 80 5.90 1.42 -62.14
CA VAL K 80 6.68 0.78 -61.08
C VAL K 80 6.45 1.42 -59.72
N ALA K 81 6.43 2.75 -59.64
CA ALA K 81 6.35 3.43 -58.36
C ALA K 81 4.96 3.38 -57.73
N SER K 82 3.97 2.87 -58.44
CA SER K 82 2.63 2.70 -57.89
C SER K 82 2.09 1.29 -58.04
N GLY K 83 2.67 0.47 -58.93
CA GLY K 83 2.13 -0.85 -59.16
C GLY K 83 0.95 -0.88 -60.10
N TYR K 84 0.92 0.02 -61.08
CA TYR K 84 -0.21 0.12 -61.99
C TYR K 84 0.04 -0.82 -63.17
N ILE K 85 -1.03 -1.40 -63.71
CA ILE K 85 -0.91 -2.38 -64.78
C ILE K 85 -1.64 -1.86 -66.01
N GLU K 86 -1.19 -2.35 -67.18
CA GLU K 86 -1.89 -2.15 -68.44
C GLU K 86 -1.50 -3.28 -69.37
N ALA K 87 -2.47 -4.09 -69.77
CA ALA K 87 -2.20 -5.30 -70.54
C ALA K 87 -3.01 -5.29 -71.83
N GLU K 88 -2.50 -6.02 -72.83
CA GLU K 88 -3.17 -6.12 -74.12
C GLU K 88 -2.86 -7.46 -74.75
N VAL K 89 -3.74 -7.89 -75.65
CA VAL K 89 -3.59 -9.15 -76.36
C VAL K 89 -2.96 -8.85 -77.73
N LEU K 90 -1.84 -9.49 -78.01
CA LEU K 90 -1.24 -9.25 -79.30
C LEU K 90 -1.50 -10.40 -80.25
N PRO K 91 -1.85 -10.13 -81.52
CA PRO K 91 -2.00 -11.22 -82.49
C PRO K 91 -0.68 -11.82 -82.96
N ALA K 92 0.43 -11.12 -82.77
CA ALA K 92 1.74 -11.64 -83.16
C ALA K 92 2.79 -11.00 -82.28
N GLU K 93 4.03 -11.50 -82.39
CA GLU K 93 5.16 -10.99 -81.63
C GLU K 93 6.10 -10.18 -82.53
N THR K 94 5.55 -9.42 -83.47
CA THR K 94 6.35 -8.61 -84.38
C THR K 94 6.70 -7.28 -83.71
N GLY K 95 7.28 -6.36 -84.48
CA GLY K 95 7.71 -5.09 -83.93
C GLY K 95 6.71 -3.98 -84.11
N LYS K 96 5.88 -4.06 -85.15
CA LYS K 96 4.91 -3.00 -85.43
C LYS K 96 3.80 -2.96 -84.39
N GLU K 97 3.36 -4.13 -83.92
CA GLU K 97 2.32 -4.16 -82.89
C GLU K 97 2.86 -3.72 -81.54
N THR K 98 4.12 -4.04 -81.24
CA THR K 98 4.74 -3.54 -80.01
C THR K 98 4.93 -2.03 -80.07
N ALA K 99 5.30 -1.50 -81.24
CA ALA K 99 5.40 -0.05 -81.40
C ALA K 99 4.05 0.62 -81.32
N HIS K 100 2.99 -0.03 -81.81
CA HIS K 100 1.65 0.54 -81.72
C HIS K 100 1.16 0.55 -80.27
N PHE K 101 1.45 -0.51 -79.51
CA PHE K 101 1.08 -0.52 -78.10
C PHE K 101 1.87 0.50 -77.29
N LEU K 102 3.15 0.68 -77.63
CA LEU K 102 3.94 1.71 -76.97
C LEU K 102 3.47 3.12 -77.34
N LEU K 103 3.00 3.30 -78.58
CA LEU K 103 2.46 4.59 -78.98
C LEU K 103 1.15 4.89 -78.25
N LYS K 104 0.29 3.89 -78.07
CA LYS K 104 -0.94 4.08 -77.32
C LYS K 104 -0.66 4.33 -75.84
N LEU K 105 0.35 3.67 -75.30
CA LEU K 105 0.73 3.89 -73.90
C LEU K 105 1.31 5.29 -73.70
N ALA K 106 2.07 5.78 -74.68
CA ALA K 106 2.58 7.15 -74.59
C ALA K 106 1.48 8.18 -74.83
N ALA K 107 0.46 7.82 -75.60
CA ALA K 107 -0.65 8.72 -75.85
C ALA K 107 -1.66 8.78 -74.71
N ARG K 108 -1.67 7.78 -73.82
CA ARG K 108 -2.56 7.79 -72.67
C ARG K 108 -1.93 8.38 -71.42
N TRP K 109 -0.75 7.89 -71.03
CA TRP K 109 -0.05 8.32 -69.84
C TRP K 109 1.30 8.94 -70.21
N PRO K 110 1.80 9.89 -69.41
CA PRO K 110 3.14 10.45 -69.71
C PRO K 110 4.25 9.47 -69.42
N VAL K 111 5.03 9.14 -70.45
CA VAL K 111 6.13 8.18 -70.34
C VAL K 111 7.43 8.91 -70.63
N LYS K 112 8.38 8.80 -69.69
CA LYS K 112 9.70 9.40 -69.85
C LYS K 112 10.85 8.41 -69.81
N HIS K 113 10.68 7.24 -69.19
CA HIS K 113 11.77 6.27 -69.07
C HIS K 113 11.18 4.88 -69.24
N LEU K 114 11.61 4.17 -70.28
CA LEU K 114 11.13 2.84 -70.58
C LEU K 114 12.21 1.83 -70.24
N HIS K 115 11.84 0.82 -69.46
CA HIS K 115 12.73 -0.27 -69.08
C HIS K 115 12.22 -1.55 -69.73
N THR K 116 13.12 -2.26 -70.42
CA THR K 116 12.78 -3.49 -71.10
C THR K 116 13.92 -4.48 -70.93
N ASP K 117 13.74 -5.67 -71.50
CA ASP K 117 14.79 -6.68 -71.54
C ASP K 117 15.44 -6.69 -72.93
N ASN K 118 16.53 -7.44 -73.05
CA ASN K 118 17.25 -7.56 -74.32
C ASN K 118 16.50 -8.55 -75.21
N GLY K 119 15.46 -8.05 -75.87
CA GLY K 119 14.60 -8.85 -76.70
C GLY K 119 14.77 -8.54 -78.19
N ASP K 120 13.88 -9.14 -78.98
CA ASP K 120 13.92 -9.00 -80.43
C ASP K 120 12.88 -8.02 -80.95
N ASN K 121 11.69 -8.00 -80.35
CA ASN K 121 10.64 -7.08 -80.81
C ASN K 121 10.85 -5.67 -80.27
N PHE K 122 11.38 -5.53 -79.06
CA PHE K 122 11.66 -4.22 -78.50
C PHE K 122 12.88 -3.55 -79.13
N THR K 123 13.76 -4.32 -79.76
CA THR K 123 14.91 -3.80 -80.49
C THR K 123 14.54 -3.81 -81.97
N SER K 124 13.83 -2.78 -82.40
CA SER K 124 13.33 -2.71 -83.78
C SER K 124 13.34 -1.26 -84.23
N SER K 125 13.39 -1.08 -85.55
CA SER K 125 13.48 0.26 -86.11
C SER K 125 12.18 1.04 -85.94
N ALA K 126 11.04 0.34 -86.03
CA ALA K 126 9.75 1.02 -85.84
C ALA K 126 9.54 1.43 -84.40
N VAL K 127 9.94 0.57 -83.44
CA VAL K 127 9.82 0.91 -82.03
C VAL K 127 10.79 2.01 -81.65
N GLN K 128 11.97 2.03 -82.29
CA GLN K 128 12.92 3.10 -82.05
C GLN K 128 12.45 4.42 -82.66
N ALA K 129 11.72 4.36 -83.78
CA ALA K 129 11.16 5.57 -84.36
C ALA K 129 10.03 6.13 -83.51
N VAL K 130 9.22 5.24 -82.91
CA VAL K 130 8.17 5.69 -82.00
C VAL K 130 8.78 6.26 -80.72
N CYS K 131 9.88 5.65 -80.24
CA CYS K 131 10.58 6.18 -79.07
C CYS K 131 11.21 7.54 -79.36
N TRP K 132 11.72 7.74 -80.58
CA TRP K 132 12.27 9.04 -80.95
C TRP K 132 11.17 10.09 -81.08
N TRP K 133 10.02 9.71 -81.62
CA TRP K 133 8.93 10.66 -81.81
C TRP K 133 8.26 11.02 -80.49
N ALA K 134 8.27 10.10 -79.53
CA ALA K 134 7.66 10.34 -78.23
C ALA K 134 8.67 10.80 -77.18
N GLN K 135 9.96 10.83 -77.52
CA GLN K 135 11.05 11.33 -76.67
C GLN K 135 11.14 10.55 -75.36
N ILE K 136 11.36 9.24 -75.49
CA ILE K 136 11.43 8.32 -74.37
C ILE K 136 12.83 7.71 -74.32
N GLU K 137 13.44 7.72 -73.14
CA GLU K 137 14.72 7.07 -72.93
C GLU K 137 14.50 5.56 -72.80
N HIS K 138 15.04 4.81 -73.75
CA HIS K 138 14.83 3.37 -73.85
C HIS K 138 16.04 2.64 -73.28
N THR K 139 15.84 1.90 -72.19
CA THR K 139 16.92 1.21 -71.50
C THR K 139 16.62 -0.28 -71.45
N PHE K 140 17.70 -1.08 -71.49
CA PHE K 140 17.61 -2.53 -71.47
C PHE K 140 18.33 -3.06 -70.24
N GLY K 141 17.76 -4.10 -69.64
CA GLY K 141 18.34 -4.71 -68.46
C GLY K 141 18.25 -6.22 -68.47
N GLY K 150 12.49 -7.40 -59.05
CA GLY K 150 11.63 -8.46 -58.55
C GLY K 150 10.20 -8.01 -58.32
N VAL K 151 9.70 -7.18 -59.24
CA VAL K 151 8.35 -6.65 -59.17
C VAL K 151 7.47 -7.16 -60.30
N VAL K 152 8.01 -7.19 -61.52
CA VAL K 152 7.23 -7.53 -62.70
C VAL K 152 6.84 -9.01 -62.71
N GLU K 153 7.69 -9.86 -62.13
CA GLU K 153 7.35 -11.29 -62.02
C GLU K 153 6.19 -11.48 -61.04
N SER K 154 6.18 -10.71 -59.95
CA SER K 154 5.06 -10.76 -59.01
C SER K 154 3.78 -10.22 -59.64
N MET K 155 3.90 -9.19 -60.49
CA MET K 155 2.72 -8.65 -61.17
C MET K 155 2.16 -9.63 -62.18
N ASN K 156 3.04 -10.30 -62.93
CA ASN K 156 2.58 -11.29 -63.90
C ASN K 156 1.99 -12.52 -63.22
N HIS K 157 2.56 -12.91 -62.07
CA HIS K 157 2.00 -14.05 -61.32
C HIS K 157 0.64 -13.70 -60.71
N GLN K 158 0.50 -12.48 -60.20
CA GLN K 158 -0.79 -12.05 -59.66
C GLN K 158 -1.84 -11.94 -60.76
N LEU K 159 -1.44 -11.47 -61.95
CA LEU K 159 -2.36 -11.39 -63.07
C LEU K 159 -2.78 -12.77 -63.54
N LYS K 160 -1.85 -13.74 -63.50
CA LYS K 160 -2.20 -15.11 -63.85
C LYS K 160 -3.16 -15.74 -62.85
N THR K 161 -3.00 -15.44 -61.55
CA THR K 161 -3.90 -16.00 -60.56
C THR K 161 -5.30 -15.39 -60.67
N ILE K 162 -5.39 -14.10 -61.00
CA ILE K 162 -6.70 -13.47 -61.19
C ILE K 162 -7.37 -14.00 -62.46
N ILE K 163 -6.57 -14.24 -63.52
CA ILE K 163 -7.09 -14.81 -64.77
C ILE K 163 -7.64 -16.22 -64.53
N THR K 164 -6.93 -17.02 -63.73
CA THR K 164 -7.46 -18.34 -63.38
C THR K 164 -8.63 -18.26 -62.42
N GLN K 165 -8.80 -17.13 -61.72
CA GLN K 165 -9.96 -17.00 -60.83
C GLN K 165 -11.24 -16.68 -61.60
N ILE K 166 -11.19 -15.75 -62.55
CA ILE K 166 -12.43 -15.27 -63.19
C ILE K 166 -12.52 -15.75 -64.64
N ARG K 167 -11.94 -16.91 -64.94
CA ARG K 167 -11.92 -17.41 -66.31
C ARG K 167 -13.31 -17.81 -66.79
N ASP K 168 -14.13 -18.38 -65.91
CA ASP K 168 -15.41 -18.95 -66.31
C ASP K 168 -16.55 -17.92 -66.35
N GLN K 169 -16.26 -16.65 -66.15
CA GLN K 169 -17.27 -15.61 -66.25
C GLN K 169 -17.35 -14.99 -67.63
N ALA K 170 -16.47 -15.39 -68.56
CA ALA K 170 -16.50 -14.89 -69.92
C ALA K 170 -15.99 -15.98 -70.85
N GLU K 171 -16.32 -15.84 -72.13
CA GLU K 171 -15.99 -16.88 -73.11
C GLU K 171 -14.55 -16.77 -73.61
N LYS K 172 -14.21 -15.67 -74.26
CA LYS K 172 -12.87 -15.53 -74.82
C LYS K 172 -11.88 -15.10 -73.75
N ILE K 173 -10.59 -15.20 -74.10
CA ILE K 173 -9.53 -14.84 -73.17
C ILE K 173 -9.32 -13.34 -73.10
N GLU K 174 -9.81 -12.58 -74.09
CA GLU K 174 -9.61 -11.14 -74.11
C GLU K 174 -10.46 -10.45 -73.04
N THR K 175 -11.72 -10.86 -72.92
CA THR K 175 -12.59 -10.32 -71.88
C THR K 175 -12.09 -10.70 -70.49
N ALA K 176 -11.52 -11.91 -70.35
CA ALA K 176 -10.94 -12.32 -69.08
C ALA K 176 -9.70 -11.50 -68.72
N VAL K 177 -8.89 -11.16 -69.73
CA VAL K 177 -7.71 -10.34 -69.48
C VAL K 177 -8.11 -8.92 -69.06
N GLN K 178 -9.11 -8.34 -69.72
CA GLN K 178 -9.53 -6.98 -69.37
C GLN K 178 -10.22 -6.94 -68.01
N MET K 179 -11.00 -7.97 -67.67
CA MET K 179 -11.61 -8.01 -66.34
C MET K 179 -10.57 -8.26 -65.25
N ALA K 180 -9.52 -9.02 -65.56
CA ALA K 180 -8.43 -9.19 -64.60
C ALA K 180 -7.66 -7.90 -64.39
N VAL K 181 -7.51 -7.10 -65.44
CA VAL K 181 -6.86 -5.80 -65.31
C VAL K 181 -7.70 -4.86 -64.45
N LEU K 182 -9.02 -4.88 -64.63
CA LEU K 182 -9.91 -4.04 -63.81
C LEU K 182 -9.90 -4.46 -62.34
N ILE K 183 -9.92 -5.77 -62.08
CA ILE K 183 -9.91 -6.27 -60.70
C ILE K 183 -8.57 -5.97 -60.03
N HIS K 184 -7.47 -6.12 -60.77
CA HIS K 184 -6.14 -5.83 -60.21
C HIS K 184 -5.94 -4.34 -59.97
N ASN K 185 -6.55 -3.50 -60.81
CA ASN K 185 -6.36 -2.05 -60.65
C ASN K 185 -7.21 -1.47 -59.54
N PHE K 186 -8.51 -1.76 -59.51
CA PHE K 186 -9.39 -1.04 -58.61
C PHE K 186 -10.07 -1.88 -57.53
N LYS K 187 -9.83 -3.20 -57.48
CA LYS K 187 -10.51 -4.06 -56.52
C LYS K 187 -9.56 -4.80 -55.58
N ARG K 188 -8.27 -4.46 -55.59
CA ARG K 188 -7.30 -5.07 -54.68
C ARG K 188 -6.71 -3.97 -53.80
N LYS K 189 -7.37 -3.71 -52.67
CA LYS K 189 -6.93 -2.68 -51.72
C LYS K 189 -6.06 -3.35 -50.67
N GLY K 190 -4.82 -3.65 -51.05
CA GLY K 190 -3.87 -4.28 -50.17
C GLY K 190 -2.65 -3.42 -49.95
N GLY K 191 -1.71 -3.96 -49.18
CA GLY K 191 -0.46 -3.28 -48.88
C GLY K 191 -0.49 -2.62 -47.51
N ILE K 192 0.52 -1.79 -47.28
CA ILE K 192 0.64 -1.11 -45.99
C ILE K 192 -0.33 0.08 -45.91
N GLY K 193 -0.41 0.89 -46.96
CA GLY K 193 -1.27 2.05 -46.95
C GLY K 193 -2.74 1.71 -47.09
N GLY K 194 -3.05 0.62 -47.78
CA GLY K 194 -4.43 0.26 -48.02
C GLY K 194 -5.02 1.00 -49.20
N TYR K 195 -4.26 1.08 -50.28
CA TYR K 195 -4.64 1.84 -51.47
C TYR K 195 -4.58 0.94 -52.70
N SER K 196 -5.51 1.17 -53.62
CA SER K 196 -5.47 0.51 -54.92
C SER K 196 -4.43 1.17 -55.82
N ALA K 197 -4.28 0.61 -57.02
CA ALA K 197 -3.22 1.06 -57.92
C ALA K 197 -3.56 2.39 -58.58
N GLY K 198 -4.82 2.58 -58.98
CA GLY K 198 -5.19 3.79 -59.69
C GLY K 198 -5.15 5.03 -58.81
N GLU K 199 -5.61 4.90 -57.56
CA GLU K 199 -5.54 6.01 -56.62
C GLU K 199 -4.10 6.36 -56.27
N ARG K 200 -3.23 5.36 -56.21
CA ARG K 200 -1.83 5.59 -55.92
C ARG K 200 -1.13 6.33 -57.07
N ILE K 201 -1.38 5.91 -58.32
CA ILE K 201 -0.69 6.55 -59.43
C ILE K 201 -1.24 7.96 -59.67
N ILE K 202 -2.53 8.18 -59.39
CA ILE K 202 -3.10 9.53 -59.54
C ILE K 202 -2.54 10.46 -58.48
N ASP K 203 -2.42 9.98 -57.23
CA ASP K 203 -1.88 10.82 -56.16
C ASP K 203 -0.40 11.09 -56.36
N ILE K 204 0.35 10.13 -56.90
CA ILE K 204 1.78 10.30 -57.11
C ILE K 204 2.05 11.33 -58.21
N ILE K 205 1.34 11.22 -59.33
CA ILE K 205 1.56 12.17 -60.43
C ILE K 205 1.03 13.57 -60.06
N ALA K 206 -0.04 13.64 -59.26
CA ALA K 206 -0.52 14.95 -58.81
C ALA K 206 0.46 15.62 -57.86
N SER K 207 1.04 14.86 -56.93
CA SER K 207 2.00 15.43 -56.00
C SER K 207 3.29 15.82 -56.71
N ASP K 208 3.71 15.04 -57.71
CA ASP K 208 4.89 15.39 -58.49
C ASP K 208 4.65 16.64 -59.33
N LEU K 209 3.44 16.80 -59.86
CA LEU K 209 3.11 17.99 -60.63
C LEU K 209 3.07 19.24 -59.76
N GLN K 210 2.52 19.13 -58.55
CA GLN K 210 2.52 20.26 -57.63
C GLN K 210 3.92 20.59 -57.13
N THR K 211 4.78 19.57 -56.97
CA THR K 211 6.16 19.81 -56.55
C THR K 211 6.94 20.54 -57.65
N THR K 212 6.78 20.11 -58.90
CA THR K 212 7.45 20.79 -60.00
C THR K 212 6.90 22.19 -60.24
N LYS K 213 5.61 22.40 -59.98
CA LYS K 213 5.03 23.73 -60.11
C LYS K 213 5.57 24.68 -59.05
N LEU K 214 5.64 24.23 -57.79
CA LEU K 214 6.15 25.10 -56.74
C LEU K 214 7.65 25.33 -56.87
N GLN K 215 8.39 24.34 -57.39
CA GLN K 215 9.81 24.55 -57.63
C GLN K 215 10.07 25.46 -58.82
N ASN K 216 9.21 25.44 -59.84
CA ASN K 216 9.36 26.38 -60.95
C ASN K 216 8.93 27.79 -60.55
N GLN K 217 7.99 27.91 -59.62
CA GLN K 217 7.57 29.23 -59.15
C GLN K 217 8.61 29.83 -58.22
N ILE K 218 8.99 29.12 -57.16
CA ILE K 218 9.98 29.61 -56.23
C ILE K 218 11.38 29.45 -56.80
N SER L 57 -19.60 17.27 -62.15
CA SER L 57 -19.46 15.90 -61.67
C SER L 57 -18.12 15.31 -62.11
N PRO L 58 -17.36 14.76 -61.15
CA PRO L 58 -16.01 14.28 -61.45
C PRO L 58 -15.94 12.89 -62.04
N LYS L 59 -17.06 12.18 -62.19
CA LYS L 59 -17.03 10.80 -62.68
C LYS L 59 -18.09 10.56 -63.74
N THR L 60 -18.29 11.50 -64.66
CA THR L 60 -19.28 11.38 -65.72
C THR L 60 -18.57 11.40 -67.07
N TRP L 61 -18.87 10.41 -67.90
CA TRP L 61 -18.27 10.28 -69.22
C TRP L 61 -19.37 10.25 -70.28
N GLN L 62 -19.08 10.80 -71.45
CA GLN L 62 -20.00 10.80 -72.57
C GLN L 62 -19.34 10.11 -73.76
N MET L 63 -20.16 9.48 -74.60
CA MET L 63 -19.62 8.76 -75.76
C MET L 63 -20.31 9.17 -77.05
N ASP L 64 -19.58 9.04 -78.16
CA ASP L 64 -20.13 9.35 -79.48
C ASP L 64 -19.29 8.60 -80.53
N CYS L 65 -19.79 8.61 -81.77
CA CYS L 65 -19.15 7.94 -82.88
C CYS L 65 -19.19 8.81 -84.12
N THR L 66 -18.25 8.60 -85.04
CA THR L 66 -18.17 9.37 -86.28
C THR L 66 -17.50 8.52 -87.36
N HIS L 67 -17.43 9.08 -88.57
CA HIS L 67 -16.82 8.42 -89.72
C HIS L 67 -15.65 9.26 -90.25
N LEU L 68 -14.61 8.57 -90.70
CA LEU L 68 -13.45 9.23 -91.30
C LEU L 68 -12.71 8.23 -92.17
N GLU L 69 -12.51 8.59 -93.45
CA GLU L 69 -11.79 7.78 -94.44
C GLU L 69 -12.39 6.39 -94.62
N GLY L 70 -13.71 6.30 -94.52
CA GLY L 70 -14.38 5.02 -94.63
C GLY L 70 -14.35 4.17 -93.37
N LYS L 71 -13.74 4.66 -92.30
CA LYS L 71 -13.67 3.94 -91.04
C LYS L 71 -14.75 4.48 -90.09
N VAL L 72 -14.82 3.88 -88.90
CA VAL L 72 -15.70 4.34 -87.84
C VAL L 72 -14.85 4.55 -86.59
N ILE L 73 -14.86 5.77 -86.07
CA ILE L 73 -14.10 6.13 -84.87
C ILE L 73 -15.08 6.35 -83.74
N ILE L 74 -14.73 5.91 -82.53
CA ILE L 74 -15.55 6.13 -81.35
C ILE L 74 -14.75 6.94 -80.35
N VAL L 75 -15.36 8.01 -79.84
CA VAL L 75 -14.69 8.98 -78.98
C VAL L 75 -15.45 9.05 -77.66
N ALA L 76 -14.74 8.83 -76.56
CA ALA L 76 -15.28 8.98 -75.22
C ALA L 76 -14.61 10.15 -74.53
N VAL L 77 -15.40 11.00 -73.88
CA VAL L 77 -14.92 12.26 -73.32
C VAL L 77 -15.27 12.30 -71.84
N HIS L 78 -14.26 12.51 -71.00
CA HIS L 78 -14.49 12.95 -69.64
C HIS L 78 -14.87 14.43 -69.68
N VAL L 79 -16.05 14.75 -69.16
CA VAL L 79 -16.71 16.01 -69.45
C VAL L 79 -16.13 17.14 -68.59
N ALA L 80 -15.86 16.87 -67.33
CA ALA L 80 -15.45 17.91 -66.38
C ALA L 80 -14.06 18.46 -66.64
N SER L 81 -13.25 17.78 -67.46
CA SER L 81 -11.91 18.25 -67.77
C SER L 81 -11.55 18.15 -69.25
N GLY L 82 -12.43 17.59 -70.07
CA GLY L 82 -12.13 17.47 -71.49
C GLY L 82 -11.07 16.45 -71.82
N TYR L 83 -11.23 15.21 -71.33
CA TYR L 83 -10.23 14.18 -71.58
C TYR L 83 -10.76 13.21 -72.64
N ILE L 84 -10.01 13.06 -73.73
CA ILE L 84 -10.46 12.33 -74.91
C ILE L 84 -9.74 11.00 -74.98
N GLU L 85 -10.50 9.91 -75.03
CA GLU L 85 -9.99 8.60 -75.40
C GLU L 85 -10.75 8.12 -76.64
N ALA L 86 -10.01 7.85 -77.71
CA ALA L 86 -10.64 7.51 -78.98
C ALA L 86 -10.04 6.23 -79.52
N GLU L 87 -10.87 5.42 -80.19
CA GLU L 87 -10.42 4.17 -80.78
C GLU L 87 -11.08 3.98 -82.14
N VAL L 88 -10.46 3.14 -82.95
CA VAL L 88 -10.92 2.86 -84.31
C VAL L 88 -11.64 1.51 -84.30
N LEU L 89 -12.91 1.53 -84.70
CA LEU L 89 -13.63 0.27 -84.69
C LEU L 89 -13.65 -0.36 -86.09
N PRO L 90 -13.36 -1.66 -86.19
CA PRO L 90 -13.52 -2.35 -87.47
C PRO L 90 -14.96 -2.66 -87.82
N ALA L 91 -15.89 -2.55 -86.87
CA ALA L 91 -17.30 -2.78 -87.13
C ALA L 91 -18.12 -1.96 -86.16
N GLU L 92 -19.41 -1.80 -86.47
CA GLU L 92 -20.33 -1.04 -85.64
C GLU L 92 -21.28 -1.93 -84.87
N THR L 93 -20.84 -3.13 -84.52
CA THR L 93 -21.66 -4.04 -83.72
C THR L 93 -21.51 -3.72 -82.24
N GLY L 94 -22.34 -4.37 -81.42
CA GLY L 94 -22.35 -4.12 -80.00
C GLY L 94 -21.21 -4.77 -79.24
N LYS L 95 -20.59 -5.80 -79.82
CA LYS L 95 -19.52 -6.53 -79.12
C LYS L 95 -18.27 -5.66 -78.95
N GLU L 96 -17.80 -5.05 -80.04
CA GLU L 96 -16.61 -4.21 -79.94
C GLU L 96 -16.89 -2.91 -79.22
N THR L 97 -18.14 -2.43 -79.26
CA THR L 97 -18.53 -1.25 -78.49
C THR L 97 -18.48 -1.54 -77.00
N ALA L 98 -19.02 -2.70 -76.58
CA ALA L 98 -18.95 -3.09 -75.18
C ALA L 98 -17.51 -3.43 -74.77
N HIS L 99 -16.69 -3.90 -75.71
CA HIS L 99 -15.29 -4.16 -75.40
C HIS L 99 -14.53 -2.86 -75.16
N PHE L 100 -14.81 -1.83 -75.96
CA PHE L 100 -14.19 -0.52 -75.75
C PHE L 100 -14.68 0.11 -74.45
N LEU L 101 -15.97 -0.06 -74.13
CA LEU L 101 -16.48 0.42 -72.85
C LEU L 101 -15.86 -0.31 -71.68
N LEU L 102 -15.56 -1.61 -71.85
CA LEU L 102 -14.92 -2.37 -70.78
C LEU L 102 -13.47 -1.94 -70.59
N LYS L 103 -12.78 -1.62 -71.68
CA LYS L 103 -11.41 -1.12 -71.57
C LYS L 103 -11.38 0.26 -70.92
N LEU L 104 -12.36 1.11 -71.24
CA LEU L 104 -12.46 2.41 -70.59
C LEU L 104 -12.80 2.28 -69.12
N ALA L 105 -13.65 1.31 -68.77
CA ALA L 105 -13.98 1.09 -67.36
C ALA L 105 -12.83 0.45 -66.60
N ALA L 106 -11.95 -0.29 -67.28
CA ALA L 106 -10.81 -0.90 -66.60
C ALA L 106 -9.66 0.07 -66.44
N ARG L 107 -9.54 1.07 -67.32
CA ARG L 107 -8.44 2.02 -67.21
C ARG L 107 -8.76 3.19 -66.29
N TRP L 108 -9.95 3.77 -66.39
CA TRP L 108 -10.34 4.93 -65.61
C TRP L 108 -11.63 4.66 -64.86
N PRO L 109 -11.83 5.27 -63.67
CA PRO L 109 -13.08 5.07 -62.94
C PRO L 109 -14.27 5.76 -63.57
N VAL L 110 -15.16 4.98 -64.17
CA VAL L 110 -16.38 5.47 -64.78
C VAL L 110 -17.56 5.11 -63.89
N LYS L 111 -18.30 6.11 -63.42
CA LYS L 111 -19.40 5.87 -62.50
C LYS L 111 -20.73 6.26 -63.13
N HIS L 112 -20.68 7.12 -64.15
CA HIS L 112 -21.89 7.58 -64.83
C HIS L 112 -21.57 7.76 -66.30
N LEU L 113 -22.39 7.15 -67.16
CA LEU L 113 -22.18 7.18 -68.60
C LEU L 113 -23.38 7.80 -69.29
N HIS L 114 -23.12 8.62 -70.30
CA HIS L 114 -24.16 9.26 -71.09
C HIS L 114 -23.91 9.01 -72.57
N THR L 115 -24.90 8.42 -73.24
CA THR L 115 -24.80 8.10 -74.66
C THR L 115 -26.03 8.62 -75.38
N ASP L 116 -26.12 8.29 -76.66
CA ASP L 116 -27.28 8.61 -77.48
C ASP L 116 -28.08 7.34 -77.77
N ASN L 117 -29.23 7.51 -78.41
CA ASN L 117 -30.12 6.39 -78.72
C ASN L 117 -29.73 5.80 -80.07
N GLY L 118 -28.53 5.20 -80.10
CA GLY L 118 -28.03 4.56 -81.29
C GLY L 118 -28.43 3.09 -81.36
N ASP L 119 -27.91 2.42 -82.39
CA ASP L 119 -28.18 1.01 -82.58
C ASP L 119 -27.22 0.10 -81.84
N ASN L 120 -25.95 0.50 -81.71
CA ASN L 120 -24.98 -0.28 -80.97
C ASN L 120 -24.89 0.14 -79.50
N PHE L 121 -25.41 1.31 -79.16
CA PHE L 121 -25.49 1.73 -77.76
C PHE L 121 -26.68 1.12 -77.04
N THR L 122 -27.60 0.49 -77.76
CA THR L 122 -28.72 -0.22 -77.17
C THR L 122 -28.49 -1.71 -77.46
N SER L 123 -27.74 -2.37 -76.57
CA SER L 123 -27.37 -3.76 -76.79
C SER L 123 -27.30 -4.47 -75.44
N SER L 124 -27.57 -5.78 -75.50
CA SER L 124 -27.52 -6.60 -74.29
C SER L 124 -26.09 -6.77 -73.80
N ALA L 125 -25.10 -6.74 -74.71
CA ALA L 125 -23.71 -6.82 -74.28
C ALA L 125 -23.28 -5.56 -73.55
N VAL L 126 -23.74 -4.40 -74.02
CA VAL L 126 -23.47 -3.14 -73.32
C VAL L 126 -24.18 -3.11 -71.98
N GLN L 127 -25.41 -3.66 -71.91
CA GLN L 127 -26.12 -3.74 -70.64
C GLN L 127 -25.42 -4.70 -69.68
N ALA L 128 -24.84 -5.78 -70.20
CA ALA L 128 -24.12 -6.73 -69.35
C ALA L 128 -22.83 -6.14 -68.81
N VAL L 129 -22.10 -5.39 -69.64
CA VAL L 129 -20.85 -4.77 -69.20
C VAL L 129 -21.14 -3.65 -68.19
N CYS L 130 -22.20 -2.88 -68.42
CA CYS L 130 -22.59 -1.84 -67.47
C CYS L 130 -23.08 -2.41 -66.15
N TRP L 131 -23.77 -3.56 -66.20
CA TRP L 131 -24.18 -4.22 -64.96
C TRP L 131 -22.99 -4.79 -64.21
N TRP L 132 -22.02 -5.36 -64.94
CA TRP L 132 -20.86 -5.97 -64.29
C TRP L 132 -19.92 -4.91 -63.71
N ALA L 133 -19.87 -3.72 -64.31
CA ALA L 133 -19.00 -2.66 -63.83
C ALA L 133 -19.75 -1.61 -63.02
N GLN L 134 -21.04 -1.81 -62.77
CA GLN L 134 -21.89 -0.95 -61.92
C GLN L 134 -21.94 0.49 -62.45
N ILE L 135 -22.32 0.62 -63.71
CA ILE L 135 -22.36 1.92 -64.39
C ILE L 135 -23.80 2.33 -64.60
N GLU L 136 -24.10 3.57 -64.23
CA GLU L 136 -25.41 4.16 -64.49
C GLU L 136 -25.41 4.73 -65.90
N HIS L 137 -26.19 4.11 -66.79
CA HIS L 137 -26.18 4.45 -68.21
C HIS L 137 -27.44 5.26 -68.54
N THR L 138 -27.23 6.47 -69.06
CA THR L 138 -28.34 7.36 -69.42
C THR L 138 -28.30 7.65 -70.91
N PHE L 139 -29.48 7.87 -71.48
CA PHE L 139 -29.64 8.19 -72.89
C PHE L 139 -29.99 9.67 -73.05
N GLY L 140 -29.51 10.26 -74.12
CA GLY L 140 -29.79 11.66 -74.41
C GLY L 140 -30.13 11.91 -75.87
N VAL L 150 -20.50 19.46 -76.72
CA VAL L 150 -19.17 19.23 -76.15
C VAL L 150 -18.41 18.20 -76.99
N VAL L 151 -19.05 17.05 -77.20
CA VAL L 151 -18.41 15.97 -77.94
C VAL L 151 -18.30 16.33 -79.42
N GLU L 152 -19.22 17.12 -79.95
CA GLU L 152 -19.12 17.57 -81.33
C GLU L 152 -17.98 18.56 -81.51
N SER L 153 -17.76 19.44 -80.52
CA SER L 153 -16.62 20.34 -80.57
C SER L 153 -15.31 19.58 -80.43
N MET L 154 -15.28 18.56 -79.59
CA MET L 154 -14.09 17.72 -79.47
C MET L 154 -13.84 16.90 -80.73
N ASN L 155 -14.91 16.49 -81.41
CA ASN L 155 -14.75 15.78 -82.68
C ASN L 155 -14.24 16.70 -83.76
N HIS L 156 -14.68 17.96 -83.76
CA HIS L 156 -14.18 18.95 -84.70
C HIS L 156 -12.70 19.25 -84.45
N GLN L 157 -12.32 19.39 -83.17
CA GLN L 157 -10.92 19.60 -82.81
C GLN L 157 -10.06 18.40 -83.20
N LEU L 158 -10.58 17.19 -82.98
CA LEU L 158 -9.84 15.98 -83.31
C LEU L 158 -9.65 15.84 -84.82
N LYS L 159 -10.67 16.19 -85.60
CA LYS L 159 -10.54 16.10 -87.06
C LYS L 159 -9.58 17.16 -87.60
N THR L 160 -9.54 18.34 -86.98
CA THR L 160 -8.60 19.37 -87.43
C THR L 160 -7.16 18.97 -87.10
N ILE L 161 -6.93 18.36 -85.94
CA ILE L 161 -5.58 17.90 -85.61
C ILE L 161 -5.17 16.72 -86.51
N ILE L 162 -6.13 15.86 -86.85
CA ILE L 162 -5.89 14.75 -87.78
C ILE L 162 -5.47 15.27 -89.14
N THR L 163 -6.16 16.30 -89.64
CA THR L 163 -5.74 16.93 -90.89
C THR L 163 -4.45 17.73 -90.74
N GLN L 164 -4.07 18.11 -89.52
CA GLN L 164 -2.83 18.86 -89.34
C GLN L 164 -1.60 17.95 -89.45
N ILE L 165 -1.63 16.77 -88.82
CA ILE L 165 -0.45 15.91 -88.84
C ILE L 165 -0.71 14.63 -89.62
N ARG L 166 -1.52 14.72 -90.67
CA ARG L 166 -1.79 13.56 -91.51
C ARG L 166 -0.56 13.10 -92.29
N ASP L 167 0.32 14.03 -92.65
CA ASP L 167 1.43 13.76 -93.56
C ASP L 167 2.59 13.00 -92.91
N GLN L 168 2.49 12.66 -91.62
CA GLN L 168 3.51 11.87 -90.97
C GLN L 168 3.07 10.44 -90.68
N ALA L 169 1.81 10.11 -90.89
CA ALA L 169 1.29 8.79 -90.58
C ALA L 169 0.98 8.04 -91.88
N GLU L 170 1.34 6.76 -91.89
CA GLU L 170 1.03 5.90 -93.03
C GLU L 170 -0.42 5.43 -92.98
N LYS L 171 -0.78 4.74 -91.90
CA LYS L 171 -2.14 4.27 -91.70
C LYS L 171 -3.00 5.39 -91.11
N ILE L 172 -4.24 5.02 -90.78
CA ILE L 172 -5.17 5.98 -90.18
C ILE L 172 -5.13 5.96 -88.66
N GLU L 173 -4.89 4.79 -88.05
CA GLU L 173 -4.93 4.66 -86.59
C GLU L 173 -3.76 5.38 -85.94
N THR L 174 -2.62 5.45 -86.62
CA THR L 174 -1.48 6.21 -86.10
C THR L 174 -1.80 7.70 -86.03
N ALA L 175 -2.47 8.23 -87.05
CA ALA L 175 -2.86 9.64 -87.03
C ALA L 175 -3.93 9.91 -85.98
N VAL L 176 -4.83 8.95 -85.76
CA VAL L 176 -5.87 9.10 -84.74
C VAL L 176 -5.26 9.14 -83.34
N GLN L 177 -4.33 8.22 -83.05
CA GLN L 177 -3.74 8.18 -81.71
C GLN L 177 -2.78 9.35 -81.49
N MET L 178 -2.12 9.82 -82.56
CA MET L 178 -1.27 11.00 -82.41
C MET L 178 -2.10 12.26 -82.18
N ALA L 179 -3.28 12.34 -82.80
CA ALA L 179 -4.18 13.46 -82.53
C ALA L 179 -4.73 13.41 -81.11
N VAL L 180 -4.97 12.21 -80.59
CA VAL L 180 -5.39 12.06 -79.19
C VAL L 180 -4.28 12.52 -78.25
N LEU L 181 -3.02 12.16 -78.56
CA LEU L 181 -1.89 12.59 -77.73
C LEU L 181 -1.69 14.10 -77.77
N ILE L 182 -1.86 14.71 -78.96
CA ILE L 182 -1.68 16.15 -79.11
C ILE L 182 -2.76 16.91 -78.36
N HIS L 183 -4.02 16.48 -78.48
CA HIS L 183 -5.11 17.14 -77.78
C HIS L 183 -5.03 16.94 -76.27
N ASN L 184 -4.53 15.79 -75.81
CA ASN L 184 -4.46 15.54 -74.38
C ASN L 184 -3.32 16.28 -73.70
N PHE L 185 -2.12 16.31 -74.28
CA PHE L 185 -0.96 16.82 -73.57
C PHE L 185 -0.26 18.02 -74.21
N LYS L 186 -0.61 18.39 -75.44
CA LYS L 186 0.14 19.43 -76.14
C LYS L 186 -0.67 20.68 -76.45
N ARG L 187 -1.91 20.79 -75.98
CA ARG L 187 -2.73 21.99 -76.18
C ARG L 187 -3.04 22.58 -74.80
N LYS L 188 -2.14 23.40 -74.30
CA LYS L 188 -2.33 24.07 -73.01
C LYS L 188 -3.12 25.35 -73.21
N GLY L 189 -4.31 25.39 -72.62
CA GLY L 189 -5.17 26.55 -72.69
C GLY L 189 -5.90 26.73 -71.37
N GLY L 190 -7.17 27.13 -71.47
CA GLY L 190 -7.96 27.31 -70.27
C GLY L 190 -7.63 28.59 -69.53
N ILE L 191 -7.96 28.59 -68.24
CA ILE L 191 -7.78 29.76 -67.39
C ILE L 191 -6.41 29.72 -66.73
N GLY L 192 -6.14 28.65 -65.98
CA GLY L 192 -4.88 28.54 -65.27
C GLY L 192 -3.69 28.19 -66.15
N GLY L 193 -3.94 27.76 -67.38
CA GLY L 193 -2.87 27.37 -68.27
C GLY L 193 -2.49 25.91 -68.12
N TYR L 194 -3.48 25.06 -67.93
CA TYR L 194 -3.27 23.64 -67.75
C TYR L 194 -3.71 22.88 -69.00
N SER L 195 -3.15 21.69 -69.19
CA SER L 195 -3.58 20.77 -70.22
C SER L 195 -4.79 19.98 -69.70
N ALA L 196 -5.19 18.94 -70.43
CA ALA L 196 -6.35 18.16 -70.01
C ALA L 196 -5.97 17.08 -69.00
N GLY L 197 -4.79 16.50 -69.15
CA GLY L 197 -4.36 15.45 -68.25
C GLY L 197 -4.10 15.95 -66.84
N GLU L 198 -3.55 17.16 -66.72
CA GLU L 198 -3.35 17.77 -65.41
C GLU L 198 -4.68 18.08 -64.74
N ARG L 199 -5.68 18.47 -65.54
CA ARG L 199 -7.00 18.79 -64.98
C ARG L 199 -7.71 17.55 -64.47
N ILE L 200 -7.67 16.44 -65.23
CA ILE L 200 -8.38 15.25 -64.79
C ILE L 200 -7.66 14.61 -63.59
N ILE L 201 -6.33 14.67 -63.55
CA ILE L 201 -5.58 14.15 -62.40
C ILE L 201 -5.87 14.95 -61.14
N ASP L 202 -5.94 16.29 -61.27
CA ASP L 202 -6.21 17.14 -60.11
C ASP L 202 -7.62 16.96 -59.58
N ILE L 203 -8.60 16.79 -60.48
CA ILE L 203 -10.00 16.65 -60.07
C ILE L 203 -10.21 15.34 -59.32
N ILE L 204 -9.70 14.23 -59.87
CA ILE L 204 -9.89 12.93 -59.21
C ILE L 204 -9.10 12.86 -57.91
N ALA L 205 -7.93 13.49 -57.85
CA ALA L 205 -7.14 13.49 -56.62
C ALA L 205 -7.83 14.27 -55.50
N SER L 206 -8.49 15.39 -55.86
CA SER L 206 -9.19 16.17 -54.83
C SER L 206 -10.40 15.42 -54.27
N ASP L 207 -11.16 14.75 -55.14
CA ASP L 207 -12.33 14.01 -54.68
C ASP L 207 -11.93 12.81 -53.81
N LEU L 208 -10.88 12.10 -54.21
CA LEU L 208 -10.41 10.96 -53.41
C LEU L 208 -9.81 11.42 -52.08
N GLN L 209 -9.18 12.61 -52.06
CA GLN L 209 -8.65 13.13 -50.81
C GLN L 209 -9.75 13.46 -49.82
N THR L 210 -10.89 13.97 -50.31
CA THR L 210 -12.02 14.27 -49.44
C THR L 210 -12.60 13.00 -48.81
N THR L 211 -12.86 11.98 -49.64
CA THR L 211 -13.47 10.75 -49.11
C THR L 211 -12.51 9.99 -48.18
N LYS L 212 -11.23 9.94 -48.54
CA LYS L 212 -10.27 9.24 -47.68
C LYS L 212 -9.99 9.99 -46.38
N LEU L 213 -10.13 11.32 -46.37
CA LEU L 213 -10.05 12.06 -45.11
C LEU L 213 -11.18 11.66 -44.16
N GLN L 214 -12.39 11.58 -44.71
CA GLN L 214 -13.56 11.23 -43.89
C GLN L 214 -13.48 9.81 -43.34
N ASN L 215 -12.80 8.90 -44.04
CA ASN L 215 -12.60 7.56 -43.48
C ASN L 215 -11.41 7.50 -42.52
N GLN L 216 -10.33 8.25 -42.80
CA GLN L 216 -9.10 8.11 -42.03
C GLN L 216 -9.21 8.71 -40.64
N ILE L 217 -10.19 9.60 -40.41
CA ILE L 217 -10.40 10.12 -39.06
C ILE L 217 -10.79 8.99 -38.09
N SER L 218 -11.78 8.18 -38.46
CA SER L 218 -12.16 7.05 -37.63
C SER L 218 -11.09 5.96 -37.64
N LYS L 219 -10.37 5.83 -38.77
CA LYS L 219 -9.31 4.82 -38.86
C LYS L 219 -8.15 5.14 -37.92
N ILE L 220 -7.88 6.42 -37.68
CA ILE L 220 -6.86 6.76 -36.68
C ILE L 220 -7.45 6.81 -35.27
N GLN L 221 -8.77 6.91 -35.13
CA GLN L 221 -9.37 6.86 -33.81
C GLN L 221 -9.67 5.44 -33.34
N ASN L 222 -9.31 4.42 -34.13
CA ASN L 222 -9.52 3.03 -33.73
C ASN L 222 -8.32 2.42 -32.99
N PHE L 223 -7.53 3.22 -32.27
CA PHE L 223 -6.38 2.73 -31.54
C PHE L 223 -6.64 2.73 -30.03
N ARG L 224 -5.68 2.19 -29.28
CA ARG L 224 -5.78 2.11 -27.82
C ARG L 224 -4.49 2.62 -27.18
N VAL L 225 -4.64 3.33 -26.06
CA VAL L 225 -3.53 3.97 -25.37
C VAL L 225 -3.58 3.58 -23.89
N TYR L 226 -2.47 3.03 -23.39
CA TYR L 226 -2.27 2.79 -21.97
C TYR L 226 -1.35 3.88 -21.43
N PHE L 227 -1.88 4.70 -20.53
CA PHE L 227 -1.17 5.90 -20.08
C PHE L 227 -0.84 5.79 -18.60
N ARG L 228 -0.04 6.75 -18.12
CA ARG L 228 0.40 6.79 -16.74
C ARG L 228 0.23 8.21 -16.21
N GLU L 229 -0.35 8.34 -15.02
CA GLU L 229 -0.65 9.63 -14.44
C GLU L 229 0.38 9.99 -13.36
N GLY L 230 0.13 11.09 -12.66
CA GLY L 230 1.06 11.60 -11.68
C GLY L 230 1.03 10.88 -10.35
N ARG L 231 2.19 10.34 -9.95
CA ARG L 231 2.40 9.66 -8.66
C ARG L 231 1.48 8.46 -8.46
N ASP L 232 1.45 7.57 -9.45
CA ASP L 232 0.71 6.31 -9.37
C ASP L 232 1.40 5.31 -10.29
N GLN L 233 1.87 4.20 -9.72
CA GLN L 233 2.73 3.27 -10.44
C GLN L 233 1.96 2.16 -11.14
N GLN L 234 0.70 2.40 -11.51
CA GLN L 234 -0.10 1.42 -12.22
C GLN L 234 -0.59 2.01 -13.53
N TRP L 235 -0.44 1.23 -14.61
CA TRP L 235 -0.85 1.67 -15.93
C TRP L 235 -2.37 1.64 -16.04
N LYS L 236 -2.95 2.73 -16.51
CA LYS L 236 -4.40 2.88 -16.54
C LYS L 236 -4.99 2.11 -17.73
N GLY L 237 -6.31 2.26 -17.91
CA GLY L 237 -7.03 1.49 -18.88
C GLY L 237 -6.83 2.00 -20.30
N PRO L 238 -7.38 1.27 -21.27
CA PRO L 238 -7.18 1.62 -22.68
C PRO L 238 -8.03 2.80 -23.15
N ALA L 239 -7.56 4.02 -22.92
CA ALA L 239 -8.24 5.19 -23.45
C ALA L 239 -8.04 5.29 -24.96
N THR L 240 -8.88 6.08 -25.62
CA THR L 240 -8.86 6.18 -27.07
C THR L 240 -7.96 7.31 -27.52
N LEU L 241 -7.15 7.04 -28.54
CA LEU L 241 -6.25 8.04 -29.09
C LEU L 241 -7.00 9.03 -29.95
N ILE L 242 -6.62 10.31 -29.87
CA ILE L 242 -7.16 11.36 -30.72
C ILE L 242 -6.12 11.91 -31.67
N TRP L 243 -4.96 12.33 -31.15
CA TRP L 243 -3.89 12.85 -31.98
C TRP L 243 -2.57 12.60 -31.26
N LYS L 244 -1.55 12.23 -32.02
CA LYS L 244 -0.23 11.94 -31.49
C LYS L 244 0.74 13.01 -31.97
N GLY L 245 1.09 13.95 -31.09
CA GLY L 245 2.02 15.00 -31.42
C GLY L 245 3.46 14.57 -31.25
N GLU L 246 4.35 15.56 -31.25
CA GLU L 246 5.77 15.27 -31.09
C GLU L 246 6.13 15.03 -29.62
N GLY L 247 5.57 15.81 -28.71
CA GLY L 247 5.87 15.66 -27.30
C GLY L 247 4.64 15.60 -26.42
N ALA L 248 3.47 15.42 -27.02
CA ALA L 248 2.23 15.35 -26.27
C ALA L 248 1.24 14.46 -27.01
N VAL L 249 0.44 13.73 -26.24
CA VAL L 249 -0.56 12.82 -26.78
C VAL L 249 -1.92 13.20 -26.19
N VAL L 250 -2.91 13.42 -27.06
CA VAL L 250 -4.26 13.76 -26.65
C VAL L 250 -5.09 12.49 -26.66
N ILE L 251 -5.64 12.14 -25.49
CA ILE L 251 -6.46 10.95 -25.37
C ILE L 251 -7.85 11.34 -24.86
N GLN L 252 -8.81 10.46 -25.09
CA GLN L 252 -10.15 10.57 -24.58
C GLN L 252 -10.41 9.38 -23.68
N ASP L 253 -10.77 9.66 -22.42
CA ASP L 253 -11.00 8.63 -21.40
C ASP L 253 -12.29 8.98 -20.66
N GLY L 254 -13.31 8.13 -20.83
CA GLY L 254 -14.58 8.29 -20.16
C GLY L 254 -15.29 9.60 -20.49
N GLN L 255 -15.27 9.96 -21.78
CA GLN L 255 -15.72 11.26 -22.30
C GLN L 255 -15.02 12.43 -21.63
N ASP L 256 -13.74 12.26 -21.31
CA ASP L 256 -12.92 13.35 -20.77
C ASP L 256 -11.63 13.42 -21.58
N LEU L 257 -11.39 14.55 -22.23
CA LEU L 257 -10.20 14.72 -23.04
C LEU L 257 -9.06 15.24 -22.17
N LYS L 258 -7.87 14.66 -22.35
CA LYS L 258 -6.71 15.12 -21.58
C LYS L 258 -5.45 14.93 -22.42
N VAL L 259 -4.37 15.56 -21.94
CA VAL L 259 -3.09 15.58 -22.63
C VAL L 259 -2.05 14.96 -21.71
N VAL L 260 -1.36 13.92 -22.20
CA VAL L 260 -0.31 13.26 -21.43
C VAL L 260 1.00 13.45 -22.20
N PRO L 261 2.16 13.47 -21.51
CA PRO L 261 3.43 13.56 -22.23
C PRO L 261 3.74 12.29 -23.01
N ARG L 262 4.77 12.39 -23.86
CA ARG L 262 5.11 11.28 -24.75
C ARG L 262 5.77 10.13 -24.00
N ARG L 263 6.45 10.43 -22.90
CA ARG L 263 7.17 9.41 -22.14
C ARG L 263 6.31 8.69 -21.11
N LYS L 264 4.99 8.82 -21.19
CA LYS L 264 4.09 8.18 -20.23
C LYS L 264 2.94 7.44 -20.92
N CYS L 265 3.13 7.03 -22.18
CA CYS L 265 2.08 6.39 -22.95
C CYS L 265 2.62 5.20 -23.73
N LYS L 266 1.75 4.21 -23.93
CA LYS L 266 2.03 3.07 -24.80
C LYS L 266 0.84 2.91 -25.73
N ILE L 267 1.08 2.94 -27.04
CA ILE L 267 0.02 2.92 -28.03
C ILE L 267 0.00 1.54 -28.69
N ILE L 268 -1.07 0.79 -28.42
CA ILE L 268 -1.24 -0.55 -28.97
C ILE L 268 -2.52 -0.57 -29.80
N LYS L 269 -2.55 -1.45 -30.80
CA LYS L 269 -3.80 -1.76 -31.48
C LYS L 269 -4.54 -2.90 -30.80
N ASP L 270 -3.82 -3.79 -30.10
CA ASP L 270 -4.35 -4.77 -29.15
C ASP L 270 -5.33 -5.74 -29.82
N TYR L 271 -4.77 -6.58 -30.71
CA TYR L 271 -5.57 -7.59 -31.38
C TYR L 271 -6.02 -8.65 -30.37
N GLY L 272 -7.20 -8.46 -29.80
CA GLY L 272 -7.71 -9.36 -28.78
C GLY L 272 -8.57 -8.66 -27.75
N ILE M 204 10.34 60.14 -6.11
CA ILE M 204 11.61 59.63 -5.63
C ILE M 204 11.36 58.59 -4.54
N ILE M 205 10.47 58.91 -3.61
CA ILE M 205 10.17 58.00 -2.52
C ILE M 205 9.15 56.96 -2.97
N ALA M 206 8.26 57.33 -3.90
CA ALA M 206 7.25 56.39 -4.40
C ALA M 206 7.89 55.29 -5.24
N SER M 207 8.90 55.64 -6.05
CA SER M 207 9.65 54.64 -6.79
C SER M 207 10.44 53.72 -5.87
N ASP M 208 10.91 54.26 -4.73
CA ASP M 208 11.57 53.42 -3.73
C ASP M 208 10.58 52.47 -3.07
N LEU M 209 9.32 52.91 -2.90
CA LEU M 209 8.30 52.04 -2.33
C LEU M 209 7.95 50.90 -3.28
N GLN M 210 7.81 51.20 -4.57
CA GLN M 210 7.53 50.15 -5.55
C GLN M 210 8.73 49.21 -5.71
N THR M 211 9.95 49.74 -5.57
CA THR M 211 11.14 48.91 -5.65
C THR M 211 11.24 47.98 -4.45
N THR M 212 10.86 48.46 -3.26
CA THR M 212 10.87 47.59 -2.08
C THR M 212 9.78 46.53 -2.16
N LYS M 213 8.63 46.85 -2.75
CA LYS M 213 7.59 45.84 -2.99
C LYS M 213 8.08 44.74 -3.91
N LEU M 214 8.69 45.12 -5.05
CA LEU M 214 9.17 44.15 -6.02
C LEU M 214 10.34 43.34 -5.47
N GLN M 215 11.24 43.98 -4.70
CA GLN M 215 12.37 43.26 -4.14
C GLN M 215 11.95 42.32 -3.02
N ASN M 216 10.92 42.67 -2.26
CA ASN M 216 10.42 41.76 -1.23
C ASN M 216 9.77 40.53 -1.86
N GLN M 217 9.01 40.74 -2.94
CA GLN M 217 8.41 39.59 -3.64
C GLN M 217 9.46 38.71 -4.29
N ILE M 218 10.47 39.32 -4.91
CA ILE M 218 11.56 38.56 -5.53
C ILE M 218 12.37 37.79 -4.48
N SER M 219 12.63 38.41 -3.33
CA SER M 219 13.35 37.72 -2.27
C SER M 219 12.51 36.63 -1.59
N LYS M 220 11.19 36.69 -1.69
CA LYS M 220 10.36 35.66 -1.09
C LYS M 220 9.91 34.58 -2.08
N ILE M 221 10.26 34.69 -3.36
CA ILE M 221 9.92 33.64 -4.31
C ILE M 221 10.71 32.36 -4.04
N GLN M 222 12.04 32.43 -4.11
CA GLN M 222 12.84 31.21 -4.25
C GLN M 222 14.05 31.21 -3.33
N ASN M 223 13.82 31.50 -2.04
CA ASN M 223 14.89 31.39 -1.04
C ASN M 223 14.66 30.11 -0.23
N PHE M 224 15.16 28.99 -0.75
CA PHE M 224 15.02 27.69 -0.13
C PHE M 224 16.37 27.12 0.30
N ARG M 225 16.32 26.14 1.20
CA ARG M 225 17.50 25.39 1.60
C ARG M 225 17.24 23.90 1.38
N VAL M 226 18.30 23.17 1.02
CA VAL M 226 18.19 21.75 0.70
C VAL M 226 19.27 20.99 1.48
N TYR M 227 18.84 20.00 2.27
CA TYR M 227 19.74 19.04 2.89
C TYR M 227 19.69 17.75 2.07
N PHE M 228 20.82 17.34 1.52
CA PHE M 228 20.87 16.25 0.56
C PHE M 228 21.67 15.07 1.15
N ARG M 229 21.56 13.93 0.48
CA ARG M 229 22.24 12.70 0.89
C ARG M 229 22.87 12.06 -0.33
N GLU M 230 24.21 11.99 -0.35
CA GLU M 230 24.92 11.46 -1.50
C GLU M 230 26.15 10.69 -1.04
N GLY M 231 26.81 10.05 -1.99
CA GLY M 231 28.04 9.32 -1.74
C GLY M 231 27.85 7.82 -1.81
N ARG M 232 28.97 7.11 -1.69
CA ARG M 232 28.92 5.65 -1.62
C ARG M 232 28.33 5.20 -0.29
N ASP M 233 28.93 5.65 0.82
CA ASP M 233 28.30 5.56 2.13
C ASP M 233 27.34 6.74 2.24
N GLN M 234 26.05 6.44 2.32
CA GLN M 234 25.00 7.45 2.20
C GLN M 234 24.95 8.28 3.47
N GLN M 235 25.71 9.37 3.49
CA GLN M 235 25.75 10.29 4.62
C GLN M 235 24.94 11.54 4.31
N TRP M 236 24.61 12.28 5.36
CA TRP M 236 23.90 13.54 5.21
C TRP M 236 24.88 14.70 5.26
N LYS M 237 24.67 15.69 4.39
CA LYS M 237 25.57 16.83 4.27
C LYS M 237 24.80 18.12 4.52
N GLY M 238 25.55 19.22 4.51
CA GLY M 238 25.05 20.51 4.93
C GLY M 238 24.09 21.16 3.95
N PRO M 239 23.75 22.42 4.20
CA PRO M 239 22.77 23.11 3.36
C PRO M 239 23.35 23.51 2.01
N ALA M 240 22.44 23.66 1.04
CA ALA M 240 22.80 24.06 -0.31
C ALA M 240 21.63 24.84 -0.88
N THR M 241 21.82 25.39 -2.08
CA THR M 241 20.81 26.23 -2.72
C THR M 241 20.11 25.44 -3.83
N LEU M 242 18.79 25.56 -3.89
CA LEU M 242 18.01 24.87 -4.91
C LEU M 242 17.94 25.71 -6.17
N ILE M 243 18.21 25.08 -7.32
CA ILE M 243 18.18 25.75 -8.62
C ILE M 243 16.96 25.34 -9.42
N TRP M 244 16.80 24.05 -9.67
CA TRP M 244 15.69 23.54 -10.48
C TRP M 244 15.07 22.34 -9.77
N LYS M 245 13.74 22.32 -9.73
CA LYS M 245 13.00 21.26 -9.04
C LYS M 245 11.97 20.69 -9.99
N GLY M 246 12.27 19.51 -10.54
CA GLY M 246 11.31 18.73 -11.30
C GLY M 246 10.80 17.56 -10.48
N GLU M 247 9.81 16.86 -11.05
CA GLU M 247 9.25 15.71 -10.37
C GLU M 247 10.20 14.52 -10.47
N GLY M 248 10.76 14.11 -9.33
CA GLY M 248 11.67 13.00 -9.24
C GLY M 248 13.07 13.37 -8.77
N ALA M 249 13.60 14.50 -9.23
CA ALA M 249 14.95 14.91 -8.85
C ALA M 249 15.04 16.42 -8.83
N VAL M 250 16.07 16.91 -8.13
CA VAL M 250 16.36 18.33 -8.01
C VAL M 250 17.82 18.57 -8.36
N VAL M 251 18.12 19.82 -8.67
CA VAL M 251 19.48 20.28 -8.97
C VAL M 251 19.87 21.30 -7.91
N ILE M 252 21.00 21.04 -7.24
CA ILE M 252 21.44 21.86 -6.13
C ILE M 252 22.81 22.43 -6.42
N GLN M 253 23.07 23.62 -5.91
CA GLN M 253 24.38 24.26 -5.96
C GLN M 253 24.96 24.24 -4.55
N ASP M 254 26.15 23.66 -4.42
CA ASP M 254 26.87 23.60 -3.15
C ASP M 254 28.34 23.80 -3.44
N GLY M 255 28.94 24.84 -2.85
CA GLY M 255 30.35 25.13 -3.03
C GLY M 255 30.73 25.45 -4.46
N GLN M 256 29.83 26.15 -5.18
CA GLN M 256 29.91 26.39 -6.62
C GLN M 256 30.05 25.08 -7.41
N ASP M 257 29.32 24.06 -6.97
CA ASP M 257 29.27 22.79 -7.68
C ASP M 257 27.82 22.37 -7.86
N LEU M 258 27.47 21.98 -9.08
CA LEU M 258 26.11 21.54 -9.39
C LEU M 258 26.01 20.03 -9.22
N LYS M 259 25.00 19.60 -8.46
CA LYS M 259 24.76 18.18 -8.25
C LYS M 259 23.30 17.88 -8.54
N VAL M 260 23.04 16.65 -8.98
CA VAL M 260 21.69 16.18 -9.27
C VAL M 260 21.36 15.10 -8.24
N VAL M 261 20.36 15.39 -7.40
CA VAL M 261 20.00 14.49 -6.30
C VAL M 261 18.51 14.19 -6.43
N PRO M 262 18.07 12.94 -6.34
CA PRO M 262 16.63 12.65 -6.37
C PRO M 262 15.91 13.19 -5.15
N ARG M 263 14.62 13.43 -5.30
CA ARG M 263 13.80 14.00 -4.23
C ARG M 263 13.60 13.04 -3.07
N ARG M 264 13.84 11.75 -3.26
CA ARG M 264 13.74 10.77 -2.19
C ARG M 264 14.92 10.85 -1.23
N LYS M 265 16.02 11.50 -1.61
CA LYS M 265 17.22 11.59 -0.77
C LYS M 265 17.58 13.04 -0.49
N CYS M 266 16.59 13.92 -0.39
CA CYS M 266 16.82 15.31 -0.05
C CYS M 266 15.58 15.86 0.66
N LYS M 267 15.81 16.88 1.48
CA LYS M 267 14.74 17.57 2.19
C LYS M 267 14.86 19.06 1.93
N ILE M 268 13.75 19.67 1.54
CA ILE M 268 13.70 21.08 1.16
C ILE M 268 13.02 21.84 2.29
N ILE M 269 13.79 22.70 2.97
CA ILE M 269 13.28 23.57 4.02
C ILE M 269 12.97 24.92 3.40
N LYS M 270 11.72 25.36 3.54
CA LYS M 270 11.26 26.62 2.99
C LYS M 270 11.40 27.72 4.03
N ASP M 271 10.80 28.88 3.75
CA ASP M 271 10.78 30.00 4.68
C ASP M 271 9.34 30.45 4.88
N TYR M 272 9.05 30.94 6.08
CA TYR M 272 7.69 31.34 6.44
C TYR M 272 7.31 32.65 5.76
N GLY N 1 -1.50 -34.46 -9.34
CA GLY N 1 -2.33 -34.00 -10.45
C GLY N 1 -3.29 -35.07 -10.92
N PHE N 2 -4.24 -34.67 -11.76
CA PHE N 2 -5.25 -35.59 -12.30
C PHE N 2 -5.01 -35.95 -13.75
N LEU N 3 -3.77 -35.83 -14.24
CA LEU N 3 -3.47 -36.19 -15.62
C LEU N 3 -3.56 -37.70 -15.83
N ASP N 4 -3.06 -38.49 -14.86
CA ASP N 4 -3.28 -39.92 -14.89
C ASP N 4 -4.75 -40.26 -14.72
N GLY N 5 -5.50 -39.42 -14.01
CA GLY N 5 -6.94 -39.58 -13.94
C GLY N 5 -7.61 -39.38 -15.28
N ILE N 6 -7.10 -38.45 -16.10
CA ILE N 6 -7.65 -38.24 -17.44
C ILE N 6 -7.35 -39.43 -18.34
N GLU N 7 -6.14 -40.00 -18.22
CA GLU N 7 -5.78 -41.18 -18.99
C GLU N 7 -6.63 -42.39 -18.58
N LYS N 8 -6.83 -42.58 -17.27
CA LYS N 8 -7.65 -43.68 -16.79
C LYS N 8 -9.12 -43.48 -17.14
N ALA N 9 -9.58 -42.22 -17.20
CA ALA N 9 -10.95 -41.96 -17.62
C ALA N 9 -11.15 -42.25 -19.11
N GLN N 10 -10.12 -42.00 -19.93
CA GLN N 10 -10.21 -42.36 -21.35
C GLN N 10 -10.26 -43.87 -21.53
N GLU N 11 -9.46 -44.62 -20.75
CA GLU N 11 -9.50 -46.08 -20.82
C GLU N 11 -10.82 -46.63 -20.31
N GLU N 12 -11.34 -46.05 -19.22
CA GLU N 12 -12.58 -46.55 -18.63
C GLU N 12 -13.79 -46.24 -19.51
N HIS N 13 -13.81 -45.09 -20.18
CA HIS N 13 -14.90 -44.83 -21.10
C HIS N 13 -14.75 -45.63 -22.39
N GLU N 14 -13.52 -45.98 -22.77
CA GLU N 14 -13.33 -46.84 -23.94
C GLU N 14 -13.81 -48.26 -23.66
N LYS N 15 -13.78 -48.69 -22.40
CA LYS N 15 -14.30 -50.03 -22.08
C LYS N 15 -15.79 -50.00 -21.76
N TYR N 16 -16.20 -49.23 -20.76
CA TYR N 16 -17.53 -49.36 -20.17
C TYR N 16 -18.52 -48.28 -20.58
N HIS N 17 -18.06 -47.19 -21.20
CA HIS N 17 -18.88 -46.06 -21.67
C HIS N 17 -19.68 -45.41 -20.53
N ASN N 18 -18.95 -44.86 -19.57
CA ASN N 18 -19.57 -44.14 -18.47
C ASN N 18 -20.08 -42.77 -18.93
N ASN N 19 -20.82 -42.11 -18.04
CA ASN N 19 -21.23 -40.74 -18.28
C ASN N 19 -20.27 -39.77 -17.59
N TRP N 20 -20.52 -38.47 -17.78
CA TRP N 20 -19.51 -37.47 -17.43
C TRP N 20 -19.47 -37.20 -15.92
N ARG N 21 -20.63 -37.14 -15.27
CA ARG N 21 -20.64 -36.85 -13.84
C ARG N 21 -20.11 -38.02 -13.02
N ALA N 22 -20.28 -39.25 -13.52
CA ALA N 22 -19.74 -40.42 -12.83
C ALA N 22 -18.22 -40.43 -12.85
N MET N 23 -17.62 -40.14 -14.01
CA MET N 23 -16.16 -40.08 -14.08
C MET N 23 -15.61 -38.87 -13.34
N ALA N 24 -16.35 -37.75 -13.33
CA ALA N 24 -15.89 -36.57 -12.62
C ALA N 24 -15.96 -36.76 -11.11
N GLU N 25 -16.88 -37.61 -10.63
CA GLU N 25 -16.94 -37.86 -9.20
C GLU N 25 -16.02 -39.02 -8.79
N ASP N 26 -15.71 -39.93 -9.72
CA ASP N 26 -14.84 -41.05 -9.36
C ASP N 26 -13.36 -40.69 -9.48
N PHE N 27 -12.92 -40.26 -10.67
CA PHE N 27 -11.51 -40.01 -10.91
C PHE N 27 -11.06 -38.62 -10.48
N GLN N 28 -12.00 -37.77 -10.04
CA GLN N 28 -11.76 -36.43 -9.50
C GLN N 28 -11.03 -35.53 -10.51
N ILE N 29 -11.59 -35.45 -11.71
CA ILE N 29 -11.14 -34.53 -12.75
C ILE N 29 -12.18 -33.41 -12.79
N PRO N 30 -11.88 -32.24 -13.37
CA PRO N 30 -12.94 -31.23 -13.53
C PRO N 30 -13.99 -31.67 -14.54
N GLN N 31 -15.08 -30.93 -14.56
CA GLN N 31 -16.24 -31.35 -15.34
C GLN N 31 -16.10 -31.05 -16.83
N VAL N 32 -15.23 -30.09 -17.19
CA VAL N 32 -15.08 -29.74 -18.60
C VAL N 32 -14.35 -30.83 -19.36
N VAL N 33 -13.31 -31.42 -18.76
CA VAL N 33 -12.57 -32.47 -19.45
C VAL N 33 -13.38 -33.77 -19.47
N ALA N 34 -14.22 -34.00 -18.47
CA ALA N 34 -15.07 -35.18 -18.47
C ALA N 34 -16.18 -35.06 -19.51
N LYS N 35 -16.77 -33.85 -19.64
CA LYS N 35 -17.75 -33.61 -20.69
C LYS N 35 -17.11 -33.70 -22.08
N GLU N 36 -15.84 -33.31 -22.21
CA GLU N 36 -15.18 -33.41 -23.51
C GLU N 36 -14.86 -34.87 -23.84
N ILE N 37 -14.55 -35.68 -22.82
CA ILE N 37 -14.31 -37.11 -23.03
C ILE N 37 -15.58 -37.80 -23.51
N VAL N 38 -16.73 -37.44 -22.92
CA VAL N 38 -18.01 -37.99 -23.38
C VAL N 38 -18.36 -37.43 -24.76
N ALA N 39 -17.97 -36.18 -25.03
CA ALA N 39 -18.30 -35.56 -26.32
C ALA N 39 -17.52 -36.17 -27.48
N GLN N 40 -16.28 -36.62 -27.23
CA GLN N 40 -15.48 -37.17 -28.31
C GLN N 40 -15.90 -38.58 -28.74
N CYS N 41 -16.73 -39.25 -27.96
CA CYS N 41 -17.16 -40.60 -28.33
C CYS N 41 -18.19 -40.52 -29.45
N PRO N 42 -18.01 -41.29 -30.53
CA PRO N 42 -19.01 -41.25 -31.61
C PRO N 42 -20.27 -42.02 -31.29
N LYS N 43 -20.23 -42.92 -30.30
CA LYS N 43 -21.40 -43.71 -29.95
C LYS N 43 -22.18 -43.11 -28.78
N CYS N 44 -21.52 -42.39 -27.89
CA CYS N 44 -22.16 -41.79 -26.73
C CYS N 44 -22.70 -40.40 -27.08
N GLN N 45 -23.43 -39.83 -26.12
CA GLN N 45 -24.02 -38.51 -26.26
C GLN N 45 -24.24 -37.93 -24.88
N VAL N 46 -23.74 -36.72 -24.66
CA VAL N 46 -23.81 -36.09 -23.34
C VAL N 46 -25.25 -35.64 -23.09
N LYS N 47 -25.82 -36.11 -21.98
CA LYS N 47 -27.20 -35.78 -21.63
C LYS N 47 -27.38 -35.71 -20.11
ZN ZN Q . 7.82 -26.28 -14.99
ZN ZN R . -11.54 22.93 51.55
ZN ZN S . 12.37 -20.12 55.27
ZN ZN T . 2.18 48.21 24.08
ZN ZN U . 17.60 19.57 16.90
ZN ZN V . -14.09 -15.67 -53.47
ZN ZN W . 28.30 9.25 -51.84
ZN ZN X . -18.85 -43.74 -25.30
#